data_7WLL
#
_entry.id   7WLL
#
_cell.length_a   1.00
_cell.length_b   1.00
_cell.length_c   1.00
_cell.angle_alpha   90.00
_cell.angle_beta   90.00
_cell.angle_gamma   90.00
#
_symmetry.space_group_name_H-M   'P 1'
#
loop_
_entity.id
_entity.type
_entity.pdbx_description
1 polymer 'Voltage-dependent T-type calcium channel subunit alpha-1I'
2 non-polymer 3-[1-[4,4-bis(4-fluorophenyl)butyl]piperidin-4-yl]-1~{H}-benzimidazol-2-one
3 non-polymer 1,2-Distearoyl-sn-glycerophosphoethanolamine
4 non-polymer 'CALCIUM ION'
5 non-polymer 'CHOLESTEROL HEMISUCCINATE'
6 non-polymer 2-acetamido-2-deoxy-beta-D-glucopyranose
#
_entity_poly.entity_id   1
_entity_poly.type   'polypeptide(L)'
_entity_poly.pdbx_seq_one_letter_code
;MAESASPPSSSAAAPAAEPGVTTEQPGPRSPPSSPPGLEEPLDGADPHVPHPDLAPIAFFCLRQTTSPRNWCIKMVCNPW
FECVSMLVILLNCVTLGMYQPCDDMDCLSDRCKILQVFDDFIFIFFAMEMVLKMVALGIFGKKCYLGDTWNRLDFFIVMA
GMVEYSLDLQNINLSAIRTVRVLRPLKAINRVPSMRILVNLLLDTLPMLGNVLLLCFFVFFIFGIIGVQLWAGLLRNRCF
LEENFTIQGDVALPPYYQPEEDDEMPFICSLSGDNGIMGCHEIPPLKEQGRECCLSKDDVYDFGAGRQDLNASGLCVNWN
RYYNVCRTGSANPHKGAINFDNIGYAWIVIFQVITLEGWVEIMYYVMDAHSFYNFIYFILLIIVGSFFMINLCLVVIATQ
FSETKQREHRLMLEQRQRYLSSSTVASYAEPGDCYEEIFQYVCHILRKAKRRALGLYQALQSRRQALGPEAPAPAKPGPH
AKEPRHYHGKTKGQGDEGRHLGSRHCQTLHGPASPGNDHSGRELCPQHSPLDATPHTLVQPIPATLASDPASCPCCQHED
GRRPSGLGSTDSGQEGSGSGSSAGGEDEADGDGARSSEDGASSELGKEEEEEEQADGAVWLCGDVWRETRAKLRGIVDSK
YFNRGIMMAILVNTVSMGIEHHEQPEELTNILEICNVVFTSMFALEMILKLAAFGLFDYLRNPYNIFDSIIVIISIWEIV
GQADGGLSVLRTFRLLRVLKLVRFMPALRRQLVVLMKTMDNVATFCMLLMLFIFIFSILGMHIFGCKFSLRTDTGDTVPD
RKNFDSLLWAIVTVFQILTQEDWNVVLYNGMASTSPWASLYFVALMTFGNYVLFNLLVAILVEGFQAEGDANRSYSDEDQ
SSSNIEEFDKLQEGLDSSGDPKLCPIPMTPNGHLDPSLPLGGHLGPAGAAGPAPRLSLQPDPMLVALGSRKSSVMSLGRM
SYDQRSLSSSRSSYYGPWGRSAAWASRRSSWNSLKHKPPSAEHESLLSAERGGGARVCEVAADEGPPRAAPLHTPHAHHI
HHGPHLAHRHRHHRRTLSLDNRDSVDLAELVPAVGAHPRAAWRAAGPAPGHEDCNGRMPSIAKDVFTKMGDRGDRGEDEE
EIDYTLCFRVRKMIDVYKPDWCEVREDWSVYLFSPENRFRVLCQTIIAHKLFDYVVLAFIFLNCITIALERPQIEAGSTE
RIFLTVSNYIFTAIFVGEMTLKVVSLGLYFGEQAYLRSSWNVLDGFLVFVSIIDIVVSLASAGGAKILGVLRVLRLLRTL
RPLRVISRAPGLKLVVETLISSLKPIGNIVLICCAFFIIFGILGVQLFKGKFYHCLGVDTRNITNRSDCMAANYRWVHHK
YNFDNLGQALMSLFVLASKDGWVNIMYNGLDAVAVDQQPVTNHNPWMLLYFISFLLIVSFFVLNMFVGVVVENFHKCRQH
QEAEEARRREEKRLRRLEKKRRKAQRLPYYATYCHTRLLIHSMCTSHYLDIFITFIICLNVVTMSLEHYNQPTSLETALK
YCNYMFTTVFVLEAVLKLVAFGLRRFFKDRWNQLDLAIVLLSVMGITLEEIEINAALPINPTIIRIMRVLRIARVLKLLK
MATGMRALLDTVVQALPQVGNLGLLFMLLFFIYAALGVELFGKLVCNDENPCEGMSRHATFENFGMAFLTLFQVSTGDNW
NGIMKDTLRDCTHDERSCLSSLQFVSPLYFVSFVLTAQFVLINVVVAVLMKHLDDSNKEAQEDAEMDAELELEMAHGLGP
GPRLPTGSPGAPGRGPGGAGGGGDTEGGLCRRCYSPAQENLWLDSVSLIIKDSLEGELTIIDNLSGSIFHHYSSPAGCKK
CHHDKQEVQLAETEAFSLNSDRSSSILLGDDLSLEDPTACPPGRKDSKGELDPPEPMRVGDLGECFFPLSSTAVSPDPEN
FLCEMEEIPFNPVRSWLKHDSSQAPPSPFSPDASSPLLPMPAEFFHPAVSASQKGPEKGTGTGTLPKIALQGSWASLRSP
RVNCTLLRQATGSDTSLDASPSSSAGSLQTTLEDSLTLSDSPRRALGPPAPAPGPRAGLSPAARRRLSLRGRGLFSLRGL
RAHQRSHSSGGSTSPGCTHHDSMDPSDEEGRGGAGGGGAGSEHSETLSSLSLTSLFCPPPPPPAPGLTPARKFSSTSSLA
APGRPHAAALAHGLARSPSWAADRSKDPPGRAPLPMGLGPLAPPPQPLPGELEPGDAASKRKR
;
_entity_poly.pdbx_strand_id   A
#
loop_
_chem_comp.id
_chem_comp.type
_chem_comp.name
_chem_comp.formula
1II non-polymer 3-[1-[4,4-bis(4-fluorophenyl)butyl]piperidin-4-yl]-1~{H}-benzimidazol-2-one 'C28 H29 F2 N3 O'
3PE non-polymer 1,2-Distearoyl-sn-glycerophosphoethanolamine 'C41 H82 N O8 P'
CA non-polymer 'CALCIUM ION' 'Ca 2'
NAG D-saccharide, beta linking 2-acetamido-2-deoxy-beta-D-glucopyranose 'C8 H15 N O6'
Y01 non-polymer 'CHOLESTEROL HEMISUCCINATE' 'C31 H50 O4'
#
# COMPACT_ATOMS: atom_id res chain seq x y z
N THR A 66 -51.07 -19.74 -14.59
CA THR A 66 -52.41 -20.17 -14.21
C THR A 66 -53.15 -19.07 -13.46
N SER A 67 -54.42 -19.33 -13.13
CA SER A 67 -55.21 -18.35 -12.38
C SER A 67 -54.63 -18.03 -11.01
N PRO A 68 -54.23 -19.01 -10.17
CA PRO A 68 -53.64 -18.64 -8.88
C PRO A 68 -52.41 -17.76 -9.01
N ARG A 69 -51.56 -18.03 -9.99
CA ARG A 69 -50.43 -17.14 -10.24
C ARG A 69 -50.91 -15.76 -10.67
N ASN A 70 -51.93 -15.71 -11.55
CA ASN A 70 -52.42 -14.45 -12.06
C ASN A 70 -52.95 -13.54 -10.97
N TRP A 71 -53.27 -14.08 -9.79
CA TRP A 71 -53.76 -13.25 -8.71
C TRP A 71 -52.72 -12.24 -8.26
N CYS A 72 -51.46 -12.66 -8.18
CA CYS A 72 -50.42 -11.86 -7.53
C CYS A 72 -49.37 -11.33 -8.48
N ILE A 73 -49.39 -11.70 -9.76
CA ILE A 73 -48.36 -11.22 -10.68
C ILE A 73 -48.42 -9.71 -10.82
N LYS A 74 -49.63 -9.13 -10.76
CA LYS A 74 -49.77 -7.69 -10.87
C LYS A 74 -49.07 -6.98 -9.73
N MET A 75 -49.22 -7.48 -8.50
CA MET A 75 -48.54 -6.85 -7.37
C MET A 75 -47.04 -7.09 -7.42
N VAL A 76 -46.61 -8.33 -7.67
CA VAL A 76 -45.17 -8.63 -7.57
C VAL A 76 -44.42 -7.92 -8.70
N CYS A 77 -45.04 -7.76 -9.85
CA CYS A 77 -44.41 -7.06 -10.96
C CYS A 77 -44.55 -5.55 -10.85
N ASN A 78 -45.32 -5.06 -9.89
CA ASN A 78 -45.46 -3.62 -9.69
C ASN A 78 -44.14 -3.04 -9.22
N PRO A 79 -43.63 -1.99 -9.88
CA PRO A 79 -42.45 -1.30 -9.33
C PRO A 79 -42.67 -0.75 -7.93
N TRP A 80 -43.92 -0.47 -7.56
CA TRP A 80 -44.20 -0.10 -6.17
C TRP A 80 -43.75 -1.18 -5.21
N PHE A 81 -43.88 -2.45 -5.60
CA PHE A 81 -43.43 -3.53 -4.75
C PHE A 81 -41.92 -3.47 -4.56
N GLU A 82 -41.17 -3.21 -5.63
CA GLU A 82 -39.72 -3.06 -5.47
C GLU A 82 -39.38 -1.85 -4.60
N CYS A 83 -40.15 -0.78 -4.73
CA CYS A 83 -39.91 0.40 -3.89
C CYS A 83 -40.09 0.07 -2.42
N VAL A 84 -41.20 -0.58 -2.08
CA VAL A 84 -41.43 -0.91 -0.68
C VAL A 84 -40.42 -1.96 -0.21
N SER A 85 -39.98 -2.85 -1.10
CA SER A 85 -38.94 -3.80 -0.75
C SER A 85 -37.66 -3.07 -0.35
N MET A 86 -37.19 -2.15 -1.19
CA MET A 86 -35.99 -1.41 -0.86
C MET A 86 -36.16 -0.60 0.42
N LEU A 87 -37.37 -0.09 0.64
CA LEU A 87 -37.63 0.67 1.86
C LEU A 87 -37.49 -0.20 3.09
N VAL A 88 -38.03 -1.43 3.05
CA VAL A 88 -37.88 -2.29 4.21
C VAL A 88 -36.43 -2.75 4.36
N ILE A 89 -35.69 -2.88 3.26
CA ILE A 89 -34.27 -3.18 3.37
C ILE A 89 -33.55 -2.08 4.13
N LEU A 90 -33.82 -0.83 3.77
CA LEU A 90 -33.19 0.27 4.50
C LEU A 90 -33.63 0.31 5.95
N LEU A 91 -34.89 0.01 6.24
CA LEU A 91 -35.33 0.03 7.62
C LEU A 91 -34.66 -1.09 8.41
N ASN A 92 -34.45 -2.24 7.78
CA ASN A 92 -33.72 -3.32 8.41
C ASN A 92 -32.27 -2.91 8.70
N CYS A 93 -31.66 -2.20 7.75
CA CYS A 93 -30.30 -1.71 7.96
C CYS A 93 -30.25 -0.76 9.15
N VAL A 94 -31.24 0.13 9.24
CA VAL A 94 -31.29 1.06 10.37
C VAL A 94 -31.45 0.31 11.68
N THR A 95 -32.32 -0.70 11.70
CA THR A 95 -32.52 -1.46 12.93
C THR A 95 -31.24 -2.20 13.33
N LEU A 96 -30.51 -2.71 12.34
CA LEU A 96 -29.21 -3.31 12.64
C LEU A 96 -28.25 -2.28 13.20
N GLY A 97 -28.27 -1.06 12.66
CA GLY A 97 -27.33 -0.05 13.09
C GLY A 97 -27.42 0.34 14.55
N MET A 98 -28.59 0.15 15.17
CA MET A 98 -28.79 0.58 16.54
C MET A 98 -28.25 -0.42 17.56
N TYR A 99 -27.57 -1.46 17.09
CA TYR A 99 -27.00 -2.45 17.99
C TYR A 99 -25.93 -1.80 18.88
N GLN A 100 -25.96 -2.11 20.17
CA GLN A 100 -25.00 -1.59 21.14
C GLN A 100 -24.43 -2.75 21.95
N PRO A 101 -23.46 -3.49 21.40
CA PRO A 101 -22.96 -4.67 22.12
C PRO A 101 -22.47 -4.38 23.51
N CYS A 102 -21.80 -3.25 23.72
CA CYS A 102 -21.30 -2.94 25.05
C CYS A 102 -22.43 -2.52 25.99
N ASP A 103 -23.58 -2.17 25.43
CA ASP A 103 -24.71 -1.71 26.22
C ASP A 103 -25.91 -2.65 26.16
N ASP A 104 -26.08 -3.38 25.07
CA ASP A 104 -27.27 -4.20 24.85
C ASP A 104 -27.00 -5.63 25.31
N MET A 105 -26.98 -5.82 26.63
CA MET A 105 -26.89 -7.16 27.21
C MET A 105 -28.31 -7.61 27.57
N ASP A 106 -28.69 -8.78 27.07
CA ASP A 106 -29.92 -9.49 27.42
C ASP A 106 -31.18 -8.75 26.95
N CYS A 107 -31.03 -7.58 26.34
CA CYS A 107 -32.16 -6.83 25.79
C CYS A 107 -33.20 -6.49 26.86
N LEU A 108 -32.73 -6.09 28.04
CA LEU A 108 -33.62 -5.65 29.11
C LEU A 108 -33.75 -4.13 29.12
N SER A 109 -34.25 -3.59 28.01
CA SER A 109 -34.46 -2.16 27.89
C SER A 109 -35.50 -1.91 26.81
N ASP A 110 -35.99 -0.66 26.78
CA ASP A 110 -37.07 -0.30 25.86
C ASP A 110 -36.58 -0.35 24.40
N ARG A 111 -35.45 0.29 24.13
CA ARG A 111 -34.94 0.32 22.78
C ARG A 111 -34.66 -1.08 22.25
N CYS A 112 -34.06 -1.94 23.07
CA CYS A 112 -33.77 -3.29 22.61
C CYS A 112 -35.04 -4.03 22.21
N LYS A 113 -36.07 -3.98 23.06
CA LYS A 113 -37.30 -4.69 22.76
C LYS A 113 -37.98 -4.12 21.52
N ILE A 114 -38.02 -2.80 21.38
CA ILE A 114 -38.75 -2.24 20.23
C ILE A 114 -37.99 -2.53 18.94
N LEU A 115 -36.65 -2.48 18.97
CA LEU A 115 -35.89 -2.89 17.80
C LEU A 115 -36.10 -4.35 17.47
N GLN A 116 -36.25 -5.20 18.50
CA GLN A 116 -36.59 -6.59 18.23
C GLN A 116 -37.95 -6.69 17.55
N VAL A 117 -38.88 -5.81 17.94
CA VAL A 117 -40.18 -5.78 17.29
C VAL A 117 -40.05 -5.39 15.82
N PHE A 118 -39.25 -4.36 15.53
CA PHE A 118 -39.03 -3.98 14.13
C PHE A 118 -38.42 -5.13 13.35
N ASP A 119 -37.44 -5.82 13.94
CA ASP A 119 -36.83 -6.94 13.24
C ASP A 119 -37.83 -8.06 12.99
N ASP A 120 -38.74 -8.28 13.94
CA ASP A 120 -39.82 -9.24 13.72
C ASP A 120 -40.68 -8.83 12.52
N PHE A 121 -41.04 -7.55 12.46
CA PHE A 121 -41.84 -7.07 11.33
C PHE A 121 -41.10 -7.25 10.02
N ILE A 122 -39.80 -6.97 10.00
CA ILE A 122 -39.01 -7.11 8.78
C ILE A 122 -38.96 -8.56 8.35
N PHE A 123 -38.79 -9.48 9.31
CA PHE A 123 -38.82 -10.90 8.97
C PHE A 123 -40.18 -11.29 8.40
N ILE A 124 -41.25 -10.79 8.98
CA ILE A 124 -42.59 -11.07 8.47
C ILE A 124 -42.69 -10.63 7.01
N PHE A 125 -42.23 -9.41 6.73
CA PHE A 125 -42.35 -8.87 5.38
C PHE A 125 -41.49 -9.67 4.42
N PHE A 126 -40.29 -10.08 4.85
CA PHE A 126 -39.44 -10.90 4.00
C PHE A 126 -40.11 -12.23 3.66
N ALA A 127 -40.69 -12.88 4.65
CA ALA A 127 -41.39 -14.13 4.39
C ALA A 127 -42.55 -13.92 3.43
N MET A 128 -43.29 -12.83 3.61
CA MET A 128 -44.43 -12.56 2.73
C MET A 128 -43.97 -12.34 1.30
N GLU A 129 -42.95 -11.50 1.11
CA GLU A 129 -42.49 -11.26 -0.26
C GLU A 129 -41.96 -12.54 -0.88
N MET A 130 -41.25 -13.36 -0.10
CA MET A 130 -40.77 -14.63 -0.63
C MET A 130 -41.92 -15.51 -1.08
N VAL A 131 -42.92 -15.70 -0.23
CA VAL A 131 -43.99 -16.64 -0.55
C VAL A 131 -44.79 -16.16 -1.75
N LEU A 132 -45.12 -14.87 -1.80
CA LEU A 132 -45.81 -14.35 -2.98
C LEU A 132 -44.96 -14.49 -4.24
N LYS A 133 -43.66 -14.21 -4.15
CA LYS A 133 -42.84 -14.34 -5.35
C LYS A 133 -42.76 -15.78 -5.84
N MET A 134 -42.66 -16.77 -4.94
CA MET A 134 -42.63 -18.13 -5.42
C MET A 134 -43.98 -18.56 -6.00
N VAL A 135 -45.09 -18.17 -5.36
CA VAL A 135 -46.38 -18.62 -5.87
C VAL A 135 -46.70 -17.93 -7.18
N ALA A 136 -46.12 -16.76 -7.42
CA ALA A 136 -46.38 -16.03 -8.65
C ALA A 136 -45.33 -16.24 -9.73
N LEU A 137 -44.22 -16.88 -9.43
CA LEU A 137 -43.19 -17.12 -10.44
C LEU A 137 -42.81 -18.59 -10.60
N GLY A 138 -43.28 -19.48 -9.74
CA GLY A 138 -42.89 -20.87 -9.79
C GLY A 138 -41.54 -21.09 -9.15
N ILE A 139 -41.20 -22.36 -8.96
CA ILE A 139 -40.01 -22.76 -8.22
C ILE A 139 -39.17 -23.70 -9.06
N PHE A 140 -37.86 -23.55 -8.96
CA PHE A 140 -36.89 -24.46 -9.58
C PHE A 140 -37.00 -24.49 -11.09
N GLY A 141 -36.74 -23.35 -11.72
CA GLY A 141 -36.73 -23.26 -13.18
C GLY A 141 -36.12 -21.95 -13.60
N LYS A 142 -35.68 -21.91 -14.86
CA LYS A 142 -35.02 -20.73 -15.38
C LYS A 142 -35.94 -19.51 -15.32
N LYS A 143 -37.21 -19.70 -15.63
CA LYS A 143 -38.18 -18.62 -15.47
C LYS A 143 -38.76 -18.59 -14.06
N CYS A 144 -38.49 -19.62 -13.25
CA CYS A 144 -39.09 -19.72 -11.93
C CYS A 144 -38.40 -18.78 -10.94
N TYR A 145 -38.80 -18.92 -9.68
CA TYR A 145 -38.24 -18.08 -8.61
C TYR A 145 -36.74 -18.27 -8.50
N LEU A 146 -36.29 -19.52 -8.44
CA LEU A 146 -34.88 -19.80 -8.24
C LEU A 146 -34.14 -19.77 -9.56
N GLY A 147 -34.33 -18.72 -10.34
CA GLY A 147 -33.61 -18.56 -11.58
C GLY A 147 -32.47 -17.57 -11.44
N ASP A 148 -32.75 -16.45 -10.77
CA ASP A 148 -31.75 -15.41 -10.60
C ASP A 148 -31.01 -15.63 -9.29
N THR A 149 -29.75 -15.22 -9.27
CA THR A 149 -28.90 -15.46 -8.10
C THR A 149 -29.47 -14.83 -6.85
N TRP A 150 -29.86 -13.56 -6.92
CA TRP A 150 -30.26 -12.86 -5.72
C TRP A 150 -31.60 -13.33 -5.20
N ASN A 151 -32.44 -13.93 -6.04
CA ASN A 151 -33.62 -14.61 -5.51
C ASN A 151 -33.22 -15.78 -4.62
N ARG A 152 -32.22 -16.55 -5.06
CA ARG A 152 -31.70 -17.63 -4.22
C ARG A 152 -31.13 -17.07 -2.93
N LEU A 153 -30.42 -15.95 -3.01
CA LEU A 153 -29.89 -15.33 -1.80
C LEU A 153 -31.01 -14.92 -0.85
N ASP A 154 -32.08 -14.33 -1.39
CA ASP A 154 -33.21 -13.95 -0.54
C ASP A 154 -33.81 -15.18 0.12
N PHE A 155 -33.93 -16.27 -0.64
CA PHE A 155 -34.34 -17.54 -0.07
C PHE A 155 -33.45 -17.93 1.11
N PHE A 156 -32.13 -17.76 0.94
CA PHE A 156 -31.19 -18.17 1.97
C PHE A 156 -31.38 -17.38 3.25
N ILE A 157 -31.43 -16.05 3.16
CA ILE A 157 -31.68 -15.26 4.37
C ILE A 157 -33.06 -15.54 4.95
N VAL A 158 -34.04 -15.87 4.10
CA VAL A 158 -35.36 -16.20 4.64
C VAL A 158 -35.27 -17.43 5.54
N MET A 159 -34.64 -18.50 5.04
CA MET A 159 -34.51 -19.70 5.87
C MET A 159 -33.63 -19.45 7.09
N ALA A 160 -32.60 -18.61 6.94
CA ALA A 160 -31.74 -18.31 8.07
C ALA A 160 -32.52 -17.61 9.18
N GLY A 161 -33.34 -16.63 8.82
CA GLY A 161 -34.19 -15.98 9.80
C GLY A 161 -35.19 -16.94 10.41
N MET A 162 -35.72 -17.85 9.59
CA MET A 162 -36.67 -18.83 10.12
C MET A 162 -36.03 -19.69 11.20
N VAL A 163 -34.85 -20.25 10.92
CA VAL A 163 -34.20 -21.12 11.89
C VAL A 163 -33.76 -20.31 13.11
N GLU A 164 -33.33 -19.06 12.88
CA GLU A 164 -32.96 -18.22 14.02
C GLU A 164 -34.14 -18.00 14.95
N TYR A 165 -35.31 -17.67 14.40
CA TYR A 165 -36.48 -17.47 15.23
C TYR A 165 -36.87 -18.76 15.94
N SER A 166 -36.80 -19.89 15.24
CA SER A 166 -37.16 -21.16 15.86
C SER A 166 -36.25 -21.47 17.06
N LEU A 167 -34.93 -21.33 16.87
CA LEU A 167 -34.01 -21.55 17.98
C LEU A 167 -34.21 -20.53 19.09
N ASP A 168 -34.63 -19.31 18.74
CA ASP A 168 -34.96 -18.33 19.77
C ASP A 168 -36.13 -18.80 20.62
N LEU A 169 -37.12 -19.44 19.98
CA LEU A 169 -38.23 -20.01 20.74
C LEU A 169 -37.73 -21.07 21.72
N GLN A 170 -36.70 -21.82 21.33
CA GLN A 170 -36.16 -22.92 22.12
C GLN A 170 -35.33 -22.45 23.33
N ASN A 171 -35.29 -21.14 23.57
CA ASN A 171 -34.51 -20.56 24.67
C ASN A 171 -33.04 -20.95 24.58
N ILE A 172 -32.46 -20.86 23.38
CA ILE A 172 -31.03 -21.06 23.15
C ILE A 172 -30.47 -19.73 22.68
N ASN A 173 -29.45 -19.22 23.39
CA ASN A 173 -28.84 -17.95 23.02
C ASN A 173 -28.22 -18.03 21.63
N LEU A 174 -27.19 -18.87 21.50
CA LEU A 174 -26.55 -19.17 20.22
C LEU A 174 -26.28 -17.89 19.43
N SER A 175 -25.39 -17.06 19.99
CA SER A 175 -24.95 -15.84 19.31
C SER A 175 -23.91 -16.23 18.26
N ALA A 176 -24.31 -17.16 17.39
CA ALA A 176 -23.48 -17.63 16.30
C ALA A 176 -24.31 -17.72 15.03
N ILE A 177 -25.62 -17.56 15.18
CA ILE A 177 -26.54 -17.55 14.04
C ILE A 177 -27.22 -16.19 13.99
N ARG A 178 -27.29 -15.50 15.14
CA ARG A 178 -27.71 -14.11 15.13
C ARG A 178 -26.81 -13.25 14.25
N THR A 179 -25.56 -13.67 14.08
CA THR A 179 -24.58 -12.99 13.27
C THR A 179 -24.89 -13.10 11.77
N VAL A 180 -25.85 -13.95 11.40
CA VAL A 180 -26.24 -14.09 10.01
C VAL A 180 -27.09 -12.91 9.53
N ARG A 181 -27.76 -12.20 10.45
CA ARG A 181 -28.49 -10.99 10.09
C ARG A 181 -27.67 -10.06 9.23
N VAL A 182 -26.34 -10.07 9.38
CA VAL A 182 -25.49 -9.14 8.64
C VAL A 182 -25.64 -9.28 7.15
N LEU A 183 -26.10 -10.43 6.66
CA LEU A 183 -26.31 -10.60 5.23
C LEU A 183 -27.55 -9.88 4.71
N ARG A 184 -28.43 -9.43 5.60
CA ARG A 184 -29.67 -8.81 5.16
C ARG A 184 -29.47 -7.56 4.31
N PRO A 185 -28.58 -6.62 4.67
CA PRO A 185 -28.41 -5.44 3.79
C PRO A 185 -27.98 -5.80 2.39
N LEU A 186 -27.40 -6.99 2.21
CA LEU A 186 -26.90 -7.38 0.91
C LEU A 186 -28.01 -7.62 -0.09
N LYS A 187 -29.27 -7.65 0.36
CA LYS A 187 -30.39 -7.86 -0.56
C LYS A 187 -30.66 -6.64 -1.42
N ALA A 188 -30.24 -5.46 -0.99
CA ALA A 188 -30.51 -4.25 -1.76
C ALA A 188 -29.72 -4.19 -3.05
N ILE A 189 -28.78 -5.10 -3.26
CA ILE A 189 -27.90 -5.00 -4.43
C ILE A 189 -28.69 -5.20 -5.72
N ASN A 190 -29.79 -5.96 -5.65
CA ASN A 190 -30.56 -6.24 -6.85
C ASN A 190 -31.69 -5.22 -7.06
N ARG A 191 -31.94 -4.36 -6.07
CA ARG A 191 -33.04 -3.41 -6.16
C ARG A 191 -32.61 -2.07 -6.73
N VAL A 192 -31.36 -1.92 -7.12
CA VAL A 192 -30.89 -0.70 -7.78
C VAL A 192 -30.27 -1.10 -9.11
N PRO A 193 -30.87 -0.75 -10.24
CA PRO A 193 -30.46 -1.32 -11.52
C PRO A 193 -28.99 -1.07 -11.86
N SER A 194 -28.49 0.12 -11.53
CA SER A 194 -27.07 0.38 -11.76
C SER A 194 -26.21 -0.55 -10.93
N MET A 195 -26.56 -0.71 -9.65
CA MET A 195 -25.87 -1.67 -8.81
C MET A 195 -26.01 -3.07 -9.36
N ARG A 196 -27.20 -3.42 -9.85
CA ARG A 196 -27.40 -4.75 -10.42
C ARG A 196 -26.45 -5.01 -11.56
N ILE A 197 -26.36 -4.07 -12.51
CA ILE A 197 -25.54 -4.32 -13.70
C ILE A 197 -24.06 -4.31 -13.34
N LEU A 198 -23.65 -3.41 -12.44
CA LEU A 198 -22.24 -3.40 -12.04
C LEU A 198 -21.85 -4.71 -11.36
N VAL A 199 -22.66 -5.17 -10.41
CA VAL A 199 -22.33 -6.41 -9.71
C VAL A 199 -22.42 -7.60 -10.65
N ASN A 200 -23.36 -7.57 -11.60
CA ASN A 200 -23.43 -8.63 -12.60
C ASN A 200 -22.14 -8.70 -13.40
N LEU A 201 -21.63 -7.55 -13.84
CA LEU A 201 -20.38 -7.54 -14.59
C LEU A 201 -19.21 -8.02 -13.73
N LEU A 202 -19.17 -7.59 -12.46
CA LEU A 202 -18.09 -8.01 -11.58
C LEU A 202 -18.12 -9.52 -11.35
N LEU A 203 -19.29 -10.07 -11.10
CA LEU A 203 -19.41 -11.51 -10.93
C LEU A 203 -19.01 -12.25 -12.20
N ASP A 204 -19.41 -11.72 -13.37
CA ASP A 204 -19.03 -12.38 -14.61
C ASP A 204 -17.56 -12.27 -14.90
N THR A 205 -16.87 -11.26 -14.37
CA THR A 205 -15.44 -11.12 -14.60
C THR A 205 -14.61 -11.79 -13.51
N LEU A 206 -15.22 -12.25 -12.42
CA LEU A 206 -14.46 -13.06 -11.46
C LEU A 206 -13.90 -14.35 -12.04
N PRO A 207 -14.66 -15.21 -12.73
CA PRO A 207 -14.14 -16.55 -13.02
C PRO A 207 -12.87 -16.57 -13.85
N MET A 208 -12.54 -15.48 -14.54
CA MET A 208 -11.27 -15.38 -15.23
C MET A 208 -10.14 -14.89 -14.32
N LEU A 209 -10.43 -14.66 -13.04
CA LEU A 209 -9.42 -14.25 -12.09
C LEU A 209 -8.76 -15.42 -11.39
N GLY A 210 -9.20 -16.65 -11.66
CA GLY A 210 -8.67 -17.79 -10.94
C GLY A 210 -7.18 -17.99 -11.10
N ASN A 211 -6.61 -17.56 -12.23
CA ASN A 211 -5.19 -17.78 -12.47
C ASN A 211 -4.34 -17.00 -11.47
N VAL A 212 -4.64 -15.71 -11.29
CA VAL A 212 -3.88 -14.94 -10.32
C VAL A 212 -4.11 -15.47 -8.91
N LEU A 213 -5.28 -16.05 -8.62
CA LEU A 213 -5.48 -16.59 -7.29
C LEU A 213 -4.67 -17.85 -7.08
N LEU A 214 -4.51 -18.69 -8.11
CA LEU A 214 -3.65 -19.87 -7.91
C LEU A 214 -2.19 -19.44 -7.81
N LEU A 215 -1.82 -18.36 -8.49
CA LEU A 215 -0.51 -17.78 -8.26
C LEU A 215 -0.36 -17.31 -6.82
N CYS A 216 -1.44 -16.74 -6.27
CA CYS A 216 -1.46 -16.36 -4.87
C CYS A 216 -1.20 -17.57 -3.99
N PHE A 217 -1.84 -18.69 -4.32
CA PHE A 217 -1.63 -19.90 -3.55
C PHE A 217 -0.19 -20.35 -3.61
N PHE A 218 0.43 -20.28 -4.79
CA PHE A 218 1.85 -20.66 -4.89
C PHE A 218 2.71 -19.79 -3.99
N VAL A 219 2.57 -18.46 -4.11
CA VAL A 219 3.47 -17.57 -3.39
C VAL A 219 3.12 -17.44 -1.91
N PHE A 220 1.97 -17.96 -1.48
CA PHE A 220 1.74 -18.15 -0.05
C PHE A 220 2.29 -19.48 0.44
N PHE A 221 2.03 -20.56 -0.29
CA PHE A 221 2.36 -21.88 0.21
C PHE A 221 3.85 -22.12 0.22
N ILE A 222 4.56 -21.69 -0.81
CA ILE A 222 6.01 -21.89 -0.84
C ILE A 222 6.65 -21.20 0.35
N PHE A 223 6.34 -19.92 0.54
CA PHE A 223 6.94 -19.17 1.64
C PHE A 223 6.46 -19.66 2.99
N GLY A 224 5.22 -20.12 3.10
CA GLY A 224 4.75 -20.67 4.36
C GLY A 224 5.48 -21.95 4.74
N ILE A 225 5.69 -22.83 3.76
CA ILE A 225 6.47 -24.04 4.02
C ILE A 225 7.89 -23.68 4.43
N ILE A 226 8.50 -22.75 3.71
CA ILE A 226 9.86 -22.36 4.06
C ILE A 226 9.89 -21.84 5.49
N GLY A 227 8.92 -20.99 5.85
CA GLY A 227 8.92 -20.39 7.17
C GLY A 227 8.68 -21.40 8.27
N VAL A 228 7.73 -22.30 8.08
CA VAL A 228 7.44 -23.27 9.13
C VAL A 228 8.58 -24.27 9.26
N GLN A 229 9.32 -24.52 8.18
CA GLN A 229 10.48 -25.40 8.29
C GLN A 229 11.63 -24.71 8.99
N LEU A 230 11.79 -23.40 8.78
CA LEU A 230 12.97 -22.73 9.32
C LEU A 230 12.75 -22.25 10.75
N TRP A 231 11.70 -21.47 10.99
CA TRP A 231 11.58 -20.74 12.25
C TRP A 231 10.49 -21.29 13.15
N ALA A 232 10.18 -22.57 13.03
CA ALA A 232 9.11 -23.17 13.83
C ALA A 232 9.47 -23.07 15.30
N GLY A 233 8.67 -22.34 16.06
CA GLY A 233 8.83 -22.27 17.49
C GLY A 233 9.99 -21.42 17.96
N LEU A 234 10.77 -20.85 17.05
CA LEU A 234 11.88 -20.01 17.45
C LEU A 234 11.39 -18.74 18.14
N LEU A 235 10.25 -18.22 17.71
CA LEU A 235 9.75 -16.94 18.23
C LEU A 235 9.52 -16.98 19.72
N ARG A 236 9.34 -18.15 20.32
CA ARG A 236 8.92 -18.22 21.71
C ARG A 236 10.04 -17.91 22.69
N ASN A 237 11.29 -18.07 22.29
CA ASN A 237 12.38 -18.21 23.26
C ASN A 237 12.83 -16.90 23.88
N ARG A 238 12.17 -16.46 24.95
CA ARG A 238 12.65 -15.31 25.68
C ARG A 238 13.84 -15.70 26.55
N CYS A 239 14.33 -14.74 27.33
CA CYS A 239 15.59 -14.89 28.05
C CYS A 239 15.32 -15.11 29.54
N PHE A 240 15.66 -16.28 30.04
CA PHE A 240 15.32 -16.69 31.40
C PHE A 240 16.48 -16.47 32.36
N LEU A 241 16.22 -16.81 33.63
CA LEU A 241 17.21 -16.71 34.68
C LEU A 241 18.05 -17.98 34.78
N GLU A 242 18.98 -17.99 35.74
CA GLU A 242 19.79 -19.16 36.00
C GLU A 242 18.93 -20.26 36.60
N GLU A 243 19.38 -21.50 36.42
CA GLU A 243 18.56 -22.65 36.81
C GLU A 243 18.30 -22.68 38.30
N ASN A 244 19.34 -22.84 39.10
CA ASN A 244 19.22 -22.92 40.56
C ASN A 244 19.56 -21.54 41.11
N PHE A 245 18.60 -20.64 41.03
CA PHE A 245 18.81 -19.24 41.34
C PHE A 245 18.59 -18.98 42.83
N THR A 246 19.38 -18.05 43.37
CA THR A 246 19.41 -17.77 44.80
C THR A 246 18.86 -16.37 45.05
N ILE A 247 17.73 -16.29 45.75
CA ILE A 247 17.12 -15.02 46.12
C ILE A 247 16.86 -15.03 47.62
N GLN A 248 17.18 -13.90 48.27
CA GLN A 248 16.91 -13.78 49.70
C GLN A 248 15.42 -13.84 49.99
N GLY A 249 14.61 -13.28 49.09
CA GLY A 249 13.18 -13.16 49.32
C GLY A 249 12.66 -11.99 48.50
N ASP A 250 11.38 -11.70 48.71
CA ASP A 250 10.71 -10.62 47.99
C ASP A 250 10.89 -10.79 46.48
N VAL A 251 10.30 -11.85 45.97
CA VAL A 251 10.56 -12.27 44.60
C VAL A 251 9.89 -11.28 43.65
N ALA A 252 10.67 -10.34 43.14
CA ALA A 252 10.24 -9.39 42.13
C ALA A 252 10.84 -9.66 40.78
N LEU A 253 11.83 -10.53 40.71
CA LEU A 253 12.46 -10.85 39.43
C LEU A 253 11.49 -11.63 38.57
N PRO A 254 11.14 -11.13 37.38
CA PRO A 254 10.23 -11.88 36.52
C PRO A 254 10.88 -13.17 36.04
N PRO A 255 10.08 -14.18 35.69
CA PRO A 255 10.67 -15.44 35.23
C PRO A 255 11.62 -15.27 34.07
N TYR A 256 11.31 -14.38 33.14
CA TYR A 256 12.26 -14.01 32.09
C TYR A 256 12.40 -12.49 32.07
N TYR A 257 13.04 -11.96 31.04
CA TYR A 257 13.30 -10.53 30.93
C TYR A 257 12.43 -9.94 29.84
N GLN A 258 11.66 -8.91 30.19
CA GLN A 258 10.84 -8.17 29.24
C GLN A 258 11.08 -6.67 29.43
N PRO A 259 11.64 -6.00 28.43
CA PRO A 259 12.03 -4.59 28.63
C PRO A 259 10.86 -3.69 28.97
N GLU A 260 9.71 -3.94 28.37
CA GLU A 260 8.49 -3.18 28.60
C GLU A 260 7.44 -4.03 29.28
N GLU A 261 6.52 -3.37 29.98
CA GLU A 261 5.62 -4.04 30.91
C GLU A 261 4.69 -5.01 30.17
N ASP A 262 4.80 -6.30 30.51
CA ASP A 262 3.86 -7.33 30.11
C ASP A 262 3.87 -7.61 28.61
N ASP A 263 5.08 -7.71 28.05
CA ASP A 263 5.32 -8.46 26.82
C ASP A 263 4.49 -7.97 25.64
N GLU A 264 4.52 -6.67 25.38
CA GLU A 264 4.14 -6.24 24.03
C GLU A 264 5.37 -6.02 23.15
N MET A 265 6.50 -5.66 23.75
CA MET A 265 7.79 -5.71 23.05
C MET A 265 8.65 -6.77 23.73
N PRO A 266 8.77 -7.96 23.15
CA PRO A 266 9.57 -9.01 23.77
C PRO A 266 11.06 -8.82 23.50
N PHE A 267 11.84 -9.72 24.07
CA PHE A 267 13.29 -9.73 23.90
C PHE A 267 13.79 -11.03 23.30
N ILE A 268 13.18 -11.47 22.19
CA ILE A 268 13.47 -12.75 21.57
C ILE A 268 14.97 -12.95 21.46
N CYS A 269 15.48 -14.03 22.05
CA CYS A 269 16.90 -14.32 22.11
C CYS A 269 17.28 -15.19 20.91
N SER A 270 18.48 -15.74 20.96
CA SER A 270 18.90 -16.77 20.03
C SER A 270 19.44 -17.95 20.82
N LEU A 271 18.94 -19.14 20.51
CA LEU A 271 19.42 -20.32 21.19
C LEU A 271 20.88 -20.60 20.86
N SER A 272 21.58 -21.21 21.80
CA SER A 272 22.92 -21.70 21.51
C SER A 272 22.81 -22.82 20.48
N GLY A 273 23.58 -22.73 19.42
CA GLY A 273 23.43 -23.66 18.32
C GLY A 273 22.69 -23.04 17.14
N ASP A 274 22.03 -21.93 17.39
CA ASP A 274 21.42 -21.13 16.32
C ASP A 274 22.08 -19.78 16.30
N ASN A 275 22.60 -19.39 15.14
CA ASN A 275 23.38 -18.15 15.03
C ASN A 275 22.45 -16.97 14.78
N GLY A 276 21.80 -16.53 15.85
CA GLY A 276 21.06 -15.27 15.83
C GLY A 276 22.02 -14.11 15.97
N ILE A 277 21.47 -12.92 16.18
CA ILE A 277 22.29 -11.73 16.32
C ILE A 277 22.23 -11.23 17.75
N MET A 278 21.08 -11.38 18.39
CA MET A 278 20.88 -10.93 19.76
C MET A 278 20.85 -12.16 20.66
N GLY A 279 21.83 -12.28 21.55
CA GLY A 279 22.03 -13.53 22.27
C GLY A 279 22.11 -13.45 23.78
N CYS A 280 21.30 -12.57 24.38
CA CYS A 280 21.13 -12.45 25.83
C CYS A 280 22.34 -11.91 26.56
N HIS A 281 23.34 -11.39 25.85
CA HIS A 281 24.38 -10.59 26.47
C HIS A 281 24.37 -9.15 25.98
N GLU A 282 23.38 -8.78 25.18
CA GLU A 282 23.18 -7.42 24.72
C GLU A 282 22.10 -6.70 25.50
N ILE A 283 21.65 -7.28 26.60
CA ILE A 283 20.57 -6.68 27.40
C ILE A 283 21.01 -5.33 27.92
N PRO A 284 20.10 -4.37 28.07
CA PRO A 284 20.47 -3.10 28.69
C PRO A 284 20.65 -3.25 30.18
N PRO A 285 21.74 -2.71 30.73
CA PRO A 285 21.86 -2.65 32.20
C PRO A 285 20.87 -1.64 32.77
N LEU A 286 20.05 -2.10 33.71
CA LEU A 286 19.02 -1.24 34.28
C LEU A 286 19.66 -0.10 35.06
N LYS A 287 19.09 1.10 34.92
CA LYS A 287 19.59 2.26 35.63
C LYS A 287 18.45 3.09 36.21
N CYS A 316 23.35 1.12 40.84
CA CYS A 316 22.74 0.27 41.86
C CYS A 316 23.04 -1.19 41.61
N VAL A 317 21.99 -2.01 41.60
CA VAL A 317 22.11 -3.44 41.35
C VAL A 317 21.64 -3.71 39.94
N ASN A 318 22.53 -4.24 39.11
CA ASN A 318 22.20 -4.56 37.73
C ASN A 318 21.50 -5.92 37.67
N TRP A 319 20.25 -5.96 38.11
CA TRP A 319 19.51 -7.21 38.18
C TRP A 319 19.46 -7.92 36.84
N ASN A 320 19.48 -7.17 35.73
CA ASN A 320 19.29 -7.78 34.42
C ASN A 320 20.41 -8.73 34.05
N ARG A 321 21.64 -8.46 34.51
CA ARG A 321 22.77 -9.27 34.06
C ARG A 321 22.63 -10.73 34.45
N TYR A 322 21.76 -11.04 35.41
CA TYR A 322 21.55 -12.41 35.84
C TYR A 322 20.74 -13.23 34.85
N TYR A 323 20.14 -12.60 33.84
CA TYR A 323 19.41 -13.30 32.78
C TYR A 323 20.44 -13.93 31.86
N ASN A 324 20.90 -15.12 32.22
CA ASN A 324 22.02 -15.74 31.54
C ASN A 324 21.59 -16.52 30.30
N VAL A 325 20.72 -17.51 30.46
CA VAL A 325 20.38 -18.44 29.39
C VAL A 325 18.92 -18.23 28.99
N CYS A 326 18.59 -18.72 27.79
CA CYS A 326 17.27 -18.52 27.23
C CYS A 326 16.76 -19.81 26.61
N ARG A 327 15.57 -20.18 27.00
CA ARG A 327 15.01 -21.41 26.44
C ARG A 327 13.64 -21.05 25.92
N THR A 328 13.02 -21.97 25.23
CA THR A 328 11.75 -21.60 24.62
C THR A 328 10.72 -21.49 25.72
N GLY A 329 9.49 -21.19 25.37
CA GLY A 329 8.47 -21.21 26.41
C GLY A 329 7.46 -20.11 26.29
N SER A 330 6.43 -20.14 27.14
CA SER A 330 5.43 -19.05 27.19
C SER A 330 4.78 -18.77 25.85
N ALA A 331 4.87 -17.53 25.37
CA ALA A 331 4.10 -17.16 24.18
C ALA A 331 4.90 -16.46 23.12
N ASN A 332 4.39 -16.56 21.92
CA ASN A 332 5.07 -15.94 20.80
C ASN A 332 4.82 -14.47 20.93
N PRO A 333 5.44 -13.61 20.13
CA PRO A 333 5.26 -12.24 20.36
C PRO A 333 3.89 -11.76 19.94
N HIS A 334 3.46 -10.64 20.48
CA HIS A 334 2.14 -10.04 20.19
C HIS A 334 1.04 -10.94 20.71
N LYS A 335 0.86 -11.04 22.02
CA LYS A 335 -0.26 -11.75 22.61
C LYS A 335 -0.49 -13.09 21.91
N GLY A 336 0.59 -13.79 21.61
CA GLY A 336 0.50 -15.08 20.96
C GLY A 336 -0.15 -15.01 19.58
N ALA A 337 0.28 -14.06 18.76
CA ALA A 337 -0.33 -13.86 17.46
C ALA A 337 0.63 -13.89 16.28
N ILE A 338 1.92 -13.71 16.50
CA ILE A 338 2.90 -13.72 15.42
C ILE A 338 3.87 -14.87 15.71
N ASN A 339 3.78 -15.93 14.93
CA ASN A 339 4.69 -17.06 15.08
C ASN A 339 4.61 -17.89 13.82
N PHE A 340 5.50 -18.87 13.73
CA PHE A 340 5.56 -19.74 12.55
C PHE A 340 5.30 -21.19 12.92
N ASP A 341 4.62 -21.42 14.04
CA ASP A 341 4.44 -22.78 14.55
C ASP A 341 3.69 -23.65 13.56
N ASN A 342 2.43 -23.33 13.29
CA ASN A 342 1.65 -24.06 12.31
C ASN A 342 2.02 -23.57 10.92
N ILE A 343 1.21 -23.93 9.91
CA ILE A 343 1.25 -23.21 8.65
C ILE A 343 0.14 -22.17 8.57
N GLY A 344 -0.92 -22.30 9.34
CA GLY A 344 -1.89 -21.22 9.41
C GLY A 344 -1.26 -19.93 9.91
N TYR A 345 -0.46 -20.02 10.96
CA TYR A 345 0.20 -18.83 11.48
C TYR A 345 1.19 -18.27 10.47
N ALA A 346 1.90 -19.15 9.76
CA ALA A 346 2.81 -18.68 8.73
C ALA A 346 2.05 -17.95 7.64
N TRP A 347 0.86 -18.44 7.29
CA TRP A 347 0.07 -17.73 6.29
C TRP A 347 -0.39 -16.38 6.81
N ILE A 348 -0.74 -16.30 8.09
CA ILE A 348 -1.13 -15.00 8.65
C ILE A 348 0.02 -14.01 8.55
N VAL A 349 1.22 -14.45 8.92
CA VAL A 349 2.37 -13.55 8.89
C VAL A 349 2.71 -13.15 7.46
N ILE A 350 2.64 -14.10 6.52
CA ILE A 350 2.92 -13.76 5.14
C ILE A 350 1.88 -12.80 4.60
N PHE A 351 0.63 -12.95 5.02
CA PHE A 351 -0.37 -11.97 4.62
C PHE A 351 -0.06 -10.61 5.19
N GLN A 352 0.39 -10.55 6.45
CA GLN A 352 0.72 -9.26 7.03
C GLN A 352 1.82 -8.57 6.25
N VAL A 353 2.88 -9.30 5.89
CA VAL A 353 3.92 -8.67 5.07
C VAL A 353 3.52 -8.53 3.61
N ILE A 354 2.40 -9.10 3.19
CA ILE A 354 1.87 -8.77 1.87
C ILE A 354 1.24 -7.38 1.90
N THR A 355 0.56 -7.04 3.00
CA THR A 355 -0.03 -5.73 3.15
C THR A 355 0.99 -4.66 3.50
N LEU A 356 2.24 -5.04 3.74
CA LEU A 356 3.32 -4.07 3.98
C LEU A 356 3.05 -3.22 5.21
N GLU A 357 2.52 -3.84 6.26
CA GLU A 357 2.31 -3.15 7.54
C GLU A 357 2.86 -4.01 8.65
N GLY A 358 3.56 -3.38 9.59
CA GLY A 358 4.21 -4.14 10.64
C GLY A 358 5.22 -5.11 10.11
N TRP A 359 6.02 -4.68 9.14
CA TRP A 359 6.89 -5.59 8.41
C TRP A 359 8.24 -5.74 9.09
N VAL A 360 8.95 -4.64 9.29
CA VAL A 360 10.30 -4.73 9.85
C VAL A 360 10.26 -5.28 11.27
N GLU A 361 9.15 -5.08 11.98
CA GLU A 361 9.03 -5.64 13.32
C GLU A 361 9.22 -7.15 13.29
N ILE A 362 8.48 -7.84 12.43
CA ILE A 362 8.58 -9.30 12.43
C ILE A 362 9.84 -9.76 11.71
N MET A 363 10.32 -8.99 10.73
CA MET A 363 11.62 -9.33 10.15
C MET A 363 12.71 -9.30 11.21
N TYR A 364 12.62 -8.35 12.14
CA TYR A 364 13.65 -8.25 13.16
C TYR A 364 13.41 -9.28 14.26
N TYR A 365 12.17 -9.70 14.49
CA TYR A 365 11.95 -10.89 15.31
C TYR A 365 12.72 -12.07 14.75
N VAL A 366 12.53 -12.35 13.47
CA VAL A 366 13.21 -13.51 12.87
C VAL A 366 14.72 -13.34 12.96
N MET A 367 15.23 -12.15 12.65
CA MET A 367 16.66 -11.93 12.73
C MET A 367 17.19 -12.11 14.14
N ASP A 368 16.47 -11.59 15.14
CA ASP A 368 16.82 -11.83 16.53
C ASP A 368 16.94 -13.32 16.79
N ALA A 369 15.95 -14.10 16.35
CA ALA A 369 15.83 -15.47 16.79
C ALA A 369 16.80 -16.39 16.04
N HIS A 370 16.78 -16.36 14.72
CA HIS A 370 17.36 -17.43 13.93
C HIS A 370 18.64 -17.03 13.22
N SER A 371 18.61 -16.03 12.36
CA SER A 371 19.82 -15.67 11.62
C SER A 371 19.70 -14.26 11.09
N PHE A 372 20.84 -13.68 10.71
CA PHE A 372 20.85 -12.34 10.13
C PHE A 372 20.48 -12.36 8.66
N TYR A 373 20.58 -13.50 8.00
CA TYR A 373 20.43 -13.56 6.56
C TYR A 373 19.00 -13.79 6.12
N ASN A 374 18.02 -13.40 6.92
CA ASN A 374 16.61 -13.57 6.55
C ASN A 374 16.05 -12.36 5.83
N PHE A 375 16.81 -11.28 5.69
CA PHE A 375 16.34 -10.20 4.85
C PHE A 375 16.15 -10.68 3.42
N ILE A 376 16.89 -11.71 2.99
CA ILE A 376 16.65 -12.28 1.68
C ILE A 376 15.23 -12.83 1.61
N TYR A 377 14.83 -13.56 2.65
CA TYR A 377 13.48 -14.13 2.66
C TYR A 377 12.43 -13.04 2.64
N PHE A 378 12.64 -11.98 3.41
CA PHE A 378 11.57 -10.98 3.50
C PHE A 378 11.54 -10.06 2.28
N ILE A 379 12.70 -9.73 1.71
CA ILE A 379 12.71 -8.90 0.52
C ILE A 379 12.20 -9.66 -0.69
N LEU A 380 12.63 -10.91 -0.87
CA LEU A 380 12.12 -11.70 -1.99
C LEU A 380 10.61 -11.85 -1.91
N LEU A 381 10.05 -11.79 -0.71
CA LEU A 381 8.61 -11.85 -0.56
C LEU A 381 7.96 -10.54 -0.96
N ILE A 382 8.58 -9.40 -0.61
CA ILE A 382 7.98 -8.12 -0.92
C ILE A 382 7.96 -7.89 -2.42
N ILE A 383 9.08 -8.18 -3.09
CA ILE A 383 9.17 -7.93 -4.52
C ILE A 383 8.19 -8.82 -5.28
N VAL A 384 8.19 -10.12 -4.99
CA VAL A 384 7.34 -11.06 -5.71
C VAL A 384 5.93 -11.04 -5.15
N GLY A 385 5.80 -11.35 -3.87
CA GLY A 385 4.50 -11.47 -3.25
C GLY A 385 3.74 -10.18 -3.15
N SER A 386 4.41 -9.08 -2.81
CA SER A 386 3.66 -7.86 -2.52
C SER A 386 3.52 -6.93 -3.71
N PHE A 387 4.33 -7.09 -4.75
CA PHE A 387 4.25 -6.18 -5.89
C PHE A 387 3.83 -6.88 -7.17
N PHE A 388 4.56 -7.91 -7.61
CA PHE A 388 4.19 -8.63 -8.83
C PHE A 388 2.98 -9.52 -8.66
N MET A 389 2.40 -9.59 -7.47
CA MET A 389 1.22 -10.40 -7.22
C MET A 389 -0.07 -9.58 -7.25
N ILE A 390 -0.21 -8.61 -6.34
CA ILE A 390 -1.46 -7.86 -6.27
C ILE A 390 -1.62 -6.95 -7.47
N ASN A 391 -0.52 -6.45 -8.02
CA ASN A 391 -0.63 -5.65 -9.24
C ASN A 391 -0.92 -6.52 -10.45
N LEU A 392 -0.49 -7.78 -10.45
CA LEU A 392 -1.03 -8.70 -11.45
C LEU A 392 -2.52 -8.86 -11.29
N CYS A 393 -3.02 -8.82 -10.05
CA CYS A 393 -4.46 -8.86 -9.86
C CYS A 393 -5.14 -7.64 -10.46
N LEU A 394 -4.54 -6.47 -10.27
CA LEU A 394 -5.10 -5.26 -10.87
C LEU A 394 -5.11 -5.36 -12.39
N VAL A 395 -4.01 -5.81 -12.98
CA VAL A 395 -3.91 -5.94 -14.42
C VAL A 395 -4.96 -6.91 -14.94
N VAL A 396 -5.07 -8.07 -14.30
CA VAL A 396 -6.01 -9.09 -14.78
C VAL A 396 -7.44 -8.60 -14.65
N ILE A 397 -7.79 -7.96 -13.52
CA ILE A 397 -9.16 -7.48 -13.37
C ILE A 397 -9.47 -6.41 -14.41
N ALA A 398 -8.57 -5.46 -14.62
CA ALA A 398 -8.83 -4.41 -15.60
C ALA A 398 -9.01 -5.00 -16.99
N THR A 399 -8.10 -5.90 -17.38
CA THR A 399 -8.17 -6.50 -18.70
C THR A 399 -9.46 -7.30 -18.88
N GLN A 400 -9.75 -8.20 -17.93
CA GLN A 400 -10.91 -9.07 -18.07
C GLN A 400 -12.20 -8.27 -18.04
N PHE A 401 -12.26 -7.21 -17.21
CA PHE A 401 -13.44 -6.36 -17.22
C PHE A 401 -13.59 -5.65 -18.55
N SER A 402 -12.49 -5.20 -19.15
CA SER A 402 -12.57 -4.61 -20.49
C SER A 402 -13.16 -5.59 -21.49
N GLU A 403 -12.62 -6.80 -21.55
CA GLU A 403 -13.18 -7.76 -22.50
C GLU A 403 -14.60 -8.19 -22.16
N THR A 404 -14.99 -8.25 -20.89
CA THR A 404 -16.37 -8.62 -20.61
C THR A 404 -17.33 -7.52 -21.01
N LYS A 405 -16.91 -6.27 -20.83
CA LYS A 405 -17.69 -5.15 -21.35
C LYS A 405 -17.82 -5.24 -22.87
N GLN A 406 -16.72 -5.57 -23.55
CA GLN A 406 -16.76 -5.73 -24.99
C GLN A 406 -17.70 -6.86 -25.39
N ARG A 407 -17.66 -7.97 -24.66
CA ARG A 407 -18.51 -9.11 -24.94
C ARG A 407 -19.99 -8.74 -24.82
N GLU A 408 -20.35 -8.13 -23.69
CA GLU A 408 -21.76 -7.79 -23.48
C GLU A 408 -22.22 -6.72 -24.46
N HIS A 409 -21.32 -5.82 -24.85
CA HIS A 409 -21.65 -4.85 -25.89
C HIS A 409 -21.88 -5.53 -27.23
N ARG A 410 -21.02 -6.49 -27.58
CA ARG A 410 -21.15 -7.26 -28.80
C ARG A 410 -22.40 -8.12 -28.82
N LEU A 411 -22.92 -8.48 -27.65
CA LEU A 411 -24.17 -9.22 -27.59
C LEU A 411 -25.31 -8.42 -28.22
N MET A 412 -25.35 -7.12 -27.95
CA MET A 412 -26.35 -6.26 -28.59
C MET A 412 -26.12 -6.21 -30.10
N LEU A 413 -24.85 -6.16 -30.53
CA LEU A 413 -24.52 -6.21 -31.94
C LEU A 413 -24.82 -7.58 -32.53
N ARG A 627 -27.06 55.53 -18.82
CA ARG A 627 -27.79 54.47 -19.52
C ARG A 627 -27.15 54.17 -20.86
N GLU A 628 -26.52 55.19 -21.46
CA GLU A 628 -25.81 54.99 -22.71
C GLU A 628 -24.47 54.29 -22.52
N THR A 629 -23.77 54.58 -21.42
CA THR A 629 -22.41 54.07 -21.23
C THR A 629 -22.35 52.60 -20.86
N ARG A 630 -23.47 51.87 -20.96
CA ARG A 630 -23.44 50.44 -20.65
C ARG A 630 -22.49 49.69 -21.58
N ALA A 631 -22.61 49.94 -22.89
CA ALA A 631 -21.71 49.28 -23.84
C ALA A 631 -20.27 49.73 -23.65
N LYS A 632 -20.06 51.02 -23.35
CA LYS A 632 -18.71 51.50 -23.10
C LYS A 632 -18.08 50.81 -21.90
N LEU A 633 -18.84 50.65 -20.82
CA LEU A 633 -18.35 49.94 -19.65
C LEU A 633 -18.15 48.46 -19.93
N ARG A 634 -18.95 47.88 -20.83
CA ARG A 634 -18.77 46.48 -21.20
C ARG A 634 -17.37 46.23 -21.77
N GLY A 635 -16.80 47.22 -22.46
CA GLY A 635 -15.48 47.02 -23.04
C GLY A 635 -14.39 46.81 -22.00
N ILE A 636 -14.45 47.56 -20.90
CA ILE A 636 -13.43 47.44 -19.87
C ILE A 636 -13.51 46.08 -19.19
N VAL A 637 -14.72 45.51 -19.09
CA VAL A 637 -14.89 44.20 -18.45
C VAL A 637 -13.99 43.17 -19.12
N ASP A 638 -14.22 42.90 -20.40
CA ASP A 638 -13.40 41.96 -21.17
C ASP A 638 -12.24 42.69 -21.84
N SER A 639 -11.36 43.23 -20.99
CA SER A 639 -10.21 43.99 -21.46
C SER A 639 -8.97 43.14 -21.72
N LYS A 640 -8.96 41.89 -21.28
CA LYS A 640 -7.80 40.99 -21.29
C LYS A 640 -6.70 41.49 -20.35
N TYR A 641 -6.90 42.62 -19.69
CA TYR A 641 -6.01 43.14 -18.66
C TYR A 641 -6.70 43.29 -17.32
N PHE A 642 -8.00 43.61 -17.32
CA PHE A 642 -8.75 43.69 -16.07
C PHE A 642 -8.99 42.32 -15.47
N ASN A 643 -9.29 41.33 -16.33
CA ASN A 643 -9.50 39.98 -15.84
C ASN A 643 -8.26 39.44 -15.14
N ARG A 644 -7.08 39.67 -15.75
CA ARG A 644 -5.84 39.31 -15.09
C ARG A 644 -5.62 40.12 -13.83
N GLY A 645 -6.13 41.35 -13.78
CA GLY A 645 -6.03 42.13 -12.56
C GLY A 645 -6.80 41.50 -11.41
N ILE A 646 -8.03 41.06 -11.67
CA ILE A 646 -8.80 40.43 -10.60
C ILE A 646 -8.25 39.04 -10.29
N MET A 647 -7.63 38.37 -11.27
CA MET A 647 -6.88 37.15 -10.98
C MET A 647 -5.76 37.41 -9.98
N MET A 648 -4.96 38.43 -10.22
CA MET A 648 -3.89 38.77 -9.28
C MET A 648 -4.47 39.14 -7.92
N ALA A 649 -5.62 39.82 -7.93
CA ALA A 649 -6.29 40.12 -6.67
C ALA A 649 -6.60 38.85 -5.89
N ILE A 650 -7.22 37.87 -6.54
CA ILE A 650 -7.61 36.66 -5.83
C ILE A 650 -6.38 35.88 -5.38
N LEU A 651 -5.34 35.86 -6.21
CA LEU A 651 -4.11 35.16 -5.83
C LEU A 651 -3.49 35.79 -4.59
N VAL A 652 -3.36 37.12 -4.57
CA VAL A 652 -2.79 37.72 -3.37
C VAL A 652 -3.76 37.63 -2.20
N ASN A 653 -5.05 37.47 -2.45
CA ASN A 653 -5.98 37.21 -1.35
C ASN A 653 -5.70 35.87 -0.69
N THR A 654 -5.51 34.82 -1.48
CA THR A 654 -5.23 33.52 -0.88
C THR A 654 -3.85 33.51 -0.25
N VAL A 655 -2.89 34.25 -0.82
CA VAL A 655 -1.59 34.40 -0.18
C VAL A 655 -1.75 35.04 1.18
N SER A 656 -2.59 36.07 1.28
CA SER A 656 -2.85 36.68 2.58
C SER A 656 -3.47 35.68 3.53
N MET A 657 -4.41 34.86 3.04
CA MET A 657 -5.05 33.88 3.90
C MET A 657 -4.06 32.86 4.46
N GLY A 658 -3.09 32.41 3.67
CA GLY A 658 -2.16 31.41 4.16
C GLY A 658 -1.16 31.92 5.18
N ILE A 659 -1.10 33.23 5.41
CA ILE A 659 -0.07 33.78 6.28
C ILE A 659 -0.29 33.40 7.73
N GLU A 660 -1.55 33.42 8.18
CA GLU A 660 -1.84 33.33 9.61
C GLU A 660 -1.34 32.03 10.20
N HIS A 661 -0.86 32.10 11.43
CA HIS A 661 -0.29 30.94 12.12
C HIS A 661 -0.51 31.10 13.61
N HIS A 662 0.08 30.20 14.38
CA HIS A 662 -0.04 30.26 15.83
C HIS A 662 0.78 31.42 16.37
N GLU A 663 0.34 31.94 17.51
CA GLU A 663 0.92 33.10 18.20
C GLU A 663 1.33 34.18 17.20
N GLN A 664 0.42 34.47 16.28
CA GLN A 664 0.70 35.41 15.21
C GLN A 664 0.94 36.80 15.79
N PRO A 665 1.70 37.65 15.09
CA PRO A 665 1.97 39.00 15.60
C PRO A 665 0.68 39.80 15.77
N GLU A 666 0.67 40.62 16.81
CA GLU A 666 -0.53 41.39 17.12
C GLU A 666 -0.89 42.34 16.00
N GLU A 667 0.11 42.99 15.41
CA GLU A 667 -0.14 43.87 14.27
C GLU A 667 -0.62 43.11 13.05
N LEU A 668 -0.15 41.88 12.88
CA LEU A 668 -0.39 41.15 11.65
C LEU A 668 -1.86 40.78 11.49
N THR A 669 -2.53 40.44 12.59
CA THR A 669 -3.95 40.11 12.47
C THR A 669 -4.77 41.32 12.03
N ASN A 670 -4.42 42.52 12.51
CA ASN A 670 -5.10 43.72 12.06
C ASN A 670 -4.82 43.99 10.59
N ILE A 671 -3.57 43.77 10.17
CA ILE A 671 -3.25 43.91 8.75
C ILE A 671 -4.10 42.96 7.92
N LEU A 672 -4.23 41.72 8.38
CA LEU A 672 -5.05 40.75 7.64
C LEU A 672 -6.51 41.17 7.60
N GLU A 673 -7.05 41.68 8.71
CA GLU A 673 -8.47 42.02 8.68
C GLU A 673 -8.73 43.21 7.75
N ILE A 674 -7.85 44.23 7.76
CA ILE A 674 -8.07 45.34 6.84
C ILE A 674 -7.86 44.87 5.40
N CYS A 675 -6.95 43.92 5.19
CA CYS A 675 -6.77 43.34 3.86
C CYS A 675 -8.03 42.62 3.40
N ASN A 676 -8.66 41.87 4.30
CA ASN A 676 -9.93 41.21 3.97
C ASN A 676 -10.98 42.23 3.60
N VAL A 677 -11.04 43.33 4.34
CA VAL A 677 -11.98 44.41 4.02
C VAL A 677 -11.72 44.94 2.62
N VAL A 678 -10.44 45.18 2.29
CA VAL A 678 -10.10 45.69 0.96
C VAL A 678 -10.56 44.71 -0.12
N PHE A 679 -10.32 43.41 0.10
CA PHE A 679 -10.60 42.46 -0.96
C PHE A 679 -12.10 42.25 -1.15
N THR A 680 -12.85 42.18 -0.05
CA THR A 680 -14.30 42.07 -0.20
C THR A 680 -14.88 43.32 -0.81
N SER A 681 -14.28 44.49 -0.54
CA SER A 681 -14.71 45.70 -1.21
C SER A 681 -14.47 45.63 -2.70
N MET A 682 -13.31 45.12 -3.10
CA MET A 682 -13.01 44.98 -4.53
C MET A 682 -13.99 44.01 -5.19
N PHE A 683 -14.28 42.89 -4.53
CA PHE A 683 -15.21 41.92 -5.11
C PHE A 683 -16.62 42.49 -5.20
N ALA A 684 -17.04 43.27 -4.20
CA ALA A 684 -18.34 43.93 -4.27
C ALA A 684 -18.38 44.96 -5.39
N LEU A 685 -17.27 45.68 -5.60
CA LEU A 685 -17.20 46.60 -6.72
C LEU A 685 -17.37 45.87 -8.04
N GLU A 686 -16.70 44.73 -8.18
CA GLU A 686 -16.90 43.92 -9.38
C GLU A 686 -18.35 43.48 -9.51
N MET A 687 -18.96 43.08 -8.39
CA MET A 687 -20.36 42.69 -8.39
C MET A 687 -21.25 43.80 -8.96
N ILE A 688 -21.11 45.02 -8.42
CA ILE A 688 -21.99 46.10 -8.85
C ILE A 688 -21.70 46.50 -10.30
N LEU A 689 -20.43 46.62 -10.68
CA LEU A 689 -20.11 46.98 -12.05
C LEU A 689 -20.61 45.94 -13.04
N LYS A 690 -20.55 44.66 -12.67
CA LYS A 690 -20.96 43.61 -13.58
C LYS A 690 -22.48 43.51 -13.67
N LEU A 691 -23.19 43.77 -12.57
CA LEU A 691 -24.65 43.81 -12.68
C LEU A 691 -25.10 45.05 -13.42
N ALA A 692 -24.30 46.11 -13.42
CA ALA A 692 -24.66 47.33 -14.14
C ALA A 692 -24.43 47.18 -15.64
N ALA A 693 -23.18 46.90 -16.04
CA ALA A 693 -22.86 46.87 -17.47
C ALA A 693 -23.53 45.72 -18.20
N PHE A 694 -23.88 44.65 -17.50
CA PHE A 694 -24.57 43.52 -18.10
C PHE A 694 -26.07 43.53 -17.88
N GLY A 695 -26.53 43.89 -16.69
CA GLY A 695 -27.95 43.83 -16.37
C GLY A 695 -28.29 42.61 -15.54
N LEU A 696 -29.49 42.67 -14.95
CA LEU A 696 -29.89 41.66 -13.97
C LEU A 696 -29.96 40.27 -14.61
N PHE A 697 -30.59 40.16 -15.79
CA PHE A 697 -30.67 38.85 -16.43
C PHE A 697 -29.32 38.39 -16.94
N ASP A 698 -28.55 39.31 -17.54
CA ASP A 698 -27.24 38.95 -18.05
C ASP A 698 -26.32 38.50 -16.93
N TYR A 699 -26.48 39.09 -15.73
CA TYR A 699 -25.69 38.66 -14.59
C TYR A 699 -25.99 37.22 -14.21
N LEU A 700 -27.27 36.85 -14.19
CA LEU A 700 -27.67 35.51 -13.79
C LEU A 700 -27.56 34.49 -14.92
N ARG A 701 -27.18 34.92 -16.12
CA ARG A 701 -27.00 33.97 -17.22
C ARG A 701 -25.91 32.95 -16.89
N ASN A 702 -24.79 33.41 -16.35
CA ASN A 702 -23.72 32.52 -15.91
C ASN A 702 -23.78 32.36 -14.41
N PRO A 703 -23.92 31.13 -13.89
CA PRO A 703 -24.01 30.96 -12.43
C PRO A 703 -22.69 31.20 -11.70
N TYR A 704 -21.57 31.31 -12.43
CA TYR A 704 -20.33 31.73 -11.77
C TYR A 704 -20.48 33.13 -11.19
N ASN A 705 -21.25 33.98 -11.88
CA ASN A 705 -21.60 35.28 -11.31
C ASN A 705 -22.42 35.12 -10.03
N ILE A 706 -23.32 34.14 -10.00
CA ILE A 706 -24.08 33.87 -8.79
C ILE A 706 -23.14 33.46 -7.66
N PHE A 707 -22.17 32.60 -7.98
CA PHE A 707 -21.17 32.20 -7.00
C PHE A 707 -20.42 33.41 -6.45
N ASP A 708 -20.00 34.30 -7.35
CA ASP A 708 -19.28 35.50 -6.92
C ASP A 708 -20.14 36.36 -6.01
N SER A 709 -21.42 36.52 -6.36
CA SER A 709 -22.34 37.28 -5.52
C SER A 709 -22.49 36.64 -4.15
N ILE A 710 -22.51 35.31 -4.11
CA ILE A 710 -22.58 34.61 -2.84
C ILE A 710 -21.36 34.92 -2.00
N ILE A 711 -20.17 34.91 -2.62
CA ILE A 711 -18.95 35.31 -1.90
C ILE A 711 -19.10 36.71 -1.35
N VAL A 712 -19.61 37.63 -2.18
CA VAL A 712 -19.72 39.03 -1.75
C VAL A 712 -20.64 39.14 -0.54
N ILE A 713 -21.79 38.48 -0.59
CA ILE A 713 -22.77 38.64 0.47
C ILE A 713 -22.29 37.97 1.75
N ILE A 714 -21.67 36.79 1.65
CA ILE A 714 -21.18 36.14 2.86
C ILE A 714 -20.03 36.95 3.46
N SER A 715 -19.21 37.57 2.61
CA SER A 715 -18.11 38.39 3.13
C SER A 715 -18.63 39.61 3.87
N ILE A 716 -19.61 40.31 3.28
CA ILE A 716 -20.13 41.50 3.96
C ILE A 716 -20.87 41.09 5.23
N TRP A 717 -21.54 39.94 5.20
CA TRP A 717 -22.17 39.44 6.42
C TRP A 717 -21.12 39.16 7.50
N GLU A 718 -19.98 38.59 7.11
CA GLU A 718 -18.90 38.37 8.06
C GLU A 718 -18.41 39.68 8.64
N ILE A 719 -18.27 40.70 7.81
CA ILE A 719 -17.85 42.01 8.32
C ILE A 719 -18.86 42.54 9.31
N VAL A 720 -20.15 42.41 9.00
CA VAL A 720 -21.19 42.88 9.90
C VAL A 720 -21.26 42.02 11.15
N GLY A 721 -21.18 40.70 10.98
CA GLY A 721 -21.31 39.78 12.10
C GLY A 721 -20.10 39.72 13.00
N GLN A 722 -19.86 40.80 13.75
CA GLN A 722 -18.72 40.88 14.65
C GLN A 722 -19.07 40.47 16.08
N ALA A 723 -20.29 40.01 16.34
CA ALA A 723 -20.74 39.76 17.70
C ALA A 723 -20.46 38.32 18.14
N ASP A 724 -21.07 37.34 17.48
CA ASP A 724 -20.93 35.94 17.84
C ASP A 724 -21.40 35.08 16.68
N GLY A 725 -20.89 33.85 16.63
CA GLY A 725 -21.27 32.91 15.59
C GLY A 725 -20.60 33.17 14.26
N GLY A 726 -20.67 34.41 13.78
CA GLY A 726 -20.07 34.73 12.49
C GLY A 726 -18.57 34.55 12.48
N LEU A 727 -17.89 34.98 13.55
CA LEU A 727 -16.44 34.85 13.62
C LEU A 727 -15.97 33.40 13.58
N SER A 728 -16.84 32.45 13.94
CA SER A 728 -16.45 31.05 14.02
C SER A 728 -16.59 30.31 12.70
N VAL A 729 -17.49 30.74 11.82
CA VAL A 729 -17.80 30.03 10.59
C VAL A 729 -17.54 30.87 9.35
N LEU A 730 -17.96 32.14 9.38
CA LEU A 730 -17.85 32.96 8.18
C LEU A 730 -16.40 33.21 7.80
N ARG A 731 -15.50 33.14 8.78
CA ARG A 731 -14.08 33.08 8.43
C ARG A 731 -13.76 31.82 7.66
N THR A 732 -14.33 30.69 8.09
CA THR A 732 -14.01 29.41 7.49
C THR A 732 -14.50 29.32 6.05
N PHE A 733 -15.48 30.13 5.66
CA PHE A 733 -15.96 30.12 4.28
C PHE A 733 -15.11 30.95 3.34
N ARG A 734 -14.09 31.64 3.85
CA ARG A 734 -13.25 32.46 2.99
C ARG A 734 -12.50 31.64 1.94
N LEU A 735 -12.39 30.32 2.15
CA LEU A 735 -11.69 29.49 1.19
C LEU A 735 -12.37 29.48 -0.18
N LEU A 736 -13.69 29.65 -0.21
CA LEU A 736 -14.40 29.63 -1.49
C LEU A 736 -13.85 30.67 -2.45
N ARG A 737 -13.30 31.77 -1.93
CA ARG A 737 -12.70 32.78 -2.78
C ARG A 737 -11.62 32.20 -3.68
N VAL A 738 -10.91 31.16 -3.22
CA VAL A 738 -9.89 30.54 -4.06
C VAL A 738 -10.52 29.92 -5.29
N LEU A 739 -11.72 29.37 -5.14
CA LEU A 739 -12.38 28.64 -6.22
C LEU A 739 -12.73 29.52 -7.41
N LYS A 740 -12.49 30.82 -7.33
CA LYS A 740 -12.78 31.69 -8.46
C LYS A 740 -11.77 31.53 -9.59
N LEU A 741 -10.64 30.87 -9.32
CA LEU A 741 -9.63 30.65 -10.36
C LEU A 741 -10.14 29.77 -11.49
N VAL A 742 -11.06 28.84 -11.21
CA VAL A 742 -11.51 27.89 -12.23
C VAL A 742 -12.22 28.62 -13.37
N ARG A 743 -12.92 29.71 -13.07
CA ARG A 743 -13.56 30.50 -14.11
C ARG A 743 -12.54 31.14 -15.04
N PHE A 744 -11.27 31.17 -14.65
CA PHE A 744 -10.23 31.79 -15.45
C PHE A 744 -9.38 30.78 -16.20
N MET A 745 -8.79 29.82 -15.50
CA MET A 745 -7.88 28.88 -16.12
C MET A 745 -8.64 27.96 -17.07
N PRO A 746 -8.28 27.90 -18.34
CA PRO A 746 -9.09 27.14 -19.30
C PRO A 746 -8.99 25.63 -19.16
N ALA A 747 -7.77 25.09 -19.05
CA ALA A 747 -7.59 23.65 -19.02
C ALA A 747 -8.26 23.04 -17.79
N LEU A 748 -8.32 23.80 -16.70
CA LEU A 748 -9.02 23.39 -15.51
C LEU A 748 -10.52 23.60 -15.61
N ARG A 749 -11.04 23.77 -16.83
CA ARG A 749 -12.47 23.53 -17.02
C ARG A 749 -12.69 22.16 -17.66
N ARG A 750 -11.94 21.84 -18.71
CA ARG A 750 -12.09 20.54 -19.33
C ARG A 750 -11.67 19.41 -18.38
N GLN A 751 -10.64 19.65 -17.57
CA GLN A 751 -10.22 18.59 -16.66
C GLN A 751 -11.31 18.27 -15.64
N LEU A 752 -11.93 19.30 -15.06
CA LEU A 752 -13.02 19.04 -14.13
C LEU A 752 -14.24 18.47 -14.84
N VAL A 753 -14.47 18.85 -16.10
CA VAL A 753 -15.59 18.27 -16.83
C VAL A 753 -15.38 16.78 -17.02
N VAL A 754 -14.17 16.36 -17.38
CA VAL A 754 -13.95 14.92 -17.55
C VAL A 754 -13.95 14.22 -16.20
N LEU A 755 -13.53 14.91 -15.14
CA LEU A 755 -13.70 14.35 -13.80
C LEU A 755 -15.16 14.05 -13.49
N MET A 756 -16.05 15.00 -13.82
CA MET A 756 -17.47 14.76 -13.59
C MET A 756 -18.01 13.65 -14.49
N LYS A 757 -17.48 13.54 -15.71
CA LYS A 757 -17.86 12.43 -16.57
C LYS A 757 -17.49 11.09 -15.95
N THR A 758 -16.35 11.05 -15.25
CA THR A 758 -15.99 9.84 -14.52
C THR A 758 -16.93 9.60 -13.34
N MET A 759 -17.19 10.65 -12.56
CA MET A 759 -18.05 10.50 -11.39
C MET A 759 -19.44 10.02 -11.77
N ASP A 760 -19.91 10.39 -12.96
CA ASP A 760 -21.17 9.86 -13.49
C ASP A 760 -21.32 8.37 -13.28
N ASN A 761 -20.23 7.61 -13.45
CA ASN A 761 -20.28 6.17 -13.24
C ASN A 761 -19.67 5.76 -11.91
N VAL A 762 -18.74 6.54 -11.38
CA VAL A 762 -18.14 6.23 -10.08
C VAL A 762 -19.19 6.27 -8.97
N ALA A 763 -20.32 6.93 -9.22
CA ALA A 763 -21.34 7.04 -8.17
C ALA A 763 -21.87 5.67 -7.73
N THR A 764 -22.18 4.81 -8.70
CA THR A 764 -22.73 3.50 -8.34
C THR A 764 -21.70 2.66 -7.60
N PHE A 765 -20.44 2.71 -8.04
CA PHE A 765 -19.41 2.01 -7.29
C PHE A 765 -19.24 2.57 -5.89
N CYS A 766 -19.39 3.89 -5.72
CA CYS A 766 -19.28 4.47 -4.38
C CYS A 766 -20.38 3.94 -3.48
N MET A 767 -21.61 3.87 -4.00
CA MET A 767 -22.69 3.30 -3.20
C MET A 767 -22.40 1.86 -2.85
N LEU A 768 -21.89 1.08 -3.81
CA LEU A 768 -21.51 -0.30 -3.54
C LEU A 768 -20.47 -0.38 -2.44
N LEU A 769 -19.49 0.52 -2.48
CA LEU A 769 -18.44 0.53 -1.48
C LEU A 769 -19.01 0.78 -0.09
N MET A 770 -19.93 1.72 0.02
CA MET A 770 -20.48 2.01 1.34
C MET A 770 -21.32 0.85 1.83
N LEU A 771 -22.03 0.16 0.93
CA LEU A 771 -22.75 -1.05 1.32
C LEU A 771 -21.78 -2.09 1.87
N PHE A 772 -20.68 -2.31 1.17
CA PHE A 772 -19.70 -3.31 1.58
C PHE A 772 -19.10 -2.95 2.95
N ILE A 773 -18.69 -1.69 3.12
CA ILE A 773 -18.11 -1.26 4.38
C ILE A 773 -19.13 -1.36 5.50
N PHE A 774 -20.39 -1.05 5.22
CA PHE A 774 -21.40 -1.14 6.27
C PHE A 774 -21.62 -2.59 6.68
N ILE A 775 -21.69 -3.52 5.72
CA ILE A 775 -21.87 -4.92 6.06
C ILE A 775 -20.73 -5.40 6.93
N PHE A 776 -19.49 -5.07 6.54
CA PHE A 776 -18.38 -5.56 7.33
C PHE A 776 -18.29 -4.89 8.69
N SER A 777 -18.69 -3.62 8.79
CA SER A 777 -18.71 -2.97 10.09
C SER A 777 -19.72 -3.63 11.01
N ILE A 778 -20.90 -3.96 10.48
CA ILE A 778 -21.88 -4.67 11.30
C ILE A 778 -21.33 -6.01 11.75
N LEU A 779 -20.72 -6.76 10.84
CA LEU A 779 -20.18 -8.07 11.19
C LEU A 779 -19.11 -7.95 12.27
N GLY A 780 -18.19 -7.00 12.11
CA GLY A 780 -17.16 -6.80 13.12
C GLY A 780 -17.75 -6.42 14.45
N MET A 781 -18.76 -5.54 14.45
CA MET A 781 -19.35 -5.11 15.70
C MET A 781 -20.06 -6.27 16.39
N HIS A 782 -20.55 -7.24 15.61
CA HIS A 782 -21.03 -8.48 16.24
C HIS A 782 -19.88 -9.27 16.85
N ILE A 783 -18.95 -9.76 16.03
CA ILE A 783 -18.05 -10.78 16.54
C ILE A 783 -17.00 -10.21 17.49
N PHE A 784 -16.71 -8.92 17.41
CA PHE A 784 -15.72 -8.28 18.27
C PHE A 784 -16.35 -7.36 19.29
N GLY A 785 -17.67 -7.34 19.40
CA GLY A 785 -18.35 -6.41 20.27
C GLY A 785 -17.93 -6.47 21.72
N CYS A 786 -17.47 -5.35 22.25
CA CYS A 786 -17.09 -5.19 23.65
C CYS A 786 -16.05 -6.20 24.08
N LYS A 787 -15.19 -6.65 23.16
CA LYS A 787 -14.14 -7.60 23.49
C LYS A 787 -12.75 -6.99 23.43
N PHE A 788 -12.64 -5.71 23.12
CA PHE A 788 -11.34 -5.04 23.08
C PHE A 788 -11.04 -4.24 24.33
N SER A 789 -11.57 -4.65 25.48
CA SER A 789 -11.35 -3.85 26.68
C SER A 789 -9.89 -3.93 27.08
N LEU A 790 -9.12 -2.91 26.74
CA LEU A 790 -7.74 -2.84 27.19
C LEU A 790 -7.70 -2.73 28.71
N ARG A 791 -6.84 -3.54 29.33
CA ARG A 791 -6.83 -3.65 30.78
C ARG A 791 -6.45 -2.32 31.43
N THR A 792 -6.57 -2.28 32.75
CA THR A 792 -6.39 -1.03 33.47
C THR A 792 -4.98 -0.46 33.26
N ASP A 793 -4.93 0.87 33.12
CA ASP A 793 -3.66 1.58 33.01
C ASP A 793 -3.53 2.73 33.99
N THR A 794 -4.63 3.40 34.34
CA THR A 794 -4.64 4.40 35.40
C THR A 794 -5.78 4.15 36.38
N GLY A 795 -6.23 2.90 36.47
CA GLY A 795 -7.31 2.53 37.36
C GLY A 795 -8.55 2.01 36.67
N ASP A 796 -8.68 2.20 35.36
CA ASP A 796 -9.88 1.79 34.65
C ASP A 796 -9.48 1.14 33.33
N THR A 797 -10.34 0.24 32.84
CA THR A 797 -10.11 -0.44 31.58
C THR A 797 -10.59 0.46 30.45
N VAL A 798 -9.71 1.34 30.00
CA VAL A 798 -10.04 2.23 28.88
C VAL A 798 -10.14 1.42 27.60
N PRO A 799 -11.21 1.55 26.83
CA PRO A 799 -11.27 0.86 25.54
C PRO A 799 -10.22 1.38 24.58
N ASP A 800 -9.75 0.49 23.71
CA ASP A 800 -8.87 0.91 22.63
C ASP A 800 -9.63 1.85 21.70
N ARG A 801 -8.93 2.87 21.22
CA ARG A 801 -9.55 3.83 20.31
C ARG A 801 -10.02 3.15 19.03
N LYS A 802 -9.45 1.99 18.70
CA LYS A 802 -9.77 1.24 17.48
C LYS A 802 -10.81 0.17 17.74
N ASN A 803 -11.64 0.35 18.76
CA ASN A 803 -12.53 -0.72 19.19
C ASN A 803 -13.69 -0.87 18.21
N PHE A 804 -14.63 -1.73 18.55
CA PHE A 804 -15.77 -2.04 17.70
C PHE A 804 -17.07 -1.81 18.47
N ASP A 805 -17.00 -1.07 19.57
CA ASP A 805 -18.11 -0.99 20.51
C ASP A 805 -19.30 -0.19 19.99
N SER A 806 -19.08 0.81 19.15
CA SER A 806 -20.16 1.66 18.69
C SER A 806 -20.07 1.79 17.18
N LEU A 807 -21.23 1.67 16.51
CA LEU A 807 -21.25 1.57 15.05
C LEU A 807 -20.44 2.67 14.38
N LEU A 808 -20.37 3.86 14.98
CA LEU A 808 -19.48 4.89 14.44
C LEU A 808 -18.04 4.41 14.46
N TRP A 809 -17.59 3.90 15.60
CA TRP A 809 -16.24 3.38 15.67
C TRP A 809 -16.08 2.15 14.82
N ALA A 810 -17.15 1.36 14.66
CA ALA A 810 -17.06 0.21 13.77
C ALA A 810 -16.75 0.64 12.34
N ILE A 811 -17.47 1.65 11.83
CA ILE A 811 -17.24 2.07 10.45
C ILE A 811 -15.88 2.74 10.31
N VAL A 812 -15.51 3.61 11.24
CA VAL A 812 -14.23 4.28 11.08
C VAL A 812 -13.09 3.28 11.21
N THR A 813 -13.26 2.23 12.03
CA THR A 813 -12.22 1.22 12.14
C THR A 813 -12.15 0.34 10.91
N VAL A 814 -13.31 0.01 10.31
CA VAL A 814 -13.26 -0.77 9.08
C VAL A 814 -12.63 0.04 7.96
N PHE A 815 -12.92 1.34 7.91
CA PHE A 815 -12.26 2.17 6.91
C PHE A 815 -10.75 2.23 7.17
N GLN A 816 -10.36 2.36 8.42
CA GLN A 816 -8.95 2.30 8.77
C GLN A 816 -8.30 1.03 8.25
N ILE A 817 -8.91 -0.12 8.53
CA ILE A 817 -8.34 -1.39 8.09
C ILE A 817 -8.26 -1.42 6.58
N LEU A 818 -9.30 -0.96 5.89
CA LEU A 818 -9.27 -0.92 4.44
C LEU A 818 -8.12 -0.06 3.94
N THR A 819 -7.72 0.96 4.70
CA THR A 819 -6.57 1.76 4.30
C THR A 819 -5.25 1.15 4.74
N GLN A 820 -5.27 -0.01 5.38
CA GLN A 820 -4.06 -0.74 5.76
C GLN A 820 -3.11 0.14 6.55
N GLU A 821 -3.59 0.70 7.66
CA GLU A 821 -2.73 1.46 8.54
C GLU A 821 -3.04 1.06 9.96
N ASP A 822 -2.05 0.52 10.66
CA ASP A 822 -2.24 -0.03 12.00
C ASP A 822 -3.38 -1.04 12.01
N TRP A 823 -3.54 -1.77 10.91
CA TRP A 823 -4.50 -2.87 10.92
C TRP A 823 -3.95 -4.08 11.64
N ASN A 824 -2.63 -4.18 11.80
CA ASN A 824 -2.09 -5.30 12.56
C ASN A 824 -2.40 -5.16 14.03
N VAL A 825 -2.50 -3.94 14.55
CA VAL A 825 -2.87 -3.77 15.95
C VAL A 825 -4.27 -4.32 16.19
N VAL A 826 -5.21 -4.00 15.31
CA VAL A 826 -6.55 -4.57 15.41
C VAL A 826 -6.49 -6.07 15.24
N LEU A 827 -5.69 -6.56 14.30
CA LEU A 827 -5.59 -8.00 14.07
C LEU A 827 -5.15 -8.71 15.34
N TYR A 828 -4.06 -8.26 15.94
CA TYR A 828 -3.56 -8.92 17.14
C TYR A 828 -4.54 -8.78 18.28
N ASN A 829 -5.01 -7.57 18.54
CA ASN A 829 -5.88 -7.32 19.68
C ASN A 829 -7.23 -7.98 19.52
N GLY A 830 -7.59 -8.45 18.33
CA GLY A 830 -8.80 -9.18 18.18
C GLY A 830 -8.57 -10.67 18.20
N MET A 831 -7.58 -11.12 17.45
CA MET A 831 -7.28 -12.53 17.33
C MET A 831 -6.75 -13.11 18.62
N ALA A 832 -6.27 -12.29 19.55
CA ALA A 832 -5.96 -12.75 20.89
C ALA A 832 -7.14 -12.62 21.84
N SER A 833 -8.27 -12.09 21.36
CA SER A 833 -9.46 -11.93 22.19
C SER A 833 -10.44 -13.07 21.98
N THR A 834 -10.91 -13.28 20.74
CA THR A 834 -11.85 -14.36 20.49
C THR A 834 -11.13 -15.69 20.29
N SER A 835 -10.35 -15.79 19.22
CA SER A 835 -9.73 -17.05 18.82
C SER A 835 -8.83 -16.81 17.61
N PRO A 836 -7.83 -17.67 17.37
CA PRO A 836 -6.93 -17.44 16.25
C PRO A 836 -7.62 -17.44 14.90
N TRP A 837 -8.80 -18.03 14.79
CA TRP A 837 -9.50 -18.03 13.51
C TRP A 837 -10.12 -16.68 13.17
N ALA A 838 -10.09 -15.71 14.09
CA ALA A 838 -10.66 -14.41 13.79
C ALA A 838 -9.89 -13.66 12.73
N SER A 839 -8.70 -14.13 12.35
CA SER A 839 -7.96 -13.49 11.29
C SER A 839 -8.61 -13.68 9.93
N LEU A 840 -9.48 -14.68 9.79
CA LEU A 840 -10.18 -14.84 8.52
C LEU A 840 -11.06 -13.64 8.23
N TYR A 841 -11.60 -13.00 9.27
CA TYR A 841 -12.39 -11.80 9.05
C TYR A 841 -11.57 -10.69 8.43
N PHE A 842 -10.42 -10.38 9.04
CA PHE A 842 -9.57 -9.34 8.48
C PHE A 842 -9.09 -9.70 7.09
N VAL A 843 -8.76 -10.97 6.86
CA VAL A 843 -8.29 -11.37 5.53
C VAL A 843 -9.39 -11.18 4.51
N ALA A 844 -10.61 -11.62 4.83
CA ALA A 844 -11.72 -11.47 3.89
C ALA A 844 -11.97 -10.01 3.60
N LEU A 845 -12.02 -9.18 4.64
CA LEU A 845 -12.24 -7.75 4.45
C LEU A 845 -11.17 -7.15 3.56
N MET A 846 -9.90 -7.23 3.99
CA MET A 846 -8.82 -6.59 3.25
C MET A 846 -8.75 -7.10 1.82
N THR A 847 -8.79 -8.41 1.62
CA THR A 847 -8.71 -8.94 0.26
C THR A 847 -9.88 -8.46 -0.58
N PHE A 848 -11.11 -8.85 -0.20
CA PHE A 848 -12.27 -8.59 -1.05
C PHE A 848 -12.41 -7.09 -1.31
N GLY A 849 -12.09 -6.25 -0.34
CA GLY A 849 -12.10 -4.84 -0.63
C GLY A 849 -10.97 -4.41 -1.54
N ASN A 850 -9.75 -4.41 -1.00
CA ASN A 850 -8.61 -3.77 -1.65
C ASN A 850 -8.33 -4.36 -3.03
N TYR A 851 -8.24 -5.69 -3.12
CA TYR A 851 -7.76 -6.30 -4.34
C TYR A 851 -8.88 -6.72 -5.29
N VAL A 852 -10.14 -6.43 -4.95
CA VAL A 852 -11.22 -6.73 -5.88
C VAL A 852 -12.01 -5.48 -6.18
N LEU A 853 -12.64 -4.88 -5.17
CA LEU A 853 -13.50 -3.73 -5.45
C LEU A 853 -12.70 -2.57 -6.02
N PHE A 854 -11.53 -2.32 -5.46
N PHE A 854 -11.52 -2.33 -5.45
CA PHE A 854 -10.78 -1.12 -5.92
CA PHE A 854 -10.74 -1.17 -5.85
C PHE A 854 -10.25 -1.41 -7.31
C PHE A 854 -10.14 -1.36 -7.24
N ASN A 855 -9.71 -2.59 -7.56
CA ASN A 855 -9.28 -2.89 -8.91
C ASN A 855 -10.46 -2.78 -9.87
N LEU A 856 -11.67 -3.09 -9.39
CA LEU A 856 -12.87 -2.87 -10.20
C LEU A 856 -13.06 -1.39 -10.50
N LEU A 857 -12.84 -0.53 -9.50
CA LEU A 857 -12.94 0.90 -9.73
C LEU A 857 -11.92 1.38 -10.75
N VAL A 858 -10.68 0.91 -10.61
CA VAL A 858 -9.65 1.27 -11.58
C VAL A 858 -10.05 0.81 -12.98
N ALA A 859 -10.59 -0.39 -13.08
CA ALA A 859 -11.05 -0.89 -14.38
C ALA A 859 -12.18 -0.02 -14.92
N ILE A 860 -13.10 0.40 -14.06
CA ILE A 860 -14.19 1.26 -14.49
C ILE A 860 -13.66 2.53 -15.11
N LEU A 861 -12.72 3.19 -14.43
CA LEU A 861 -12.15 4.42 -15.00
C LEU A 861 -11.44 4.13 -16.31
N VAL A 862 -10.59 3.11 -16.35
CA VAL A 862 -9.77 2.86 -17.53
C VAL A 862 -10.66 2.57 -18.73
N GLU A 863 -11.65 1.70 -18.55
CA GLU A 863 -12.55 1.39 -19.66
C GLU A 863 -13.44 2.58 -20.01
N GLY A 864 -13.78 3.43 -19.04
CA GLY A 864 -14.54 4.61 -19.35
C GLY A 864 -13.79 5.56 -20.27
N PHE A 865 -12.50 5.70 -20.07
CA PHE A 865 -11.80 6.71 -20.89
C PHE A 865 -11.41 6.10 -22.22
N GLN A 866 -11.88 4.89 -22.49
CA GLN A 866 -11.45 4.18 -23.73
C GLN A 866 -9.95 4.27 -23.86
N GLN A 1164 36.67 19.15 -35.12
CA GLN A 1164 37.97 19.71 -35.47
C GLN A 1164 39.07 18.66 -35.39
N THR A 1165 39.56 18.42 -34.18
CA THR A 1165 40.61 17.43 -33.97
C THR A 1165 40.08 16.04 -34.29
N ILE A 1166 41.00 15.10 -34.49
CA ILE A 1166 40.61 13.71 -34.74
C ILE A 1166 39.76 13.20 -33.58
N ILE A 1167 38.64 12.56 -33.91
CA ILE A 1167 37.63 12.16 -32.95
C ILE A 1167 37.28 10.69 -33.17
N ALA A 1168 37.25 9.93 -32.08
CA ALA A 1168 36.88 8.51 -32.12
C ALA A 1168 35.72 8.26 -31.17
N HIS A 1169 34.69 7.58 -31.65
CA HIS A 1169 33.52 7.20 -30.85
C HIS A 1169 33.12 5.75 -31.10
N LYS A 1170 34.08 4.83 -31.04
CA LYS A 1170 33.73 3.43 -31.30
C LYS A 1170 33.17 2.75 -30.06
N LEU A 1171 33.95 2.70 -28.97
CA LEU A 1171 33.52 2.04 -27.74
C LEU A 1171 33.69 2.94 -26.52
N PHE A 1172 33.50 4.25 -26.68
CA PHE A 1172 33.75 5.18 -25.58
C PHE A 1172 32.69 5.08 -24.50
N ASP A 1173 31.43 4.88 -24.90
CA ASP A 1173 30.33 4.90 -23.95
C ASP A 1173 30.46 3.79 -22.91
N TYR A 1174 30.81 2.58 -23.33
CA TYR A 1174 30.94 1.50 -22.36
C TYR A 1174 32.07 1.75 -21.37
N VAL A 1175 33.20 2.29 -21.82
CA VAL A 1175 34.30 2.52 -20.89
C VAL A 1175 33.96 3.65 -19.93
N VAL A 1176 33.26 4.68 -20.40
CA VAL A 1176 32.89 5.72 -19.43
C VAL A 1176 31.84 5.19 -18.46
N LEU A 1177 30.99 4.27 -18.89
CA LEU A 1177 30.05 3.65 -17.96
C LEU A 1177 30.78 2.81 -16.92
N ALA A 1178 31.84 2.11 -17.33
CA ALA A 1178 32.68 1.42 -16.37
C ALA A 1178 33.27 2.40 -15.37
N PHE A 1179 33.70 3.54 -15.88
CA PHE A 1179 34.36 4.45 -14.93
C PHE A 1179 33.31 4.86 -13.92
N ILE A 1180 32.05 4.95 -14.33
CA ILE A 1180 31.02 5.48 -13.37
C ILE A 1180 30.81 4.40 -12.32
N PHE A 1181 30.72 3.15 -12.75
CA PHE A 1181 30.56 2.03 -11.81
C PHE A 1181 31.60 2.24 -10.73
N LEU A 1182 32.84 2.41 -11.14
CA LEU A 1182 33.92 2.59 -10.15
C LEU A 1182 33.58 3.81 -9.32
N ASN A 1183 33.22 4.91 -9.94
CA ASN A 1183 32.99 6.13 -9.14
C ASN A 1183 31.86 5.84 -8.16
N CYS A 1184 30.90 5.04 -8.56
CA CYS A 1184 29.75 4.84 -7.66
C CYS A 1184 30.19 3.97 -6.49
N ILE A 1185 31.17 3.10 -6.66
CA ILE A 1185 31.67 2.31 -5.49
C ILE A 1185 32.70 3.16 -4.80
N THR A 1186 32.85 4.37 -5.25
CA THR A 1186 33.72 5.22 -4.45
C THR A 1186 32.67 6.01 -3.77
N ILE A 1187 31.47 6.02 -4.34
CA ILE A 1187 30.52 6.90 -3.67
C ILE A 1187 29.77 6.13 -2.59
N ALA A 1188 29.74 4.85 -2.70
CA ALA A 1188 29.09 4.00 -1.73
C ALA A 1188 29.93 3.78 -0.45
N LEU A 1189 30.97 4.55 -0.12
CA LEU A 1189 31.75 4.30 1.09
C LEU A 1189 31.85 5.48 2.05
N GLU A 1190 31.57 6.71 1.61
CA GLU A 1190 31.76 7.87 2.47
C GLU A 1190 30.71 7.90 3.58
N ARG A 1191 30.84 6.96 4.50
CA ARG A 1191 30.07 7.02 5.73
C ARG A 1191 30.67 8.07 6.65
N PRO A 1192 29.85 8.79 7.39
CA PRO A 1192 30.36 9.82 8.30
C PRO A 1192 30.94 9.23 9.58
N GLN A 1193 31.76 8.19 9.43
CA GLN A 1193 32.39 7.52 10.54
C GLN A 1193 33.85 7.20 10.26
N ILE A 1194 34.29 7.24 9.01
CA ILE A 1194 35.70 7.05 8.69
C ILE A 1194 36.50 8.16 9.31
N GLU A 1195 37.49 7.80 10.13
CA GLU A 1195 38.32 8.78 10.80
C GLU A 1195 39.13 9.58 9.79
N ALA A 1196 39.17 10.90 9.99
CA ALA A 1196 39.89 11.78 9.09
C ALA A 1196 41.37 11.42 9.08
N GLY A 1197 41.96 11.38 7.89
CA GLY A 1197 43.35 11.00 7.75
C GLY A 1197 43.62 9.51 7.74
N SER A 1198 42.57 8.69 7.68
CA SER A 1198 42.76 7.25 7.59
C SER A 1198 43.15 6.86 6.17
N THR A 1199 43.44 5.58 5.98
CA THR A 1199 43.75 5.09 4.64
C THR A 1199 42.54 5.19 3.72
N GLU A 1200 41.34 4.91 4.26
CA GLU A 1200 40.14 4.96 3.44
C GLU A 1200 39.84 6.39 2.99
N ARG A 1201 40.02 7.36 3.89
CA ARG A 1201 39.76 8.75 3.53
C ARG A 1201 40.68 9.19 2.39
N ILE A 1202 41.97 8.83 2.50
CA ILE A 1202 42.93 9.18 1.46
C ILE A 1202 42.56 8.49 0.15
N PHE A 1203 42.19 7.21 0.22
CA PHE A 1203 41.81 6.49 -0.99
C PHE A 1203 40.62 7.16 -1.66
N LEU A 1204 39.62 7.55 -0.87
CA LEU A 1204 38.45 8.21 -1.45
C LEU A 1204 38.85 9.54 -2.10
N THR A 1205 39.71 10.32 -1.45
CA THR A 1205 40.11 11.60 -2.01
C THR A 1205 40.83 11.41 -3.33
N VAL A 1206 41.77 10.46 -3.39
CA VAL A 1206 42.52 10.27 -4.63
C VAL A 1206 41.63 9.69 -5.72
N SER A 1207 40.68 8.81 -5.35
CA SER A 1207 39.74 8.29 -6.33
C SER A 1207 38.88 9.40 -6.91
N ASN A 1208 38.41 10.31 -6.05
CA ASN A 1208 37.67 11.46 -6.55
C ASN A 1208 38.53 12.29 -7.49
N TYR A 1209 39.79 12.50 -7.13
CA TYR A 1209 40.70 13.25 -7.98
C TYR A 1209 40.76 12.65 -9.38
N ILE A 1210 41.04 11.35 -9.47
CA ILE A 1210 41.25 10.74 -10.78
C ILE A 1210 39.94 10.68 -11.56
N PHE A 1211 38.82 10.41 -10.87
CA PHE A 1211 37.54 10.33 -11.57
C PHE A 1211 37.14 11.69 -12.13
N THR A 1212 37.37 12.75 -11.37
CA THR A 1212 37.12 14.09 -11.88
C THR A 1212 38.01 14.40 -13.07
N ALA A 1213 39.27 13.96 -13.00
CA ALA A 1213 40.16 14.14 -14.15
C ALA A 1213 39.62 13.46 -15.38
N ILE A 1214 39.17 12.21 -15.23
CA ILE A 1214 38.65 11.46 -16.38
C ILE A 1214 37.41 12.15 -16.95
N PHE A 1215 36.52 12.61 -16.07
CA PHE A 1215 35.27 13.20 -16.56
C PHE A 1215 35.51 14.55 -17.22
N VAL A 1216 36.39 15.38 -16.66
CA VAL A 1216 36.70 16.63 -17.34
C VAL A 1216 37.42 16.36 -18.66
N GLY A 1217 38.22 15.30 -18.72
CA GLY A 1217 38.85 14.96 -19.99
C GLY A 1217 37.85 14.58 -21.05
N GLU A 1218 36.87 13.76 -20.69
CA GLU A 1218 35.86 13.39 -21.68
C GLU A 1218 34.99 14.59 -22.05
N MET A 1219 34.76 15.50 -21.10
CA MET A 1219 34.06 16.74 -21.40
C MET A 1219 34.82 17.55 -22.45
N THR A 1220 36.14 17.69 -22.26
CA THR A 1220 36.94 18.42 -23.23
C THR A 1220 36.92 17.73 -24.59
N LEU A 1221 37.02 16.40 -24.60
CA LEU A 1221 36.96 15.68 -25.87
C LEU A 1221 35.66 15.97 -26.60
N LYS A 1222 34.54 15.90 -25.88
CA LYS A 1222 33.26 16.14 -26.52
C LYS A 1222 33.16 17.58 -27.04
N VAL A 1223 33.62 18.55 -26.26
CA VAL A 1223 33.43 19.94 -26.68
C VAL A 1223 34.32 20.26 -27.88
N VAL A 1224 35.56 19.76 -27.90
CA VAL A 1224 36.38 20.00 -29.08
C VAL A 1224 35.81 19.24 -30.28
N SER A 1225 35.13 18.11 -30.03
CA SER A 1225 34.43 17.46 -31.13
C SER A 1225 33.30 18.32 -31.67
N LEU A 1226 32.58 19.01 -30.79
CA LEU A 1226 31.40 19.77 -31.21
C LEU A 1226 31.55 21.26 -31.04
N GLY A 1227 31.89 21.74 -29.85
CA GLY A 1227 31.86 23.16 -29.56
C GLY A 1227 30.72 23.46 -28.62
N LEU A 1228 30.95 24.41 -27.71
CA LEU A 1228 30.00 24.67 -26.63
C LEU A 1228 28.65 25.13 -27.17
N TYR A 1229 28.61 26.30 -27.81
CA TYR A 1229 27.37 26.82 -28.34
C TYR A 1229 27.56 27.48 -29.70
N PHE A 1230 28.67 27.19 -30.38
CA PHE A 1230 29.00 27.83 -31.65
C PHE A 1230 28.15 27.20 -32.74
N GLY A 1231 26.91 27.66 -32.84
CA GLY A 1231 26.00 27.19 -33.87
C GLY A 1231 25.30 25.90 -33.49
N GLU A 1232 24.55 25.38 -34.47
CA GLU A 1232 23.75 24.19 -34.27
C GLU A 1232 24.64 22.95 -34.16
N GLN A 1233 24.08 21.90 -33.56
CA GLN A 1233 24.77 20.63 -33.36
C GLN A 1233 26.03 20.83 -32.51
N ALA A 1234 25.97 21.78 -31.60
CA ALA A 1234 27.06 22.06 -30.68
C ALA A 1234 27.02 21.06 -29.54
N TYR A 1235 27.80 21.33 -28.49
CA TYR A 1235 27.77 20.47 -27.31
C TYR A 1235 26.50 20.69 -26.50
N LEU A 1236 26.11 21.94 -26.29
CA LEU A 1236 25.01 22.27 -25.39
C LEU A 1236 23.67 22.29 -26.08
N ARG A 1237 23.52 21.62 -27.22
CA ARG A 1237 22.23 21.50 -27.90
C ARG A 1237 21.44 20.29 -27.44
N SER A 1238 21.94 19.54 -26.47
CA SER A 1238 21.23 18.38 -25.94
C SER A 1238 21.21 18.45 -24.42
N SER A 1239 20.11 17.97 -23.84
CA SER A 1239 19.90 18.09 -22.40
C SER A 1239 20.95 17.32 -21.61
N TRP A 1240 21.26 16.09 -22.03
CA TRP A 1240 22.17 15.25 -21.29
C TRP A 1240 23.57 15.84 -21.24
N ASN A 1241 24.02 16.43 -22.35
CA ASN A 1241 25.31 17.10 -22.35
C ASN A 1241 25.31 18.27 -21.38
N VAL A 1242 24.20 19.00 -21.31
CA VAL A 1242 24.09 20.08 -20.35
C VAL A 1242 24.21 19.54 -18.93
N LEU A 1243 23.56 18.40 -18.66
CA LEU A 1243 23.64 17.80 -17.34
C LEU A 1243 25.08 17.43 -17.00
N ASP A 1244 25.77 16.79 -17.94
CA ASP A 1244 27.16 16.39 -17.70
C ASP A 1244 28.04 17.61 -17.45
N GLY A 1245 27.83 18.68 -18.21
CA GLY A 1245 28.57 19.90 -17.97
C GLY A 1245 28.28 20.48 -16.60
N PHE A 1246 27.02 20.44 -16.18
CA PHE A 1246 26.68 20.90 -14.84
C PHE A 1246 27.43 20.12 -13.78
N LEU A 1247 27.41 18.79 -13.89
CA LEU A 1247 28.11 17.97 -12.91
C LEU A 1247 29.61 18.27 -12.89
N VAL A 1248 30.23 18.40 -14.06
CA VAL A 1248 31.67 18.63 -14.06
C VAL A 1248 31.99 20.00 -13.50
N PHE A 1249 31.14 21.00 -13.76
CA PHE A 1249 31.36 22.32 -13.19
C PHE A 1249 31.24 22.30 -11.67
N VAL A 1250 30.23 21.60 -11.14
CA VAL A 1250 30.14 21.46 -9.69
C VAL A 1250 31.35 20.73 -9.14
N SER A 1251 31.85 19.75 -9.88
CA SER A 1251 33.05 19.04 -9.44
C SER A 1251 34.24 19.98 -9.32
N ILE A 1252 34.43 20.84 -10.33
CA ILE A 1252 35.55 21.78 -10.30
C ILE A 1252 35.39 22.75 -9.14
N ILE A 1253 34.17 23.27 -8.96
CA ILE A 1253 33.94 24.17 -7.84
C ILE A 1253 34.27 23.47 -6.53
N ASP A 1254 33.85 22.21 -6.38
CA ASP A 1254 34.07 21.49 -5.15
C ASP A 1254 35.56 21.32 -4.88
N ILE A 1255 36.32 20.88 -5.89
CA ILE A 1255 37.74 20.65 -5.66
C ILE A 1255 38.45 21.95 -5.32
N VAL A 1256 38.09 23.05 -6.01
CA VAL A 1256 38.73 24.34 -5.74
C VAL A 1256 38.43 24.78 -4.31
N VAL A 1257 37.17 24.69 -3.89
CA VAL A 1257 36.83 25.11 -2.54
C VAL A 1257 37.49 24.21 -1.51
N SER A 1258 37.56 22.91 -1.79
CA SER A 1258 38.19 21.98 -0.87
C SER A 1258 39.65 22.32 -0.65
N LEU A 1259 40.36 22.67 -1.72
CA LEU A 1259 41.73 23.11 -1.56
C LEU A 1259 41.83 24.44 -0.82
N ALA A 1260 40.72 25.15 -0.69
CA ALA A 1260 40.65 26.35 0.13
C ALA A 1260 40.17 26.07 1.55
N SER A 1261 40.47 24.87 2.07
CA SER A 1261 40.00 24.47 3.39
C SER A 1261 40.47 25.43 4.47
N ALA A 1262 41.66 26.01 4.32
CA ALA A 1262 42.14 27.02 5.25
C ALA A 1262 41.17 28.19 5.30
N GLY A 1263 40.82 28.64 6.50
CA GLY A 1263 39.79 29.64 6.65
C GLY A 1263 38.41 29.05 6.40
N GLY A 1264 38.10 27.97 7.12
CA GLY A 1264 36.87 27.23 6.92
C GLY A 1264 35.64 27.86 7.52
N ALA A 1265 35.76 28.98 8.20
CA ALA A 1265 34.61 29.67 8.75
C ALA A 1265 33.76 30.27 7.63
N LYS A 1266 32.45 30.18 7.81
CA LYS A 1266 31.43 30.75 6.93
C LYS A 1266 31.36 30.07 5.57
N ILE A 1267 32.22 29.12 5.27
CA ILE A 1267 32.17 28.36 4.03
C ILE A 1267 31.74 26.92 4.28
N LEU A 1268 31.43 26.56 5.52
CA LEU A 1268 31.01 25.19 5.82
C LEU A 1268 29.73 24.85 5.07
N GLY A 1269 28.76 25.77 5.05
CA GLY A 1269 27.53 25.53 4.31
C GLY A 1269 27.79 25.29 2.84
N VAL A 1270 28.74 26.03 2.26
CA VAL A 1270 29.12 25.80 0.88
C VAL A 1270 29.64 24.38 0.71
N LEU A 1271 30.48 23.93 1.64
CA LEU A 1271 30.99 22.57 1.55
C LEU A 1271 29.88 21.55 1.63
N ARG A 1272 28.92 21.77 2.53
CA ARG A 1272 27.78 20.85 2.64
C ARG A 1272 27.03 20.77 1.33
N VAL A 1273 26.75 21.93 0.72
CA VAL A 1273 25.98 21.93 -0.53
C VAL A 1273 26.79 21.27 -1.64
N LEU A 1274 28.11 21.47 -1.65
CA LEU A 1274 28.92 20.85 -2.69
C LEU A 1274 28.98 19.33 -2.54
N ARG A 1275 29.03 18.83 -1.30
CA ARG A 1275 28.90 17.38 -1.11
C ARG A 1275 27.55 16.89 -1.60
N LEU A 1276 26.48 17.60 -1.24
CA LEU A 1276 25.14 17.21 -1.68
C LEU A 1276 25.09 17.08 -3.20
N LEU A 1277 25.62 18.07 -3.90
CA LEU A 1277 25.62 18.02 -5.35
C LEU A 1277 26.59 16.98 -5.89
N ARG A 1278 27.62 16.61 -5.13
CA ARG A 1278 28.44 15.46 -5.51
C ARG A 1278 27.61 14.20 -5.56
N THR A 1279 26.71 14.01 -4.60
CA THR A 1279 26.01 12.73 -4.49
C THR A 1279 25.06 12.51 -5.67
N LEU A 1280 24.82 13.54 -6.46
CA LEU A 1280 23.94 13.39 -7.62
C LEU A 1280 24.68 12.83 -8.83
N ARG A 1281 26.01 12.71 -8.75
CA ARG A 1281 26.81 12.32 -9.91
C ARG A 1281 26.48 10.96 -10.48
N PRO A 1282 26.03 9.97 -9.70
CA PRO A 1282 25.58 8.71 -10.33
C PRO A 1282 24.29 8.88 -11.10
N LEU A 1283 24.27 9.80 -12.05
CA LEU A 1283 23.11 10.04 -12.88
C LEU A 1283 23.47 10.13 -14.36
N ARG A 1284 24.74 9.96 -14.69
CA ARG A 1284 25.18 9.99 -16.08
C ARG A 1284 24.93 8.68 -16.82
N VAL A 1285 24.56 7.62 -16.10
CA VAL A 1285 24.26 6.35 -16.76
C VAL A 1285 23.12 6.52 -17.75
N ILE A 1286 22.12 7.32 -17.39
CA ILE A 1286 20.97 7.52 -18.26
C ILE A 1286 21.43 8.02 -19.63
N SER A 1287 22.31 9.02 -19.64
CA SER A 1287 22.85 9.49 -20.91
C SER A 1287 23.70 8.41 -21.58
N ARG A 1288 24.57 7.75 -20.82
CA ARG A 1288 25.53 6.83 -21.39
C ARG A 1288 25.00 5.40 -21.50
N ALA A 1289 23.68 5.24 -21.55
CA ALA A 1289 23.07 3.94 -21.79
C ALA A 1289 21.79 4.21 -22.56
N PRO A 1290 21.52 3.48 -23.64
CA PRO A 1290 20.37 3.83 -24.48
C PRO A 1290 19.02 3.52 -23.87
N GLY A 1291 18.89 2.35 -23.25
CA GLY A 1291 17.59 1.95 -22.73
C GLY A 1291 17.09 2.89 -21.65
N LEU A 1292 17.96 3.23 -20.70
CA LEU A 1292 17.56 4.17 -19.66
C LEU A 1292 17.21 5.53 -20.25
N LYS A 1293 17.98 5.99 -21.24
CA LYS A 1293 17.65 7.27 -21.85
C LYS A 1293 16.26 7.25 -22.45
N LEU A 1294 15.96 6.21 -23.23
CA LEU A 1294 14.64 6.11 -23.85
C LEU A 1294 13.54 6.05 -22.80
N VAL A 1295 13.77 5.29 -21.74
CA VAL A 1295 12.75 5.14 -20.71
C VAL A 1295 12.52 6.45 -19.98
N VAL A 1296 13.58 7.20 -19.70
CA VAL A 1296 13.40 8.49 -19.03
C VAL A 1296 12.63 9.44 -19.93
N GLU A 1297 12.95 9.46 -21.22
CA GLU A 1297 12.16 10.30 -22.13
C GLU A 1297 10.69 9.86 -22.13
N THR A 1298 10.44 8.56 -22.13
CA THR A 1298 9.05 8.09 -22.12
C THR A 1298 8.34 8.49 -20.83
N LEU A 1299 9.04 8.41 -19.69
CA LEU A 1299 8.46 8.85 -18.44
C LEU A 1299 8.06 10.31 -18.53
N ILE A 1300 8.99 11.16 -18.96
CA ILE A 1300 8.69 12.59 -19.02
C ILE A 1300 7.56 12.86 -19.99
N SER A 1301 7.53 12.14 -21.11
CA SER A 1301 6.45 12.32 -22.08
C SER A 1301 5.11 11.94 -21.49
N SER A 1302 5.03 10.86 -20.73
CA SER A 1302 3.80 10.46 -20.06
C SER A 1302 3.46 11.36 -18.88
N LEU A 1303 4.42 12.13 -18.38
CA LEU A 1303 4.20 13.00 -17.24
C LEU A 1303 3.39 14.24 -17.57
N LYS A 1304 3.36 14.67 -18.83
CA LYS A 1304 2.60 15.88 -19.16
C LYS A 1304 1.10 15.65 -19.20
N PRO A 1305 0.57 14.56 -19.78
CA PRO A 1305 -0.88 14.41 -19.83
C PRO A 1305 -1.55 14.26 -18.47
N ILE A 1306 -0.79 14.14 -17.40
CA ILE A 1306 -1.36 14.07 -16.07
C ILE A 1306 -1.01 15.33 -15.30
N GLY A 1307 -0.43 16.30 -15.99
CA GLY A 1307 -0.06 17.54 -15.32
C GLY A 1307 -1.27 18.29 -14.79
N ASN A 1308 -2.36 18.29 -15.53
CA ASN A 1308 -3.56 18.99 -15.09
C ASN A 1308 -4.05 18.44 -13.76
N ILE A 1309 -4.10 17.11 -13.65
CA ILE A 1309 -4.56 16.48 -12.42
C ILE A 1309 -3.61 16.78 -11.28
N VAL A 1310 -2.30 16.83 -11.56
CA VAL A 1310 -1.33 17.15 -10.54
C VAL A 1310 -1.56 18.57 -10.01
N LEU A 1311 -1.81 19.52 -10.91
CA LEU A 1311 -2.07 20.89 -10.46
C LEU A 1311 -3.36 20.95 -9.65
N ILE A 1312 -4.39 20.21 -10.07
CA ILE A 1312 -5.63 20.21 -9.29
C ILE A 1312 -5.38 19.64 -7.91
N CYS A 1313 -4.61 18.56 -7.81
CA CYS A 1313 -4.34 17.95 -6.51
C CYS A 1313 -3.52 18.87 -5.63
N CYS A 1314 -2.56 19.60 -6.21
CA CYS A 1314 -1.80 20.57 -5.41
C CYS A 1314 -2.70 21.70 -4.94
N ALA A 1315 -3.63 22.13 -5.78
CA ALA A 1315 -4.59 23.16 -5.36
C ALA A 1315 -5.44 22.66 -4.20
N PHE A 1316 -5.90 21.42 -4.27
CA PHE A 1316 -6.64 20.86 -3.14
C PHE A 1316 -5.78 20.76 -1.90
N PHE A 1317 -4.51 20.43 -2.05
CA PHE A 1317 -3.62 20.41 -0.89
C PHE A 1317 -3.56 21.78 -0.25
N ILE A 1318 -3.41 22.84 -1.04
CA ILE A 1318 -3.34 24.19 -0.47
C ILE A 1318 -4.66 24.55 0.20
N ILE A 1319 -5.79 24.26 -0.45
CA ILE A 1319 -7.08 24.62 0.10
C ILE A 1319 -7.29 23.93 1.44
N PHE A 1320 -7.10 22.62 1.48
CA PHE A 1320 -7.30 21.90 2.72
C PHE A 1320 -6.23 22.24 3.75
N GLY A 1321 -5.05 22.68 3.33
CA GLY A 1321 -4.06 23.14 4.30
C GLY A 1321 -4.52 24.39 5.01
N ILE A 1322 -5.03 25.36 4.25
CA ILE A 1322 -5.54 26.57 4.89
C ILE A 1322 -6.74 26.23 5.77
N LEU A 1323 -7.58 25.29 5.34
CA LEU A 1323 -8.69 24.87 6.18
C LEU A 1323 -8.19 24.26 7.49
N GLY A 1324 -7.18 23.40 7.41
CA GLY A 1324 -6.62 22.79 8.60
C GLY A 1324 -6.02 23.80 9.53
N VAL A 1325 -5.36 24.82 8.98
CA VAL A 1325 -4.87 25.90 9.82
C VAL A 1325 -6.02 26.59 10.52
N GLN A 1326 -7.11 26.85 9.79
CA GLN A 1326 -8.28 27.46 10.40
C GLN A 1326 -8.77 26.65 11.60
N LEU A 1327 -8.99 25.34 11.40
CA LEU A 1327 -9.54 24.53 12.47
C LEU A 1327 -8.58 24.39 13.64
N PHE A 1328 -7.33 24.04 13.37
CA PHE A 1328 -6.34 23.77 14.40
C PHE A 1328 -5.26 24.83 14.33
N LYS A 1329 -5.00 25.51 15.45
CA LYS A 1329 -3.96 26.52 15.50
C LYS A 1329 -2.82 26.13 16.43
N GLY A 1330 -3.12 25.85 17.70
CA GLY A 1330 -2.11 25.47 18.65
C GLY A 1330 -2.66 24.44 19.61
N LYS A 1331 -3.70 23.74 19.16
CA LYS A 1331 -4.34 22.73 19.97
C LYS A 1331 -3.52 21.47 20.13
N PHE A 1332 -2.49 21.29 19.31
CA PHE A 1332 -1.71 20.05 19.29
C PHE A 1332 -0.57 20.10 20.31
N TYR A 1333 -0.93 20.43 21.54
CA TYR A 1333 -0.01 20.38 22.67
C TYR A 1333 -0.62 19.52 23.75
N HIS A 1334 0.14 18.57 24.28
CA HIS A 1334 -0.39 17.68 25.30
C HIS A 1334 0.64 17.50 26.41
N CYS A 1335 0.14 17.33 27.63
CA CYS A 1335 0.97 17.26 28.83
C CYS A 1335 1.38 15.82 29.06
N LEU A 1336 2.48 15.42 28.46
CA LEU A 1336 3.02 14.08 28.60
C LEU A 1336 3.75 13.97 29.93
N GLY A 1337 3.23 13.17 30.83
CA GLY A 1337 3.83 13.01 32.13
C GLY A 1337 3.49 11.68 32.75
N VAL A 1338 3.91 11.50 34.00
CA VAL A 1338 3.64 10.25 34.71
C VAL A 1338 2.15 10.10 34.97
N ASP A 1339 1.46 11.21 35.21
CA ASP A 1339 0.02 11.18 35.45
C ASP A 1339 -0.79 11.35 34.17
N THR A 1340 -0.61 12.49 33.49
CA THR A 1340 -1.36 12.81 32.28
C THR A 1340 -2.86 12.60 32.54
N ARG A 1341 -3.28 13.05 33.72
CA ARG A 1341 -4.67 12.92 34.13
C ARG A 1341 -4.94 14.00 35.16
N ASN A 1342 -6.22 14.32 35.33
CA ASN A 1342 -6.76 15.40 36.17
C ASN A 1342 -6.04 16.72 35.96
N ILE A 1343 -5.40 16.91 34.82
CA ILE A 1343 -4.71 18.15 34.48
C ILE A 1343 -5.31 18.71 33.20
N THR A 1344 -5.61 20.00 33.21
CA THR A 1344 -6.31 20.61 32.09
C THR A 1344 -5.39 21.44 31.21
N ASN A 1345 -4.73 22.46 31.75
CA ASN A 1345 -4.04 23.44 30.95
C ASN A 1345 -2.55 23.46 31.25
N ARG A 1346 -1.83 24.25 30.46
CA ARG A 1346 -0.39 24.38 30.65
C ARG A 1346 -0.03 24.75 32.08
N SER A 1347 -0.84 25.59 32.72
CA SER A 1347 -0.56 25.97 34.10
C SER A 1347 -0.64 24.76 35.03
N ASP A 1348 -1.65 23.92 34.84
CA ASP A 1348 -1.74 22.69 35.62
C ASP A 1348 -0.57 21.77 35.31
N CYS A 1349 -0.17 21.70 34.04
CA CYS A 1349 0.94 20.84 33.67
C CYS A 1349 2.24 21.29 34.34
N MET A 1350 2.48 22.60 34.37
CA MET A 1350 3.66 23.11 35.05
C MET A 1350 3.53 23.00 36.57
N ALA A 1351 2.29 22.96 37.07
CA ALA A 1351 2.10 22.68 38.48
C ALA A 1351 2.61 21.29 38.83
N ALA A 1352 2.32 20.30 37.99
CA ALA A 1352 2.89 18.98 38.15
C ALA A 1352 4.30 18.89 37.58
N ASN A 1353 4.71 19.91 36.81
CA ASN A 1353 6.09 20.02 36.32
C ASN A 1353 6.47 18.84 35.44
N TYR A 1354 5.55 18.38 34.59
CA TYR A 1354 5.87 17.22 33.78
C TYR A 1354 6.64 17.62 32.51
N ARG A 1355 5.94 18.23 31.56
CA ARG A 1355 6.52 18.85 30.37
C ARG A 1355 5.39 19.34 29.47
N TRP A 1356 5.66 20.28 28.59
CA TRP A 1356 4.68 20.66 27.58
C TRP A 1356 5.19 20.13 26.25
N VAL A 1357 4.86 18.88 25.97
CA VAL A 1357 5.33 18.21 24.77
C VAL A 1357 4.54 18.70 23.56
N HIS A 1358 5.23 18.88 22.45
CA HIS A 1358 4.66 19.38 21.21
C HIS A 1358 4.69 18.28 20.17
N HIS A 1359 3.53 17.94 19.61
CA HIS A 1359 3.48 16.95 18.55
C HIS A 1359 4.29 17.41 17.35
N LYS A 1360 4.91 16.47 16.65
CA LYS A 1360 5.71 16.85 15.49
C LYS A 1360 4.89 16.98 14.22
N TYR A 1361 3.63 16.51 14.23
CA TYR A 1361 2.73 16.61 13.09
C TYR A 1361 1.55 17.46 13.50
N ASN A 1362 1.59 18.74 13.14
CA ASN A 1362 0.62 19.69 13.66
C ASN A 1362 0.17 20.61 12.54
N PHE A 1363 -0.69 21.56 12.90
CA PHE A 1363 -1.29 22.48 11.94
C PHE A 1363 -1.02 23.93 12.28
N ASP A 1364 0.09 24.22 12.95
CA ASP A 1364 0.38 25.60 13.33
C ASP A 1364 0.54 26.49 12.09
N ASN A 1365 1.58 26.24 11.30
CA ASN A 1365 1.82 27.03 10.11
C ASN A 1365 0.96 26.53 8.96
N LEU A 1366 1.24 27.03 7.77
CA LEU A 1366 0.75 26.36 6.57
C LEU A 1366 1.72 25.33 6.05
N GLY A 1367 3.02 25.54 6.24
CA GLY A 1367 3.99 24.54 5.84
C GLY A 1367 3.83 23.23 6.61
N GLN A 1368 3.71 23.33 7.93
CA GLN A 1368 3.48 22.13 8.70
C GLN A 1368 2.10 21.56 8.42
N ALA A 1369 1.15 22.41 8.04
CA ALA A 1369 -0.14 21.90 7.58
C ALA A 1369 0.03 21.04 6.35
N LEU A 1370 0.85 21.49 5.39
CA LEU A 1370 1.06 20.69 4.20
C LEU A 1370 1.82 19.41 4.51
N MET A 1371 2.76 19.46 5.43
CA MET A 1371 3.46 18.24 5.82
C MET A 1371 2.49 17.22 6.40
N SER A 1372 1.63 17.67 7.32
CA SER A 1372 0.65 16.76 7.90
C SER A 1372 -0.34 16.25 6.85
N LEU A 1373 -0.74 17.12 5.92
CA LEU A 1373 -1.66 16.68 4.89
C LEU A 1373 -1.02 15.66 3.97
N PHE A 1374 0.27 15.81 3.66
CA PHE A 1374 0.94 14.79 2.87
C PHE A 1374 1.00 13.48 3.63
N VAL A 1375 1.28 13.53 4.93
CA VAL A 1375 1.31 12.30 5.72
C VAL A 1375 -0.05 11.62 5.66
N LEU A 1376 -1.13 12.39 5.88
CA LEU A 1376 -2.47 11.82 5.74
C LEU A 1376 -2.67 11.20 4.37
N ALA A 1377 -2.31 11.94 3.33
CA ALA A 1377 -2.61 11.51 1.97
C ALA A 1377 -1.84 10.26 1.57
N SER A 1378 -0.76 9.92 2.26
CA SER A 1378 0.00 8.74 1.92
C SER A 1378 -0.37 7.53 2.77
N LYS A 1379 -1.54 7.55 3.40
CA LYS A 1379 -2.08 6.38 4.11
C LYS A 1379 -1.07 5.81 5.09
N ASP A 1380 -0.36 6.68 5.79
CA ASP A 1380 0.62 6.19 6.75
C ASP A 1380 0.65 7.09 7.98
N GLY A 1381 0.44 6.49 9.14
CA GLY A 1381 0.47 7.24 10.38
C GLY A 1381 -0.62 8.28 10.44
N TRP A 1382 -1.61 8.15 9.54
CA TRP A 1382 -2.70 9.11 9.52
C TRP A 1382 -3.68 8.91 10.66
N VAL A 1383 -3.71 7.72 11.26
CA VAL A 1383 -4.60 7.50 12.39
C VAL A 1383 -4.15 8.31 13.59
N ASN A 1384 -2.84 8.42 13.82
CA ASN A 1384 -2.38 9.25 14.93
C ASN A 1384 -2.75 10.72 14.73
N ILE A 1385 -2.58 11.22 13.51
CA ILE A 1385 -2.99 12.60 13.23
C ILE A 1385 -4.49 12.75 13.43
N MET A 1386 -5.27 11.75 13.01
CA MET A 1386 -6.71 11.84 13.19
C MET A 1386 -7.08 11.85 14.68
N TYR A 1387 -6.35 11.08 15.49
CA TYR A 1387 -6.62 11.09 16.92
C TYR A 1387 -6.30 12.44 17.53
N ASN A 1388 -5.18 13.04 17.13
CA ASN A 1388 -4.86 14.36 17.63
C ASN A 1388 -5.88 15.38 17.15
N GLY A 1389 -6.47 15.15 15.97
CA GLY A 1389 -7.47 16.07 15.46
C GLY A 1389 -8.79 15.99 16.20
N LEU A 1390 -9.24 14.77 16.49
CA LEU A 1390 -10.47 14.61 17.27
C LEU A 1390 -10.27 15.03 18.72
N ASP A 1391 -9.09 14.77 19.27
CA ASP A 1391 -8.87 15.04 20.68
C ASP A 1391 -8.71 16.53 20.96
N ALA A 1392 -8.23 17.30 19.99
CA ALA A 1392 -7.92 18.70 20.23
C ALA A 1392 -9.15 19.45 20.73
N VAL A 1393 -8.96 20.23 21.79
CA VAL A 1393 -10.09 20.83 22.49
C VAL A 1393 -10.10 22.35 22.35
N ALA A 1394 -8.97 22.99 22.60
CA ALA A 1394 -8.88 24.45 22.55
C ALA A 1394 -7.41 24.83 22.40
N VAL A 1395 -7.12 26.10 22.65
CA VAL A 1395 -5.81 26.63 22.28
C VAL A 1395 -4.71 26.06 23.17
N ASP A 1396 -4.91 26.05 24.49
CA ASP A 1396 -3.78 25.77 25.38
C ASP A 1396 -4.16 24.87 26.54
N GLN A 1397 -4.91 23.80 26.29
CA GLN A 1397 -5.15 22.82 27.35
C GLN A 1397 -5.30 21.42 26.79
N GLN A 1398 -5.37 20.46 27.71
CA GLN A 1398 -5.25 19.05 27.37
C GLN A 1398 -6.33 18.59 26.41
N PRO A 1399 -5.96 17.96 25.30
CA PRO A 1399 -6.96 17.25 24.49
C PRO A 1399 -7.55 16.11 25.30
N VAL A 1400 -8.84 15.87 25.10
CA VAL A 1400 -9.53 14.76 25.73
C VAL A 1400 -9.97 13.80 24.63
N THR A 1401 -10.21 12.55 25.01
CA THR A 1401 -10.51 11.53 24.02
C THR A 1401 -11.84 11.80 23.34
N ASN A 1402 -11.80 11.85 22.00
CA ASN A 1402 -13.00 12.07 21.18
C ASN A 1402 -13.78 13.30 21.61
N HIS A 1403 -13.07 14.41 21.80
CA HIS A 1403 -13.73 15.66 22.14
C HIS A 1403 -14.66 16.12 21.03
N ASN A 1404 -14.20 16.05 19.79
CA ASN A 1404 -14.88 16.67 18.65
C ASN A 1404 -15.01 15.65 17.53
N PRO A 1405 -15.90 14.67 17.67
CA PRO A 1405 -15.98 13.59 16.68
C PRO A 1405 -16.41 14.06 15.30
N TRP A 1406 -16.59 15.36 15.08
CA TRP A 1406 -17.02 15.83 13.77
C TRP A 1406 -15.85 16.00 12.80
N MET A 1407 -14.63 16.10 13.30
CA MET A 1407 -13.47 16.28 12.43
C MET A 1407 -13.19 15.06 11.57
N LEU A 1408 -13.84 13.94 11.85
CA LEU A 1408 -13.74 12.78 10.99
C LEU A 1408 -14.12 13.13 9.56
N LEU A 1409 -15.07 14.05 9.39
CA LEU A 1409 -15.44 14.48 8.05
C LEU A 1409 -14.24 15.03 7.30
N TYR A 1410 -13.52 15.96 7.91
CA TYR A 1410 -12.32 16.52 7.29
C TYR A 1410 -11.29 15.42 7.04
N PHE A 1411 -10.98 14.65 8.07
CA PHE A 1411 -9.86 13.72 7.98
C PHE A 1411 -10.13 12.54 7.06
N ILE A 1412 -11.38 12.27 6.71
CA ILE A 1412 -11.67 11.18 5.81
C ILE A 1412 -11.95 11.72 4.41
N SER A 1413 -12.61 12.87 4.33
CA SER A 1413 -12.85 13.49 3.03
C SER A 1413 -11.54 13.80 2.33
N PHE A 1414 -10.53 14.25 3.09
CA PHE A 1414 -9.24 14.49 2.47
C PHE A 1414 -8.66 13.23 1.88
N LEU A 1415 -8.68 12.13 2.66
CA LEU A 1415 -8.16 10.88 2.15
C LEU A 1415 -8.88 10.45 0.89
N LEU A 1416 -10.20 10.54 0.89
CA LEU A 1416 -10.95 10.06 -0.27
C LEU A 1416 -10.66 10.91 -1.50
N ILE A 1417 -10.63 12.23 -1.36
CA ILE A 1417 -10.39 13.08 -2.51
C ILE A 1417 -8.99 12.85 -3.07
N VAL A 1418 -7.98 12.80 -2.19
CA VAL A 1418 -6.62 12.60 -2.68
C VAL A 1418 -6.48 11.23 -3.33
N SER A 1419 -7.11 10.21 -2.74
CA SER A 1419 -7.06 8.89 -3.34
C SER A 1419 -7.71 8.86 -4.72
N PHE A 1420 -8.86 9.52 -4.90
CA PHE A 1420 -9.47 9.58 -6.21
C PHE A 1420 -8.62 10.31 -7.23
N PHE A 1421 -7.99 11.42 -6.85
CA PHE A 1421 -7.08 12.07 -7.78
C PHE A 1421 -5.91 11.18 -8.15
N VAL A 1422 -5.36 10.43 -7.20
CA VAL A 1422 -4.26 9.54 -7.55
C VAL A 1422 -4.72 8.45 -8.51
N LEU A 1423 -5.88 7.84 -8.25
CA LEU A 1423 -6.39 6.83 -9.18
C LEU A 1423 -6.58 7.40 -10.57
N ASN A 1424 -7.08 8.62 -10.68
CA ASN A 1424 -7.28 9.16 -12.01
C ASN A 1424 -5.96 9.58 -12.66
N MET A 1425 -4.94 9.91 -11.87
CA MET A 1425 -3.60 10.05 -12.46
C MET A 1425 -3.13 8.74 -13.08
N PHE A 1426 -3.20 7.62 -12.39
CA PHE A 1426 -2.82 6.34 -13.06
C PHE A 1426 -3.65 6.25 -14.30
N VAL A 1427 -4.93 6.28 -14.17
CA VAL A 1427 -5.73 6.01 -15.37
C VAL A 1427 -5.27 6.88 -16.53
N GLY A 1428 -4.78 8.05 -16.19
CA GLY A 1428 -4.22 8.93 -17.23
C GLY A 1428 -2.95 8.38 -17.85
N VAL A 1429 -2.00 7.91 -17.07
CA VAL A 1429 -0.79 7.28 -17.66
C VAL A 1429 -1.23 6.22 -18.67
N VAL A 1430 -2.08 5.30 -18.28
CA VAL A 1430 -2.43 4.19 -19.21
C VAL A 1430 -2.99 4.79 -20.47
N VAL A 1431 -4.04 5.56 -20.38
CA VAL A 1431 -4.70 6.03 -21.62
C VAL A 1431 -3.64 6.60 -22.52
N GLU A 1432 -2.78 7.46 -21.99
CA GLU A 1432 -1.80 8.08 -22.90
C GLU A 1432 -1.00 6.98 -23.55
N ASN A 1433 -0.36 6.15 -22.77
CA ASN A 1433 0.53 5.15 -23.37
C ASN A 1433 -0.23 4.34 -24.41
N PHE A 1434 -1.42 3.88 -24.08
CA PHE A 1434 -2.11 3.02 -25.07
C PHE A 1434 -2.21 3.82 -26.34
N HIS A 1435 -2.81 4.99 -26.25
CA HIS A 1435 -3.02 5.79 -27.48
C HIS A 1435 -1.74 5.73 -28.30
N LYS A 1436 -0.60 5.96 -27.66
CA LYS A 1436 0.67 6.04 -28.41
C LYS A 1436 0.93 4.71 -29.07
N CYS A 1437 0.98 3.65 -28.29
CA CYS A 1437 1.37 2.36 -28.92
C CYS A 1437 0.33 1.95 -29.96
N ARG A 1438 -0.96 1.98 -29.62
CA ARG A 1438 -2.01 1.54 -30.56
C ARG A 1438 -1.73 2.19 -31.91
N GLN A 1439 -1.49 3.49 -31.85
CA GLN A 1439 -1.20 4.23 -33.11
C GLN A 1439 -0.13 3.49 -33.91
N HIS A 1440 0.95 3.05 -33.26
CA HIS A 1440 1.96 2.26 -33.99
C HIS A 1440 1.48 0.82 -34.08
N GLN A 1441 1.63 0.06 -32.99
CA GLN A 1441 1.24 -1.36 -32.93
C GLN A 1441 0.75 -1.96 -34.25
N GLU A 1442 -0.51 -1.76 -34.62
CA GLU A 1442 -1.12 -2.39 -35.82
C GLU A 1442 -0.10 -2.48 -36.96
N ALA A 1443 0.68 -1.42 -37.21
CA ALA A 1443 1.70 -1.42 -38.29
C ALA A 1443 2.61 -2.65 -38.16
N GLU A 1444 3.34 -2.72 -37.05
CA GLU A 1444 4.27 -3.85 -36.84
C GLU A 1444 3.50 -5.17 -36.83
N GLU A 1445 2.43 -5.26 -36.05
CA GLU A 1445 1.69 -6.53 -35.92
C GLU A 1445 1.16 -7.01 -37.26
N ALA A 1446 0.75 -6.11 -38.15
CA ALA A 1446 0.29 -6.53 -39.50
C ALA A 1446 1.36 -7.44 -40.11
N ARG A 1447 2.61 -6.98 -40.13
CA ARG A 1447 3.71 -7.77 -40.67
C ARG A 1447 3.90 -9.06 -39.88
N ARG A 1448 3.68 -9.01 -38.56
CA ARG A 1448 3.71 -10.23 -37.77
C ARG A 1448 2.60 -11.19 -38.16
N ARG A 1449 1.39 -10.67 -38.43
CA ARG A 1449 0.32 -11.51 -38.94
C ARG A 1449 0.60 -12.08 -40.32
N GLU A 1450 1.34 -11.35 -41.15
CA GLU A 1450 1.85 -11.95 -42.38
C GLU A 1450 2.83 -13.08 -42.08
N GLU A 1451 3.67 -12.87 -41.06
CA GLU A 1451 4.52 -13.95 -40.58
C GLU A 1451 3.75 -14.98 -39.76
N LYS A 1452 2.68 -14.58 -39.09
CA LYS A 1452 1.91 -15.51 -38.28
C LYS A 1452 1.27 -16.61 -39.11
N ARG A 1453 0.75 -16.27 -40.30
CA ARG A 1453 0.27 -17.31 -41.20
C ARG A 1453 1.41 -18.15 -41.75
N LEU A 1454 2.62 -17.58 -41.85
CA LEU A 1454 3.78 -18.40 -42.17
C LEU A 1454 4.07 -19.40 -41.05
N ARG A 1455 3.95 -18.97 -39.79
CA ARG A 1455 4.00 -19.91 -38.68
C ARG A 1455 2.87 -20.93 -38.78
N ARG A 1456 1.71 -20.53 -39.28
CA ARG A 1456 0.68 -21.51 -39.60
C ARG A 1456 1.14 -22.46 -40.69
N LEU A 1457 1.84 -21.94 -41.71
CA LEU A 1457 2.39 -22.80 -42.74
C LEU A 1457 3.51 -23.67 -42.18
N GLU A 1458 4.25 -23.16 -41.19
CA GLU A 1458 5.29 -23.97 -40.55
C GLU A 1458 4.70 -25.18 -39.85
N LYS A 1459 3.55 -24.99 -39.17
CA LYS A 1459 2.90 -26.11 -38.51
C LYS A 1459 2.31 -27.08 -39.53
N LYS A 1460 2.02 -26.60 -40.74
CA LYS A 1460 1.56 -27.48 -41.81
C LYS A 1460 2.69 -28.39 -42.28
N ARG A 1461 3.94 -27.93 -42.12
CA ARG A 1461 5.09 -28.78 -42.44
C ARG A 1461 5.23 -29.91 -41.41
N ARG A 1462 4.76 -29.66 -40.20
CA ARG A 1462 5.03 -30.50 -39.02
C ARG A 1462 4.25 -31.80 -38.99
N LYS A 1463 3.32 -31.99 -39.94
CA LYS A 1463 2.22 -32.99 -39.84
C LYS A 1463 2.77 -34.33 -39.36
N ALA A 1464 3.64 -35.00 -40.10
CA ALA A 1464 4.09 -36.35 -39.73
C ALA A 1464 5.44 -36.66 -40.36
N GLN A 1465 6.50 -36.54 -39.58
CA GLN A 1465 7.83 -37.05 -39.96
C GLN A 1465 8.10 -38.42 -39.35
N ARG A 1466 7.21 -39.39 -39.62
CA ARG A 1466 7.34 -40.79 -39.19
C ARG A 1466 7.90 -40.91 -37.77
N LEU A 1467 7.11 -40.40 -36.82
CA LEU A 1467 7.55 -40.33 -35.44
C LEU A 1467 7.89 -41.73 -34.91
N PRO A 1468 8.93 -41.88 -34.08
CA PRO A 1468 9.40 -43.21 -33.71
C PRO A 1468 8.53 -43.90 -32.65
N TYR A 1469 7.21 -43.85 -32.83
CA TYR A 1469 6.35 -44.67 -31.98
C TYR A 1469 6.48 -46.14 -32.29
N TYR A 1470 6.62 -46.49 -33.58
CA TYR A 1470 6.70 -47.88 -33.99
C TYR A 1470 7.96 -48.57 -33.46
N ALA A 1471 9.10 -47.86 -33.44
CA ALA A 1471 10.30 -48.44 -32.86
C ALA A 1471 10.11 -48.72 -31.38
N THR A 1472 9.31 -47.90 -30.69
CA THR A 1472 8.93 -48.16 -29.31
C THR A 1472 7.78 -49.14 -29.19
N TYR A 1473 7.19 -49.55 -30.30
CA TYR A 1473 6.10 -50.52 -30.28
C TYR A 1473 6.66 -51.93 -30.40
N CYS A 1474 6.07 -52.86 -29.64
CA CYS A 1474 6.41 -54.28 -29.57
C CYS A 1474 7.77 -54.54 -28.93
N HIS A 1475 8.53 -53.50 -28.58
CA HIS A 1475 9.81 -53.65 -27.89
C HIS A 1475 9.64 -53.61 -26.38
N THR A 1476 8.72 -54.41 -25.85
CA THR A 1476 8.44 -54.52 -24.42
C THR A 1476 7.87 -53.20 -23.90
N ARG A 1477 7.69 -52.23 -24.78
CA ARG A 1477 7.18 -50.91 -24.42
C ARG A 1477 6.14 -50.40 -25.41
N LEU A 1478 5.42 -51.31 -26.08
CA LEU A 1478 4.30 -50.91 -26.91
C LEU A 1478 3.18 -50.28 -26.09
N LEU A 1479 3.17 -50.50 -24.78
CA LEU A 1479 2.17 -49.92 -23.90
C LEU A 1479 2.65 -48.66 -23.20
N ILE A 1480 3.95 -48.52 -22.97
CA ILE A 1480 4.47 -47.34 -22.28
C ILE A 1480 4.25 -46.09 -23.11
N HIS A 1481 4.60 -46.15 -24.40
CA HIS A 1481 4.61 -44.94 -25.21
C HIS A 1481 3.21 -44.44 -25.51
N SER A 1482 2.22 -45.33 -25.50
CA SER A 1482 0.86 -44.96 -25.86
C SER A 1482 -0.11 -45.05 -24.70
N MET A 1483 -0.25 -46.22 -24.07
CA MET A 1483 -1.24 -46.39 -23.02
C MET A 1483 -0.78 -45.79 -21.69
N CYS A 1484 0.53 -45.59 -21.51
CA CYS A 1484 1.05 -45.11 -20.24
C CYS A 1484 1.44 -43.64 -20.27
N THR A 1485 1.24 -42.95 -21.38
CA THR A 1485 1.46 -41.51 -21.47
C THR A 1485 0.17 -40.74 -21.67
N SER A 1486 -0.97 -41.33 -21.31
CA SER A 1486 -2.25 -40.65 -21.42
C SER A 1486 -2.45 -39.71 -20.23
N HIS A 1487 -3.45 -38.82 -20.37
CA HIS A 1487 -3.75 -37.89 -19.29
C HIS A 1487 -4.25 -38.60 -18.03
N TYR A 1488 -4.78 -39.81 -18.16
CA TYR A 1488 -5.20 -40.54 -16.98
C TYR A 1488 -4.02 -40.94 -16.11
N LEU A 1489 -2.82 -41.03 -16.67
CA LEU A 1489 -1.62 -41.26 -15.89
C LEU A 1489 -1.03 -39.98 -15.32
N ASP A 1490 -1.45 -38.82 -15.83
CA ASP A 1490 -1.00 -37.54 -15.31
C ASP A 1490 -1.92 -36.99 -14.23
N ILE A 1491 -3.21 -37.34 -14.26
CA ILE A 1491 -4.07 -37.05 -13.13
C ILE A 1491 -3.53 -37.74 -11.89
N PHE A 1492 -2.95 -38.93 -12.04
CA PHE A 1492 -2.30 -39.59 -10.92
C PHE A 1492 -1.16 -38.74 -10.36
N ILE A 1493 -0.30 -38.21 -11.24
CA ILE A 1493 0.82 -37.41 -10.78
C ILE A 1493 0.33 -36.15 -10.08
N THR A 1494 -0.69 -35.50 -10.64
CA THR A 1494 -1.23 -34.30 -10.01
C THR A 1494 -1.82 -34.63 -8.64
N PHE A 1495 -2.54 -35.74 -8.52
CA PHE A 1495 -3.10 -36.12 -7.23
C PHE A 1495 -2.01 -36.37 -6.21
N ILE A 1496 -0.94 -37.07 -6.61
CA ILE A 1496 0.15 -37.32 -5.68
C ILE A 1496 0.82 -36.02 -5.28
N ILE A 1497 0.91 -35.06 -6.22
CA ILE A 1497 1.46 -33.76 -5.88
C ILE A 1497 0.61 -33.08 -4.83
N CYS A 1498 -0.71 -33.12 -4.98
CA CYS A 1498 -1.58 -32.48 -3.98
C CYS A 1498 -1.47 -33.17 -2.62
N LEU A 1499 -1.39 -34.51 -2.61
CA LEU A 1499 -1.17 -35.19 -1.33
C LEU A 1499 0.16 -34.79 -0.71
N ASN A 1500 1.19 -34.64 -1.54
CA ASN A 1500 2.48 -34.20 -1.01
C ASN A 1500 2.37 -32.79 -0.43
N VAL A 1501 1.66 -31.91 -1.12
CA VAL A 1501 1.46 -30.56 -0.62
C VAL A 1501 0.79 -30.59 0.74
N VAL A 1502 -0.30 -31.35 0.85
CA VAL A 1502 -1.04 -31.37 2.10
C VAL A 1502 -0.29 -32.13 3.18
N THR A 1503 0.73 -32.92 2.82
CA THR A 1503 1.47 -33.60 3.87
C THR A 1503 2.67 -32.79 4.35
N MET A 1504 3.22 -31.91 3.50
CA MET A 1504 4.14 -30.94 4.09
C MET A 1504 3.36 -29.83 4.80
N SER A 1505 2.08 -29.70 4.50
CA SER A 1505 1.32 -28.69 5.23
C SER A 1505 0.96 -29.12 6.63
N LEU A 1506 1.57 -30.16 7.19
CA LEU A 1506 1.20 -30.67 8.50
C LEU A 1506 2.29 -30.51 9.55
N GLU A 1507 3.51 -30.18 9.16
CA GLU A 1507 4.57 -29.97 10.13
C GLU A 1507 4.23 -28.80 11.04
N HIS A 1508 4.55 -28.93 12.32
CA HIS A 1508 4.40 -27.82 13.26
C HIS A 1508 5.38 -28.04 14.40
N TYR A 1509 5.45 -27.06 15.30
CA TYR A 1509 6.37 -27.10 16.42
C TYR A 1509 5.93 -28.12 17.45
N ASN A 1510 6.87 -28.94 17.90
CA ASN A 1510 6.62 -29.95 18.92
C ASN A 1510 5.51 -30.91 18.48
N GLN A 1511 5.67 -31.48 17.30
CA GLN A 1511 4.68 -32.41 16.78
C GLN A 1511 4.83 -33.76 17.45
N PRO A 1512 3.75 -34.54 17.52
CA PRO A 1512 3.88 -35.92 18.00
C PRO A 1512 4.80 -36.73 17.10
N THR A 1513 5.59 -37.61 17.72
CA THR A 1513 6.56 -38.40 16.96
C THR A 1513 5.88 -39.31 15.95
N SER A 1514 4.70 -39.82 16.28
CA SER A 1514 3.98 -40.69 15.36
C SER A 1514 3.68 -39.97 14.05
N LEU A 1515 3.27 -38.71 14.13
CA LEU A 1515 3.03 -37.94 12.91
C LEU A 1515 4.30 -37.78 12.09
N GLU A 1516 5.44 -37.55 12.75
CA GLU A 1516 6.69 -37.40 12.02
C GLU A 1516 7.07 -38.69 11.31
N THR A 1517 6.88 -39.83 11.97
CA THR A 1517 7.14 -41.11 11.32
C THR A 1517 6.20 -41.34 10.14
N ALA A 1518 4.91 -41.01 10.31
CA ALA A 1518 3.96 -41.19 9.22
C ALA A 1518 4.34 -40.32 8.02
N LEU A 1519 4.77 -39.09 8.28
CA LEU A 1519 5.22 -38.23 7.20
C LEU A 1519 6.48 -38.76 6.54
N LYS A 1520 7.39 -39.34 7.30
CA LYS A 1520 8.57 -39.96 6.70
C LYS A 1520 8.17 -41.09 5.76
N TYR A 1521 7.21 -41.91 6.20
CA TYR A 1521 6.75 -43.00 5.36
C TYR A 1521 6.07 -42.49 4.10
N CYS A 1522 5.25 -41.44 4.23
CA CYS A 1522 4.62 -40.85 3.05
C CYS A 1522 5.66 -40.28 2.10
N ASN A 1523 6.72 -39.68 2.64
CA ASN A 1523 7.80 -39.20 1.80
C ASN A 1523 8.45 -40.35 1.04
N TYR A 1524 8.68 -41.47 1.72
CA TYR A 1524 9.19 -42.65 1.02
C TYR A 1524 8.25 -43.08 -0.10
N MET A 1525 6.96 -43.15 0.18
CA MET A 1525 5.97 -43.49 -0.83
C MET A 1525 6.08 -42.60 -2.05
N PHE A 1526 6.13 -41.29 -1.82
CA PHE A 1526 6.06 -40.34 -2.94
C PHE A 1526 7.37 -40.31 -3.70
N THR A 1527 8.50 -40.46 -3.00
CA THR A 1527 9.76 -40.59 -3.71
C THR A 1527 9.78 -41.81 -4.60
N THR A 1528 9.28 -42.94 -4.09
CA THR A 1528 9.25 -44.16 -4.90
C THR A 1528 8.37 -43.98 -6.12
N VAL A 1529 7.19 -43.36 -5.95
CA VAL A 1529 6.33 -43.21 -7.11
C VAL A 1529 6.95 -42.24 -8.13
N PHE A 1530 7.59 -41.16 -7.65
CA PHE A 1530 8.23 -40.25 -8.59
C PHE A 1530 9.32 -40.97 -9.38
N VAL A 1531 10.10 -41.81 -8.70
CA VAL A 1531 11.06 -42.66 -9.42
C VAL A 1531 10.34 -43.53 -10.44
N LEU A 1532 9.17 -44.05 -10.08
CA LEU A 1532 8.46 -44.99 -10.95
C LEU A 1532 8.09 -44.33 -12.27
N GLU A 1533 7.40 -43.19 -12.22
CA GLU A 1533 7.06 -42.56 -13.50
C GLU A 1533 8.26 -41.88 -14.15
N ALA A 1534 9.31 -41.54 -13.40
CA ALA A 1534 10.54 -41.10 -14.06
C ALA A 1534 11.10 -42.20 -14.94
N VAL A 1535 11.17 -43.42 -14.42
CA VAL A 1535 11.65 -44.55 -15.20
C VAL A 1535 10.72 -44.85 -16.36
N LEU A 1536 9.41 -44.74 -16.13
CA LEU A 1536 8.45 -44.96 -17.21
C LEU A 1536 8.68 -43.98 -18.36
N LYS A 1537 8.85 -42.69 -18.03
CA LYS A 1537 9.10 -41.70 -19.06
C LYS A 1537 10.43 -41.96 -19.77
N LEU A 1538 11.46 -42.37 -19.02
CA LEU A 1538 12.75 -42.65 -19.65
C LEU A 1538 12.66 -43.83 -20.59
N VAL A 1539 11.91 -44.87 -20.23
CA VAL A 1539 11.78 -46.00 -21.13
C VAL A 1539 10.83 -45.69 -22.29
N ALA A 1540 9.98 -44.67 -22.14
CA ALA A 1540 9.10 -44.30 -23.23
C ALA A 1540 9.89 -43.82 -24.45
N PHE A 1541 10.92 -43.01 -24.22
CA PHE A 1541 11.68 -42.43 -25.32
C PHE A 1541 13.14 -42.33 -24.94
N GLY A 1542 14.01 -42.31 -25.95
CA GLY A 1542 15.43 -42.21 -25.72
C GLY A 1542 15.86 -40.83 -25.26
N LEU A 1543 17.15 -40.55 -25.48
CA LEU A 1543 17.75 -39.30 -24.99
C LEU A 1543 17.56 -38.14 -25.94
N ARG A 1544 16.92 -38.33 -27.10
CA ARG A 1544 16.68 -37.23 -28.01
C ARG A 1544 15.70 -36.23 -27.42
N ARG A 1545 14.48 -36.68 -27.14
CA ARG A 1545 13.48 -35.81 -26.53
C ARG A 1545 13.67 -35.64 -25.03
N PHE A 1546 14.53 -36.46 -24.41
CA PHE A 1546 14.84 -36.29 -23.00
C PHE A 1546 15.51 -34.93 -22.76
N PHE A 1547 16.38 -34.51 -23.66
CA PHE A 1547 16.91 -33.16 -23.65
C PHE A 1547 16.10 -32.17 -24.48
N LYS A 1548 15.00 -32.61 -25.09
CA LYS A 1548 14.23 -31.71 -25.94
C LYS A 1548 12.96 -31.22 -25.25
N ASP A 1549 12.48 -31.92 -24.23
CA ASP A 1549 11.25 -31.53 -23.56
C ASP A 1549 11.39 -30.19 -22.86
N ARG A 1550 12.55 -29.96 -22.23
CA ARG A 1550 12.81 -28.78 -21.39
C ARG A 1550 11.90 -28.80 -20.15
N TRP A 1551 11.15 -29.87 -19.95
CA TRP A 1551 10.29 -30.00 -18.78
C TRP A 1551 10.44 -31.34 -18.09
N ASN A 1552 10.81 -32.41 -18.81
CA ASN A 1552 11.16 -33.66 -18.14
C ASN A 1552 12.42 -33.48 -17.30
N GLN A 1553 13.30 -32.56 -17.70
CA GLN A 1553 14.48 -32.27 -16.89
C GLN A 1553 14.09 -31.80 -15.50
N LEU A 1554 12.98 -31.07 -15.40
CA LEU A 1554 12.47 -30.65 -14.10
C LEU A 1554 12.12 -31.87 -13.24
N ASP A 1555 11.45 -32.86 -13.82
CA ASP A 1555 11.15 -34.08 -13.10
C ASP A 1555 12.42 -34.81 -12.70
N LEU A 1556 13.40 -34.85 -13.60
CA LEU A 1556 14.69 -35.46 -13.27
C LEU A 1556 15.33 -34.79 -12.07
N ALA A 1557 15.39 -33.46 -12.08
CA ALA A 1557 15.99 -32.74 -10.96
C ALA A 1557 15.24 -33.02 -9.67
N ILE A 1558 13.91 -33.01 -9.73
CA ILE A 1558 13.12 -33.25 -8.52
C ILE A 1558 13.37 -34.65 -7.98
N VAL A 1559 13.38 -35.65 -8.85
CA VAL A 1559 13.58 -37.01 -8.36
C VAL A 1559 14.99 -37.18 -7.82
N LEU A 1560 15.98 -36.50 -8.42
CA LEU A 1560 17.33 -36.57 -7.87
C LEU A 1560 17.39 -35.94 -6.49
N LEU A 1561 16.75 -34.79 -6.30
CA LEU A 1561 16.72 -34.19 -4.97
C LEU A 1561 16.02 -35.10 -3.98
N SER A 1562 14.93 -35.75 -4.41
CA SER A 1562 14.18 -36.61 -3.51
C SER A 1562 15.01 -37.83 -3.09
N VAL A 1563 15.70 -38.45 -4.05
CA VAL A 1563 16.51 -39.62 -3.71
C VAL A 1563 17.69 -39.22 -2.85
N MET A 1564 18.30 -38.06 -3.12
CA MET A 1564 19.36 -37.58 -2.23
C MET A 1564 18.82 -37.36 -0.83
N GLY A 1565 17.61 -36.81 -0.71
CA GLY A 1565 17.04 -36.58 0.60
C GLY A 1565 16.79 -37.87 1.36
N ILE A 1566 16.20 -38.86 0.70
CA ILE A 1566 15.94 -40.11 1.40
C ILE A 1566 17.24 -40.82 1.76
N THR A 1567 18.27 -40.70 0.93
CA THR A 1567 19.54 -41.36 1.24
C THR A 1567 20.18 -40.77 2.49
N LEU A 1568 20.22 -39.43 2.60
CA LEU A 1568 20.81 -38.80 3.77
C LEU A 1568 20.00 -39.07 5.03
N GLU A 1569 18.76 -39.54 4.89
CA GLU A 1569 17.98 -39.89 6.07
C GLU A 1569 18.57 -41.13 6.74
N GLU A 1570 19.07 -42.08 5.96
CA GLU A 1570 19.73 -43.26 6.50
C GLU A 1570 20.98 -42.91 7.30
N ILE A 1571 21.73 -41.89 6.86
CA ILE A 1571 22.99 -41.54 7.51
C ILE A 1571 22.76 -41.21 8.97
N GLU A 1572 21.67 -40.54 9.29
CA GLU A 1572 21.37 -40.24 10.69
C GLU A 1572 20.52 -41.32 11.35
N ILE A 1573 20.06 -42.31 10.60
CA ILE A 1573 19.53 -43.53 11.22
C ILE A 1573 20.65 -44.34 11.82
N ASN A 1574 21.71 -44.57 11.06
CA ASN A 1574 22.84 -45.36 11.54
C ASN A 1574 23.95 -44.50 12.14
N ALA A 1575 23.83 -43.18 12.09
CA ALA A 1575 24.87 -42.27 12.58
C ALA A 1575 26.21 -42.57 11.93
N ALA A 1576 26.17 -42.87 10.63
CA ALA A 1576 27.38 -43.28 9.92
C ALA A 1576 28.41 -42.16 9.90
N LEU A 1577 27.98 -40.94 9.62
CA LEU A 1577 28.88 -39.81 9.57
C LEU A 1577 28.17 -38.66 10.26
N PRO A 1578 28.88 -37.83 11.03
CA PRO A 1578 28.23 -36.67 11.64
C PRO A 1578 27.89 -35.62 10.60
N ILE A 1579 26.63 -35.52 10.24
CA ILE A 1579 26.17 -34.56 9.24
C ILE A 1579 25.70 -33.31 9.96
N ASN A 1580 26.21 -32.17 9.50
CA ASN A 1580 25.75 -30.90 10.04
C ASN A 1580 24.26 -30.78 9.80
N PRO A 1581 23.46 -30.48 10.83
CA PRO A 1581 22.00 -30.37 10.64
C PRO A 1581 21.61 -29.31 9.62
N THR A 1582 22.53 -28.43 9.23
CA THR A 1582 22.23 -27.49 8.16
C THR A 1582 21.95 -28.21 6.85
N ILE A 1583 22.66 -29.30 6.58
CA ILE A 1583 22.40 -30.07 5.37
C ILE A 1583 20.99 -30.64 5.37
N ILE A 1584 20.58 -31.22 6.49
CA ILE A 1584 19.23 -31.76 6.58
C ILE A 1584 18.20 -30.63 6.48
N ARG A 1585 18.49 -29.49 7.11
CA ARG A 1585 17.63 -28.33 6.99
C ARG A 1585 17.43 -27.97 5.52
N ILE A 1586 18.52 -27.86 4.77
CA ILE A 1586 18.43 -27.51 3.36
C ILE A 1586 17.63 -28.56 2.61
N MET A 1587 17.79 -29.82 2.97
CA MET A 1587 17.10 -30.86 2.20
C MET A 1587 15.60 -30.83 2.46
N ARG A 1588 15.18 -30.69 3.72
CA ARG A 1588 13.75 -30.56 4.00
C ARG A 1588 13.19 -29.33 3.31
N VAL A 1589 13.88 -28.19 3.41
CA VAL A 1589 13.32 -26.95 2.89
C VAL A 1589 13.28 -27.00 1.37
N LEU A 1590 14.19 -27.74 0.74
CA LEU A 1590 14.24 -27.88 -0.71
C LEU A 1590 13.30 -28.95 -1.22
N ARG A 1591 12.80 -29.82 -0.33
CA ARG A 1591 11.75 -30.73 -0.76
C ARG A 1591 10.52 -30.01 -1.29
N ILE A 1592 10.44 -28.68 -1.13
CA ILE A 1592 9.32 -27.92 -1.64
C ILE A 1592 9.36 -27.82 -3.16
N ALA A 1593 10.52 -28.12 -3.76
CA ALA A 1593 10.65 -28.03 -5.21
C ALA A 1593 9.75 -29.01 -5.94
N ARG A 1594 9.21 -30.00 -5.24
CA ARG A 1594 8.28 -30.93 -5.89
C ARG A 1594 6.95 -30.29 -6.25
N VAL A 1595 6.69 -29.06 -5.79
CA VAL A 1595 5.47 -28.37 -6.15
C VAL A 1595 5.47 -27.95 -7.61
N LEU A 1596 6.61 -27.50 -8.12
CA LEU A 1596 6.66 -26.90 -9.45
C LEU A 1596 6.16 -27.80 -10.55
N LYS A 1597 5.92 -29.08 -10.28
CA LYS A 1597 5.37 -29.94 -11.32
C LYS A 1597 3.97 -29.53 -11.73
N LEU A 1598 3.25 -28.79 -10.88
CA LEU A 1598 1.92 -28.32 -11.25
C LEU A 1598 1.96 -27.38 -12.45
N LEU A 1599 3.05 -26.66 -12.66
CA LEU A 1599 3.11 -25.67 -13.73
C LEU A 1599 2.82 -26.26 -15.10
N LYS A 1600 3.10 -27.55 -15.29
CA LYS A 1600 2.84 -28.16 -16.59
C LYS A 1600 1.36 -28.13 -16.92
N MET A 1601 0.51 -28.50 -15.96
CA MET A 1601 -0.93 -28.52 -16.21
C MET A 1601 -1.55 -27.13 -16.20
N ALA A 1602 -0.99 -26.20 -15.43
CA ALA A 1602 -1.57 -24.86 -15.33
C ALA A 1602 -1.17 -23.98 -16.51
N THR A 1603 -1.77 -24.22 -17.67
CA THR A 1603 -1.40 -23.47 -18.87
C THR A 1603 -1.78 -22.00 -18.75
N GLY A 1604 -2.86 -21.70 -18.02
CA GLY A 1604 -3.24 -20.30 -17.83
C GLY A 1604 -2.20 -19.53 -17.05
N MET A 1605 -1.65 -20.13 -16.00
CA MET A 1605 -0.55 -19.51 -15.29
C MET A 1605 0.66 -19.32 -16.19
N ARG A 1606 0.93 -20.31 -17.04
CA ARG A 1606 2.01 -20.15 -18.01
C ARG A 1606 1.77 -18.94 -18.88
N ALA A 1607 0.54 -18.76 -19.37
CA ALA A 1607 0.22 -17.63 -20.23
C ALA A 1607 0.40 -16.32 -19.48
N LEU A 1608 -0.06 -16.26 -18.24
CA LEU A 1608 0.05 -15.03 -17.45
C LEU A 1608 1.50 -14.66 -17.19
N LEU A 1609 2.29 -15.64 -16.73
CA LEU A 1609 3.70 -15.39 -16.48
C LEU A 1609 4.42 -15.01 -17.75
N ASP A 1610 4.05 -15.62 -18.88
CA ASP A 1610 4.62 -15.20 -20.15
C ASP A 1610 4.31 -13.73 -20.41
N THR A 1611 3.03 -13.36 -20.34
CA THR A 1611 2.65 -11.98 -20.59
C THR A 1611 3.48 -11.03 -19.74
N VAL A 1612 3.82 -11.46 -18.53
CA VAL A 1612 4.83 -10.71 -17.77
C VAL A 1612 6.18 -10.76 -18.48
N VAL A 1613 6.56 -11.93 -19.00
CA VAL A 1613 7.92 -12.16 -19.47
C VAL A 1613 8.26 -11.30 -20.68
N GLN A 1614 7.35 -11.21 -21.64
CA GLN A 1614 7.62 -10.29 -22.75
C GLN A 1614 7.30 -8.83 -22.41
N ALA A 1615 7.23 -8.48 -21.13
CA ALA A 1615 7.29 -7.08 -20.72
C ALA A 1615 8.66 -6.67 -20.19
N LEU A 1616 9.58 -7.61 -20.01
CA LEU A 1616 10.90 -7.36 -19.44
C LEU A 1616 11.79 -6.30 -20.11
N PRO A 1617 11.60 -5.92 -21.36
CA PRO A 1617 12.34 -4.74 -21.83
C PRO A 1617 12.06 -3.52 -20.97
N GLN A 1618 10.79 -3.10 -20.96
CA GLN A 1618 10.40 -1.95 -20.16
C GLN A 1618 10.54 -2.23 -18.68
N VAL A 1619 10.14 -3.43 -18.23
CA VAL A 1619 10.22 -3.74 -16.81
C VAL A 1619 11.66 -3.72 -16.32
N GLY A 1620 12.57 -4.30 -17.09
CA GLY A 1620 13.97 -4.29 -16.71
C GLY A 1620 14.57 -2.91 -16.71
N ASN A 1621 14.26 -2.11 -17.74
CA ASN A 1621 14.79 -0.75 -17.75
C ASN A 1621 14.28 0.06 -16.58
N LEU A 1622 12.98 -0.06 -16.28
CA LEU A 1622 12.41 0.64 -15.13
C LEU A 1622 13.02 0.14 -13.82
N GLY A 1623 13.28 -1.17 -13.71
CA GLY A 1623 13.92 -1.67 -12.51
C GLY A 1623 15.31 -1.11 -12.33
N LEU A 1624 16.06 -1.01 -13.43
CA LEU A 1624 17.37 -0.37 -13.34
C LEU A 1624 17.25 1.07 -12.91
N LEU A 1625 16.25 1.79 -13.44
CA LEU A 1625 16.02 3.16 -13.03
C LEU A 1625 15.69 3.23 -11.54
N PHE A 1626 14.92 2.26 -11.05
CA PHE A 1626 14.53 2.22 -9.65
C PHE A 1626 15.73 2.00 -8.73
N MET A 1627 16.61 1.06 -9.11
CA MET A 1627 17.85 0.87 -8.37
C MET A 1627 18.69 2.13 -8.38
N LEU A 1628 18.78 2.79 -9.54
CA LEU A 1628 19.54 4.02 -9.64
C LEU A 1628 18.98 5.10 -8.72
N LEU A 1629 17.66 5.17 -8.62
CA LEU A 1629 17.03 6.15 -7.76
C LEU A 1629 17.33 5.88 -6.29
N PHE A 1630 17.22 4.61 -5.87
CA PHE A 1630 17.69 4.26 -4.54
C PHE A 1630 19.13 4.67 -4.32
N PHE A 1631 19.98 4.47 -5.32
CA PHE A 1631 21.39 4.78 -5.12
C PHE A 1631 21.58 6.27 -4.86
N ILE A 1632 20.98 7.11 -5.69
CA ILE A 1632 21.13 8.55 -5.53
C ILE A 1632 20.59 9.00 -4.19
N TYR A 1633 19.38 8.55 -3.85
CA TYR A 1633 18.75 9.03 -2.63
C TYR A 1633 19.44 8.47 -1.39
N ALA A 1634 20.01 7.27 -1.48
CA ALA A 1634 20.76 6.72 -0.36
C ALA A 1634 22.04 7.49 -0.11
N ALA A 1635 22.77 7.85 -1.16
CA ALA A 1635 23.94 8.69 -0.97
C ALA A 1635 23.56 10.01 -0.34
N LEU A 1636 22.50 10.64 -0.85
CA LEU A 1636 22.05 11.90 -0.28
C LEU A 1636 21.68 11.74 1.19
N GLY A 1637 20.96 10.66 1.52
CA GLY A 1637 20.57 10.45 2.91
C GLY A 1637 21.75 10.25 3.83
N VAL A 1638 22.73 9.44 3.40
CA VAL A 1638 23.92 9.24 4.19
C VAL A 1638 24.60 10.57 4.45
N GLU A 1639 24.66 11.44 3.45
CA GLU A 1639 25.29 12.74 3.68
C GLU A 1639 24.46 13.62 4.60
N LEU A 1640 23.14 13.53 4.54
CA LEU A 1640 22.30 14.44 5.30
C LEU A 1640 22.15 14.00 6.75
N PHE A 1641 21.58 12.82 6.97
CA PHE A 1641 21.21 12.34 8.29
C PHE A 1641 22.24 11.41 8.91
N GLY A 1642 23.49 11.49 8.47
CA GLY A 1642 24.48 10.50 8.85
C GLY A 1642 24.69 10.43 10.36
N LYS A 1643 24.72 11.58 11.01
CA LYS A 1643 25.14 11.62 12.40
C LYS A 1643 23.98 11.69 13.39
N LEU A 1644 22.76 11.33 12.99
CA LEU A 1644 21.66 11.30 13.95
C LEU A 1644 21.88 10.14 14.91
N VAL A 1645 22.42 10.44 16.08
CA VAL A 1645 22.67 9.43 17.10
C VAL A 1645 21.32 8.91 17.60
N CYS A 1646 21.21 7.59 17.72
CA CYS A 1646 20.02 6.95 18.25
C CYS A 1646 20.39 6.18 19.51
N ASN A 1647 19.95 6.67 20.65
CA ASN A 1647 20.28 6.05 21.94
C ASN A 1647 19.06 6.18 22.84
N ASP A 1648 19.26 5.91 24.14
CA ASP A 1648 18.20 6.12 25.10
C ASP A 1648 17.82 7.59 25.20
N GLU A 1649 18.80 8.48 25.19
CA GLU A 1649 18.51 9.90 25.31
C GLU A 1649 17.97 10.49 24.02
N ASN A 1650 18.04 9.75 22.92
CA ASN A 1650 17.41 10.13 21.66
C ASN A 1650 16.55 8.96 21.22
N PRO A 1651 15.38 8.82 21.79
CA PRO A 1651 14.53 7.67 21.45
C PRO A 1651 13.94 7.78 20.06
N CYS A 1652 14.45 6.99 19.13
CA CYS A 1652 13.94 7.01 17.78
C CYS A 1652 12.57 6.36 17.72
N GLU A 1653 11.86 6.60 16.62
CA GLU A 1653 10.58 5.98 16.38
C GLU A 1653 10.58 5.02 15.20
N GLY A 1654 11.29 5.34 14.14
CA GLY A 1654 11.22 4.54 12.94
C GLY A 1654 12.50 3.86 12.54
N MET A 1655 13.64 4.49 12.80
CA MET A 1655 14.93 3.89 12.49
C MET A 1655 15.37 3.09 13.72
N SER A 1656 15.09 1.80 13.71
CA SER A 1656 15.23 1.01 14.94
C SER A 1656 16.66 0.54 15.18
N ARG A 1657 17.14 -0.40 14.37
CA ARG A 1657 18.45 -0.98 14.63
C ARG A 1657 19.39 -0.88 13.45
N HIS A 1658 18.95 -1.32 12.28
CA HIS A 1658 19.72 -1.22 11.06
C HIS A 1658 19.05 -0.32 10.04
N ALA A 1659 18.02 0.41 10.45
CA ALA A 1659 17.32 1.33 9.58
C ALA A 1659 17.87 2.75 9.66
N THR A 1660 18.89 2.98 10.46
CA THR A 1660 19.48 4.31 10.55
C THR A 1660 20.27 4.60 9.28
N PHE A 1661 20.80 5.81 9.20
CA PHE A 1661 21.51 6.27 8.02
C PHE A 1661 23.02 6.24 8.17
N GLU A 1662 23.56 5.60 9.21
CA GLU A 1662 24.98 5.71 9.51
C GLU A 1662 25.84 5.24 8.35
N ASN A 1663 25.71 3.97 7.97
CA ASN A 1663 26.48 3.41 6.87
C ASN A 1663 25.83 3.82 5.55
N PHE A 1664 26.26 3.21 4.46
CA PHE A 1664 25.52 3.34 3.21
C PHE A 1664 24.43 2.29 3.13
N GLY A 1665 24.79 1.01 3.24
CA GLY A 1665 23.80 -0.04 3.13
C GLY A 1665 22.71 0.06 4.18
N MET A 1666 23.07 0.46 5.40
CA MET A 1666 22.05 0.66 6.42
C MET A 1666 21.06 1.74 6.03
N ALA A 1667 21.45 2.67 5.17
CA ALA A 1667 20.52 3.63 4.62
C ALA A 1667 19.80 3.12 3.38
N PHE A 1668 20.44 2.22 2.63
CA PHE A 1668 19.78 1.65 1.47
C PHE A 1668 18.60 0.80 1.92
N LEU A 1669 18.75 0.10 3.04
CA LEU A 1669 17.62 -0.61 3.63
C LEU A 1669 16.51 0.34 4.02
N THR A 1670 16.84 1.44 4.71
CA THR A 1670 15.74 2.30 5.15
C THR A 1670 15.08 3.01 3.98
N LEU A 1671 15.80 3.23 2.88
CA LEU A 1671 15.12 3.69 1.68
C LEU A 1671 14.18 2.62 1.15
N PHE A 1672 14.62 1.35 1.14
CA PHE A 1672 13.71 0.29 0.73
C PHE A 1672 12.48 0.26 1.63
N GLN A 1673 12.65 0.58 2.91
CA GLN A 1673 11.54 0.56 3.84
C GLN A 1673 10.59 1.73 3.60
N VAL A 1674 11.14 2.92 3.35
CA VAL A 1674 10.31 4.08 3.06
C VAL A 1674 9.53 3.88 1.78
N SER A 1675 10.18 3.33 0.75
CA SER A 1675 9.50 3.11 -0.52
C SER A 1675 8.24 2.27 -0.35
N THR A 1676 8.29 1.26 0.52
CA THR A 1676 7.13 0.43 0.81
C THR A 1676 6.08 1.16 1.61
N GLY A 1677 6.38 2.34 2.12
CA GLY A 1677 5.42 3.09 2.92
C GLY A 1677 5.08 2.44 4.24
N ASP A 1678 6.06 1.85 4.90
CA ASP A 1678 5.90 1.33 6.25
C ASP A 1678 6.67 2.21 7.22
N ASN A 1679 5.94 2.95 8.05
CA ASN A 1679 6.56 3.76 9.10
C ASN A 1679 7.58 4.74 8.53
N TRP A 1680 7.28 5.30 7.36
CA TRP A 1680 8.16 6.33 6.83
C TRP A 1680 7.95 7.65 7.55
N ASN A 1681 6.71 7.94 7.95
CA ASN A 1681 6.46 9.13 8.76
C ASN A 1681 7.24 9.07 10.06
N GLY A 1682 7.39 7.88 10.63
CA GLY A 1682 8.21 7.74 11.81
C GLY A 1682 9.66 8.10 11.54
N ILE A 1683 10.17 7.71 10.38
CA ILE A 1683 11.55 8.04 10.02
C ILE A 1683 11.71 9.54 9.87
N MET A 1684 10.77 10.19 9.19
CA MET A 1684 10.86 11.64 9.07
C MET A 1684 10.78 12.32 10.43
N LYS A 1685 9.90 11.86 11.32
CA LYS A 1685 9.84 12.40 12.66
C LYS A 1685 11.17 12.21 13.39
N ASP A 1686 11.86 11.10 13.11
CA ASP A 1686 13.15 10.86 13.74
C ASP A 1686 14.20 11.82 13.23
N THR A 1687 14.17 12.14 11.93
CA THR A 1687 15.20 13.04 11.39
C THR A 1687 15.02 14.46 11.90
N LEU A 1688 13.86 15.06 11.66
CA LEU A 1688 13.60 16.42 12.12
C LEU A 1688 13.35 16.36 13.62
N ARG A 1689 14.42 16.44 14.40
CA ARG A 1689 14.35 16.22 15.83
C ARG A 1689 15.39 17.09 16.50
N ASP A 1690 14.96 18.16 17.15
CA ASP A 1690 15.88 19.06 17.83
C ASP A 1690 16.64 18.28 18.91
N CYS A 1691 17.96 18.39 18.88
CA CYS A 1691 18.80 17.61 19.79
C CYS A 1691 19.24 18.48 20.96
N THR A 1692 20.04 17.90 21.85
CA THR A 1692 20.56 18.62 23.01
C THR A 1692 21.92 19.26 22.71
N HIS A 1693 21.98 19.98 21.59
CA HIS A 1693 23.17 20.73 21.18
C HIS A 1693 24.41 19.84 21.03
N ASP A 1694 24.19 18.54 20.85
CA ASP A 1694 25.30 17.59 20.72
C ASP A 1694 25.98 17.66 19.37
N GLU A 1695 25.38 18.36 18.40
CA GLU A 1695 25.84 18.27 17.03
C GLU A 1695 25.15 19.35 16.19
N ARG A 1696 25.84 19.80 15.15
CA ARG A 1696 25.29 20.85 14.32
C ARG A 1696 24.23 20.33 13.36
N SER A 1697 24.20 19.02 13.11
CA SER A 1697 23.22 18.46 12.19
C SER A 1697 21.80 18.62 12.72
N CYS A 1698 21.59 18.38 14.02
CA CYS A 1698 20.26 18.55 14.59
C CYS A 1698 19.81 19.99 14.51
N LEU A 1699 20.72 20.93 14.74
CA LEU A 1699 20.43 22.36 14.68
C LEU A 1699 20.51 22.91 13.26
N SER A 1700 20.80 22.07 12.27
CA SER A 1700 21.02 22.51 10.90
C SER A 1700 19.70 22.81 10.19
N SER A 1701 19.76 22.93 8.87
CA SER A 1701 18.59 23.23 8.06
C SER A 1701 17.74 22.01 7.78
N LEU A 1702 17.83 20.99 8.64
CA LEU A 1702 17.07 19.76 8.45
C LEU A 1702 15.59 20.01 8.24
N GLN A 1703 14.99 20.91 9.03
CA GLN A 1703 13.54 21.13 8.92
C GLN A 1703 13.13 21.54 7.52
N PHE A 1704 13.97 22.32 6.82
CA PHE A 1704 13.60 22.78 5.50
C PHE A 1704 13.77 21.68 4.45
N VAL A 1705 14.74 20.79 4.64
CA VAL A 1705 15.17 19.89 3.57
C VAL A 1705 14.77 18.45 3.82
N SER A 1706 14.60 18.03 5.07
CA SER A 1706 14.21 16.64 5.33
C SER A 1706 12.85 16.30 4.75
N PRO A 1707 11.79 17.08 4.98
CA PRO A 1707 10.51 16.75 4.35
C PRO A 1707 10.58 16.74 2.84
N LEU A 1708 11.35 17.66 2.26
CA LEU A 1708 11.45 17.69 0.80
C LEU A 1708 12.13 16.44 0.28
N TYR A 1709 13.21 16.01 0.95
CA TYR A 1709 13.86 14.77 0.61
C TYR A 1709 12.88 13.61 0.62
N PHE A 1710 12.16 13.44 1.73
CA PHE A 1710 11.28 12.28 1.85
C PHE A 1710 10.13 12.34 0.84
N VAL A 1711 9.53 13.51 0.66
CA VAL A 1711 8.40 13.63 -0.26
C VAL A 1711 8.83 13.35 -1.68
N SER A 1712 9.95 13.94 -2.10
CA SER A 1712 10.41 13.70 -3.46
C SER A 1712 10.72 12.24 -3.69
N PHE A 1713 11.36 11.59 -2.70
CA PHE A 1713 11.66 10.17 -2.88
C PHE A 1713 10.39 9.34 -3.00
N VAL A 1714 9.43 9.58 -2.10
CA VAL A 1714 8.21 8.77 -2.13
C VAL A 1714 7.49 8.93 -3.46
N LEU A 1715 7.37 10.17 -3.93
CA LEU A 1715 6.68 10.42 -5.19
C LEU A 1715 7.40 9.74 -6.35
N THR A 1716 8.73 9.88 -6.42
CA THR A 1716 9.45 9.28 -7.53
C THR A 1716 9.34 7.76 -7.52
N ALA A 1717 9.48 7.14 -6.36
CA ALA A 1717 9.38 5.69 -6.28
C ALA A 1717 8.01 5.21 -6.72
N GLN A 1718 6.95 5.86 -6.23
CA GLN A 1718 5.61 5.42 -6.61
C GLN A 1718 5.38 5.61 -8.10
N PHE A 1719 5.88 6.70 -8.68
CA PHE A 1719 5.68 6.89 -10.11
C PHE A 1719 6.39 5.81 -10.92
N VAL A 1720 7.61 5.46 -10.53
CA VAL A 1720 8.33 4.43 -11.27
C VAL A 1720 7.57 3.11 -11.20
N LEU A 1721 7.05 2.76 -10.02
CA LEU A 1721 6.28 1.53 -9.92
C LEU A 1721 5.02 1.58 -10.79
N ILE A 1722 4.31 2.72 -10.78
CA ILE A 1722 3.14 2.85 -11.63
C ILE A 1722 3.49 2.61 -13.08
N ASN A 1723 4.62 3.14 -13.52
CA ASN A 1723 4.99 2.95 -14.92
C ASN A 1723 5.34 1.50 -15.23
N VAL A 1724 5.97 0.80 -14.29
CA VAL A 1724 6.17 -0.63 -14.47
C VAL A 1724 4.83 -1.32 -14.70
N VAL A 1725 3.85 -1.01 -13.84
CA VAL A 1725 2.56 -1.68 -13.91
C VAL A 1725 1.86 -1.37 -15.24
N VAL A 1726 1.92 -0.12 -15.68
CA VAL A 1726 1.21 0.22 -16.92
C VAL A 1726 1.87 -0.43 -18.11
N ALA A 1727 3.20 -0.57 -18.09
CA ALA A 1727 3.87 -1.28 -19.16
C ALA A 1727 3.37 -2.72 -19.24
N VAL A 1728 3.30 -3.38 -18.08
CA VAL A 1728 2.77 -4.75 -18.05
C VAL A 1728 1.36 -4.80 -18.58
N LEU A 1729 0.51 -3.85 -18.17
CA LEU A 1729 -0.89 -3.86 -18.57
C LEU A 1729 -1.03 -3.68 -20.07
N MET A 1730 -0.27 -2.77 -20.66
CA MET A 1730 -0.35 -2.61 -22.11
C MET A 1730 0.10 -3.86 -22.84
N LYS A 1731 1.19 -4.49 -22.39
CA LYS A 1731 1.58 -5.73 -23.05
C LYS A 1731 0.51 -6.79 -22.89
N HIS A 1732 -0.21 -6.76 -21.76
CA HIS A 1732 -1.29 -7.71 -21.55
C HIS A 1732 -2.43 -7.49 -22.54
N LEU A 1733 -2.83 -6.24 -22.73
CA LEU A 1733 -3.87 -5.96 -23.72
C LEU A 1733 -3.43 -6.33 -25.12
N ASP A 1734 -2.15 -6.09 -25.44
CA ASP A 1734 -1.65 -6.49 -26.75
C ASP A 1734 -1.72 -8.00 -26.93
N ASP A 1735 -1.34 -8.77 -25.90
CA ASP A 1735 -1.45 -10.22 -26.00
C ASP A 1735 -2.91 -10.66 -26.13
N SER A 1736 -3.81 -10.01 -25.38
CA SER A 1736 -5.23 -10.34 -25.50
C SER A 1736 -5.75 -10.03 -26.89
N ASN A 1737 -5.15 -9.04 -27.58
CA ASN A 1737 -5.52 -8.78 -28.96
C ASN A 1737 -5.19 -9.97 -29.86
N LYS A 1738 -4.04 -10.59 -29.63
CA LYS A 1738 -3.64 -11.77 -30.40
C LYS A 1738 -3.80 -13.04 -29.57
C07 1II B . -4.99 1.81 -1.60
C08 1II B . -3.97 1.23 -0.74
C09 1II B . -5.25 1.07 -2.84
C10 1II B . -2.76 0.62 -1.46
C11 1II B . -4.43 -0.20 -3.04
C12 1II B . -2.41 0.40 -3.68
C13 1II B . -1.87 1.84 -3.54
C14 1II B . -7.01 2.97 -0.44
C15 1II B . -1.74 2.57 -4.88
C16 1II B . -6.93 0.80 -0.32
C17 1II B . -1.91 1.65 -6.08
C18 1II B . -8.10 2.53 0.27
C19 1II B . -6.84 4.35 -0.65
C20 1II B . -2.81 2.27 -7.12
C21 1II B . -0.62 1.46 -6.84
C22 1II B . -9.05 3.44 0.78
C23 1II B . -7.77 5.25 -0.14
C24 1II B . -8.88 4.80 0.57
C25 1II B . -3.63 1.47 -7.87
C26 1II B . 0.38 2.41 -6.73
C27 1II B . -2.76 3.65 -7.31
C28 1II B . -0.48 0.37 -7.66
C29 1II B . -4.44 2.03 -8.84
C30 1II B . 1.54 2.24 -7.44
C31 1II B . -3.58 4.21 -8.27
C32 1II B . 0.69 0.19 -8.38
C33 1II B . -4.41 3.40 -9.04
C34 1II B . 1.69 1.14 -8.26
F01 1II B . -5.21 3.96 -9.99
F02 1II B . 2.85 0.98 -8.96
N04 1II B . -3.03 -0.01 -2.74
N05 1II B . -6.30 1.86 -0.79
N06 1II B . -8.01 1.18 0.32
O03 1II B . -6.50 -0.52 -0.48
P 3PE C . 0.17 3.20 -0.26
O11 3PE C . 0.60 4.77 -0.84
O12 3PE C . -1.39 3.13 0.00
O13 3PE C . 0.62 2.00 -1.41
O14 3PE C . 0.94 2.90 1.10
C1 3PE C . 0.06 5.24 -2.13
C2 3PE C . 1.19 6.10 -2.88
C3 3PE C . 0.58 6.86 -4.15
O31 3PE C . 1.61 7.74 -4.71
O32 3PE C . 0.58 7.64 -6.83
C31 3PE C . 1.34 8.25 -6.07
C32 3PE C . 2.03 9.60 -6.58
C33 3PE C . 1.54 9.92 -8.06
C34 3PE C . 2.80 10.35 -8.96
C35 3PE C . 3.06 11.92 -8.79
C36 3PE C . 3.83 12.46 -10.09
C37 3PE C . 4.84 13.63 -9.67
C38 3PE C . 6.29 13.01 -9.41
C39 3PE C . 7.18 13.15 -10.73
C3A 3PE C . 7.98 11.78 -11.00
C3B 3PE C . 9.29 12.06 -11.87
C3C 3PE C . 10.05 10.67 -12.11
C3D 3PE C . 11.60 10.94 -12.38
O21 3PE C . 1.76 7.08 -1.95
O22 3PE C . -0.19 8.29 -1.42
C21 3PE C . 0.99 8.32 -1.81
C22 3PE C . 1.65 9.74 -2.15
C23 3PE C . 0.60 10.91 -1.86
C24 3PE C . -0.04 11.41 -3.24
C25 3PE C . 0.00 13.01 -3.30
C26 3PE C . 0.19 13.47 -4.82
C27 3PE C . 0.71 14.99 -4.87
C28 3PE C . 1.23 15.33 -6.35
C29 3PE C . 1.84 16.81 -6.41
C2A 3PE C . 3.44 16.72 -6.48
C2B 3PE C . 4.04 18.08 -7.07
C2C 3PE C . 5.64 18.13 -6.83
C2D 3PE C . 5.94 18.11 -5.25
C2E 3PE C . 7.50 18.32 -4.99
C34 3PE D . 13.50 -6.42 -11.58
C35 3PE D . 12.06 -5.77 -11.38
C36 3PE D . 12.07 -4.84 -10.07
C37 3PE D . 10.69 -4.03 -9.97
C38 3PE D . 10.71 -3.12 -8.65
C39 3PE D . 10.25 -3.99 -7.38
C3A 3PE D . 10.33 -3.09 -6.06
C3B 3PE D . 9.22 -3.58 -5.00
C3C 3PE D . 8.79 -2.35 -4.07
C3D 3PE D . 7.57 -2.80 -3.14
C3E 3PE D . 6.39 -1.72 -3.25
C31 3PE E . -6.50 -34.06 -1.78
C32 3PE E . -7.29 -32.95 -2.63
C33 3PE E . -7.70 -33.57 -4.05
C34 3PE E . -7.33 -32.54 -5.22
C35 3PE E . -7.14 -33.36 -6.59
C36 3PE E . -7.52 -32.39 -7.81
C37 3PE E . -7.52 -33.25 -9.16
C38 3PE E . -8.21 -32.39 -10.31
C39 3PE E . -7.53 -32.74 -11.72
C3A 3PE E . -7.96 -31.65 -12.80
C3B 3PE E . -7.30 -31.99 -14.22
C31 3PE F . -5.60 -27.07 -14.23
C32 3PE F . -4.59 -27.21 -12.99
C33 3PE F . -5.41 -27.07 -11.62
C34 3PE F . -4.39 -26.91 -10.41
C35 3PE F . -5.16 -27.23 -9.04
C36 3PE F . -4.10 -27.86 -8.02
C37 3PE F . -4.74 -27.94 -6.56
C38 3PE F . -3.86 -27.06 -5.56
C39 3PE F . -4.42 -27.23 -4.07
C3A 3PE F . -4.27 -28.76 -3.64
C3B 3PE F . -5.28 -29.07 -2.43
C3C 3PE F . -5.07 -27.96 -1.28
CA CA G . 0.90 1.49 4.57
CA CA H . 2.03 2.01 9.24
CAA Y01 I . 9.14 -17.53 -4.84
CBA Y01 I . 10.35 -18.02 -5.64
CAB Y01 I . 10.41 -17.27 -6.97
CAN Y01 I . 11.63 -17.73 -4.87
CAJ Y01 I . 11.59 -18.40 -3.49
CAO Y01 I . 12.64 -17.72 -2.62
CBB Y01 I . 12.74 -18.33 -1.21
CAC Y01 I . 11.79 -19.51 -1.05
CBE Y01 I . 14.16 -18.82 -0.96
CAP Y01 I . 15.16 -18.30 -2.02
CAQ Y01 I . 16.48 -17.98 -1.25
CBG Y01 I . 16.22 -18.61 0.13
CBI Y01 I . 14.72 -18.26 0.33
CAE Y01 I . 14.52 -16.75 0.34
CAU Y01 I . 14.24 -18.89 1.61
CAS Y01 I . 15.09 -18.36 2.77
CBF Y01 I . 16.55 -18.69 2.55
CBD Y01 I . 17.04 -18.03 1.27
CAK Y01 I . 18.51 -18.42 1.04
CAI Y01 I . 19.33 -18.26 2.28
CAZ Y01 I . 18.85 -18.37 3.48
CAV Y01 I . 19.81 -18.27 4.65
CBH Y01 I . 17.38 -18.29 3.74
CAD Y01 I . 17.03 -16.86 4.13
CAT Y01 I . 17.04 -19.18 4.92
CAR Y01 I . 17.94 -18.85 6.10
CBC Y01 I . 19.36 -19.24 5.73
OAW Y01 I . 20.21 -19.11 6.90
CAY Y01 I . 20.42 -20.17 7.67
OAG Y01 I . 19.92 -21.25 7.44
CAM Y01 I . 21.30 -20.02 8.90
C1 NAG J . -6.61 11.56 40.42
C2 NAG J . -5.37 11.75 41.28
C3 NAG J . -5.77 11.99 42.74
C4 NAG J . -6.77 13.15 42.82
C5 NAG J . -7.93 12.93 41.87
C6 NAG J . -8.86 14.12 41.79
C7 NAG J . -3.18 10.74 40.84
C8 NAG J . -2.70 12.13 40.56
N2 NAG J . -4.47 10.62 41.18
O3 NAG J . -4.62 12.28 43.51
O4 NAG J . -7.26 13.27 44.15
O5 NAG J . -7.45 12.69 40.54
O6 NAG J . -8.18 15.25 41.23
O7 NAG J . -2.44 9.76 40.76
C34 3PE K . -17.72 21.88 14.79
C35 3PE K . -17.56 21.19 13.35
C36 3PE K . -16.53 22.04 12.48
C37 3PE K . -15.81 21.07 11.42
C38 3PE K . -16.92 20.24 10.61
C39 3PE K . -16.29 19.74 9.22
C3A 3PE K . -15.75 21.01 8.42
C3B 3PE K . -14.84 20.51 7.20
C3C 3PE K . -15.77 20.08 5.97
C3D 3PE K . -14.83 19.77 4.71
C3E 3PE K . -15.71 19.80 3.37
C3F 3PE K . -16.26 18.33 3.05
CAA Y01 L . 1.46 28.94 -2.26
CBA Y01 L . 1.03 30.22 -1.55
CAB Y01 L . -0.26 30.72 -2.21
CAN Y01 L . 0.77 29.93 -0.07
CAJ Y01 L . 1.76 30.71 0.80
CAO Y01 L . 3.14 30.06 0.73
CBB Y01 L . 3.44 29.29 2.03
CAC Y01 L . 3.86 27.86 1.67
CBE Y01 L . 4.58 29.95 2.81
CAP Y01 L . 4.90 31.37 2.29
CAQ Y01 L . 5.04 32.28 3.54
CBG Y01 L . 5.27 31.24 4.66
CBI Y01 L . 4.22 30.17 4.28
CAE Y01 L . 2.81 30.74 4.41
CAU Y01 L . 4.40 28.97 5.19
CAS Y01 L . 4.28 29.44 6.65
CBF Y01 L . 5.31 30.52 6.94
CBD Y01 L . 4.99 31.74 6.06
CAK Y01 L . 5.99 32.84 6.40
CAI Y01 L . 5.86 33.18 7.85
CAZ Y01 L . 5.56 32.31 8.75
CAV Y01 L . 5.80 32.67 10.20
CBH Y01 L . 5.39 30.86 8.42
CAD Y01 L . 4.11 30.41 9.13
CAT Y01 L . 6.56 30.08 9.01
CAR Y01 L . 6.74 30.41 10.49
CBC Y01 L . 7.04 31.90 10.63
OAW Y01 L . 7.37 32.19 12.02
CAY Y01 L . 8.61 32.63 12.27
OAG Y01 L . 8.82 33.32 13.24
CAM Y01 L . 9.76 32.29 11.35
CAA Y01 M . 2.73 19.84 -2.53
CBA Y01 M . 2.37 18.50 -1.87
CAB Y01 M . 2.34 17.44 -2.95
CAN Y01 M . 3.43 18.10 -0.85
CAJ Y01 M . 3.68 19.23 0.14
CAO Y01 M . 5.14 19.64 0.03
CBB Y01 M . 5.67 20.01 1.40
CAC Y01 M . 6.17 18.72 2.06
CBE Y01 M . 6.81 21.00 1.19
CAP Y01 M . 6.22 22.26 0.48
CAQ Y01 M . 6.04 23.32 1.59
CBG Y01 M . 7.26 23.13 2.50
CBI Y01 M . 7.37 21.58 2.48
CAE Y01 M . 8.62 21.73 1.61
CAU Y01 M . 8.39 20.97 3.44
CAS Y01 M . 8.08 21.56 4.82
CBF Y01 M . 8.22 23.07 4.78
CBD Y01 M . 7.11 23.67 3.91
CAK Y01 M . 7.32 25.18 3.85
CAI Y01 M . 7.47 25.76 5.22
CAZ Y01 M . 7.98 25.11 6.22
CAV Y01 M . 8.19 25.86 7.52
CBH Y01 M . 8.22 23.64 6.18
CAD Y01 M . 7.14 22.95 7.01
CAT Y01 M . 9.55 23.30 6.86
CAR Y01 M . 9.60 23.98 8.23
CBC Y01 M . 9.58 25.49 8.00
OAW Y01 M . 9.97 26.23 9.20
CAY Y01 M . 9.26 26.12 10.33
OAG Y01 M . 8.23 26.75 10.46
CAM Y01 M . 9.75 25.25 11.47
CAL Y01 M . 11.09 25.78 11.97
CAX Y01 M . 10.90 27.12 12.62
OAH Y01 M . 10.85 28.23 11.88
OAF Y01 M . 10.78 27.19 13.83
C1 NAG N . -6.25 26.05 34.37
C2 NAG N . -7.33 27.14 34.38
C3 NAG N . -7.75 27.51 35.81
C4 NAG N . -8.12 26.25 36.58
C5 NAG N . -6.99 25.24 36.51
C6 NAG N . -7.32 23.92 37.18
C7 NAG N . -5.97 29.20 33.77
C8 NAG N . -5.04 28.97 34.94
N2 NAG N . -6.98 28.33 33.59
O3 NAG N . -8.86 28.39 35.76
O4 NAG N . -8.37 26.58 37.95
O5 NAG N . -6.69 24.93 35.13
O6 NAG N . -8.72 23.81 37.40
O7 NAG N . -5.82 30.15 33.01
CAA Y01 O . -16.53 -14.83 2.79
CBA Y01 O . -16.09 -15.78 3.91
CAB Y01 O . -15.04 -16.76 3.36
CAN Y01 O . -15.47 -14.98 5.05
CAJ Y01 O . -16.52 -14.06 5.68
CAO Y01 O . -16.18 -13.85 7.15
CBB Y01 O . -17.11 -14.66 8.07
CAC Y01 O . -18.29 -15.26 7.30
CBE Y01 O . -16.35 -15.79 8.77
CAP Y01 O . -14.84 -15.69 8.54
CAQ Y01 O . -14.20 -15.50 9.94
CBG Y01 O . -15.18 -16.28 10.81
CBI Y01 O . -16.52 -15.71 10.29
CAE Y01 O . -16.68 -14.25 10.74
CAU Y01 O . -17.62 -16.57 10.90
CAS Y01 O . -17.52 -16.56 12.43
CBF Y01 O . -16.13 -16.90 12.96
CBD Y01 O . -15.12 -15.97 12.29
CAK Y01 O . -13.73 -16.29 12.84
CAI Y01 O . -13.77 -15.96 14.29
CAZ Y01 O . -14.87 -16.01 14.96
CAV Y01 O . -14.75 -15.86 16.46
CBH Y01 O . -16.02 -16.83 14.47
CAD Y01 O . -17.31 -16.26 15.07
CAT Y01 O . -15.81 -18.22 15.06
CAR Y01 O . -15.77 -18.12 16.59
CBC Y01 O . -14.61 -17.26 17.07
OAW Y01 O . -14.60 -17.13 18.51
CAY Y01 O . -15.15 -18.11 19.26
OAG Y01 O . -14.62 -19.19 19.31
CAM Y01 O . -16.40 -17.85 20.04
CAL Y01 O . -17.25 -19.11 20.06
CAX Y01 O . -18.68 -18.77 20.39
OAH Y01 O . -19.09 -18.74 21.67
OAF Y01 O . -19.46 -18.52 19.50
CAA Y01 P . 16.44 -2.99 -3.74
CBA Y01 P . 16.29 -4.26 -2.90
CAB Y01 P . 16.89 -5.46 -3.66
CAN Y01 P . 16.95 -4.08 -1.54
CAJ Y01 P . 18.30 -4.81 -1.44
CAO Y01 P . 18.62 -4.99 0.05
CBB Y01 P . 20.12 -5.13 0.33
CAC Y01 P . 20.95 -4.72 -0.90
CBE Y01 P . 20.48 -4.23 1.52
CAP Y01 P . 19.25 -4.16 2.48
CAQ Y01 P . 19.75 -4.75 3.83
CBG Y01 P . 21.19 -4.27 3.79
CBI Y01 P . 21.60 -4.78 2.39
CAE Y01 P . 21.61 -6.30 2.37
CAU Y01 P . 23.00 -4.25 2.11
CAS Y01 P . 23.95 -4.71 3.23
CBF Y01 P . 23.46 -4.30 4.61
CBD Y01 P . 22.07 -4.88 4.84
CAK Y01 P . 21.52 -4.42 6.19
CAI Y01 P . 22.53 -4.68 7.27
CAZ Y01 P . 23.80 -4.78 7.04
CAV Y01 P . 24.74 -4.83 8.23
CBH Y01 P . 24.42 -4.75 5.69
CAD Y01 P . 24.91 -6.16 5.35
CAT Y01 P . 25.66 -3.85 5.75
CAR Y01 P . 25.56 -2.85 6.90
CBC Y01 P . 25.51 -3.52 8.28
OAW Y01 P . 26.85 -3.77 8.75
CAY Y01 P . 27.06 -3.67 10.07
C34 3PE Q . -21.16 25.34 11.87
C35 3PE Q . -20.12 25.30 10.64
C36 3PE Q . -18.65 25.67 11.16
C37 3PE Q . -17.55 24.91 10.27
C38 3PE Q . -17.99 24.96 8.73
C39 3PE Q . -16.74 24.56 7.81
C3A 3PE Q . -17.14 24.76 6.26
C3B 3PE Q . -15.81 25.02 5.40
C3C 3PE Q . -16.17 25.03 3.84
C3D 3PE Q . -14.81 24.99 2.99
C3E 3PE Q . -15.03 24.07 1.69
C3F 3PE Q . -13.65 23.92 0.91
CAA Y01 R . 27.49 -0.31 -9.81
CBA Y01 R . 28.19 -0.57 -8.44
CAB Y01 R . 28.75 -2.00 -8.38
CAN Y01 R . 27.29 -0.27 -7.22
CAJ Y01 R . 27.38 -1.28 -6.05
CAO Y01 R . 27.64 -0.62 -4.67
CBB Y01 R . 26.93 -1.30 -3.47
CAC Y01 R . 25.74 -2.15 -3.94
CBE Y01 R . 27.88 -2.18 -2.62
CAP Y01 R . 29.34 -2.04 -3.09
CAQ Y01 R . 30.08 -1.37 -1.92
CBG Y01 R . 29.37 -2.00 -0.72
CBI Y01 R . 27.89 -1.77 -1.13
CAE Y01 R . 27.51 -0.29 -1.00
CAU Y01 R . 27.07 -2.59 -0.16
CAS Y01 R . 27.33 -2.06 1.27
CBF Y01 R . 28.80 -2.07 1.67
CBD Y01 R . 29.63 -1.33 0.62
CAK Y01 R . 31.11 -1.55 0.97
CAI Y01 R . 31.37 -1.10 2.38
CAZ Y01 R . 30.42 -0.90 3.22
CAV Y01 R . 30.79 -0.31 4.57
CBH Y01 R . 29.03 -1.42 3.04
CAD Y01 R . 28.08 -0.25 3.19
CAT Y01 R . 28.75 -2.42 4.15
CAR Y01 R . 28.98 -1.72 5.50
CBC Y01 R . 30.45 -1.32 5.65
OAW Y01 R . 30.64 -0.71 6.95
CAY Y01 R . 31.02 -1.48 7.99
OAG Y01 R . 30.71 -2.64 8.03
CAM Y01 R . 31.81 -0.87 9.12
CAL Y01 R . 31.31 -1.41 10.45
CAX Y01 R . 32.11 -2.62 10.84
OAH Y01 R . 31.73 -3.36 11.90
OAF Y01 R . 33.10 -2.91 10.21
C31 3PE S . -21.70 12.95 17.08
C32 3PE S . -21.29 11.56 16.40
C33 3PE S . -20.15 11.82 15.30
C34 3PE S . -20.81 12.35 13.94
C35 3PE S . -19.71 12.49 12.80
C36 3PE S . -19.12 11.05 12.45
C37 3PE S . -18.87 10.93 10.86
C38 3PE S . -17.99 9.65 10.54
C39 3PE S . -17.85 9.46 8.95
C3A 3PE S . -17.28 8.01 8.61
C3B 3PE S . -16.92 7.93 7.05
C3C 3PE S . -16.68 6.41 6.61
C3D 3PE S . -16.94 6.24 5.04
CAA Y01 T . -29.12 3.74 -1.63
CBA Y01 T . -28.66 2.45 -0.94
CAB Y01 T . -27.92 1.58 -1.96
CAN Y01 T . -27.70 2.79 0.20
CAJ Y01 T . -27.25 1.51 0.90
CAO Y01 T . -26.44 1.87 2.14
CBB Y01 T . -27.36 2.04 3.35
CAC Y01 T . -28.17 0.75 3.50
CBE Y01 T . -26.49 2.31 4.59
CAP Y01 T . -25.42 3.36 4.21
CAQ Y01 T . -25.40 4.41 5.36
CBG Y01 T . -26.02 3.61 6.51
CBI Y01 T . -27.22 2.95 5.77
CAE Y01 T . -28.21 4.01 5.27
CAU Y01 T . -27.91 2.02 6.75
CAS Y01 T . -28.38 2.84 7.95
CBF Y01 T . -27.20 3.50 8.65
CBD Y01 T . -26.49 4.44 7.68
CAK Y01 T . -25.25 5.00 8.38
CAI Y01 T . -25.63 5.60 9.70
CAZ Y01 T . -26.59 5.13 10.44
CAV Y01 T . -26.86 5.79 11.78
CBH Y01 T . -27.66 4.26 9.88
CAD Y01 T . -28.84 5.14 9.52
CAT Y01 T . -28.13 3.27 10.95
CAR Y01 T . -28.48 4.00 12.24
CBC Y01 T . -27.24 4.72 12.78
OAW Y01 T . -27.56 5.32 14.05
CAY Y01 T . -26.57 5.45 14.94
OAG Y01 T . -25.50 5.87 14.61
CAM Y01 T . -26.81 5.07 16.38
CAL Y01 T . -25.48 5.07 17.14
CAX Y01 T . -25.74 4.74 18.59
OAH Y01 T . -24.73 4.76 19.47
OAF Y01 T . -26.85 4.44 18.94
C31 3PE U . -5.21 -23.58 16.48
C32 3PE U . -5.70 -23.53 14.96
C33 3PE U . -4.47 -23.15 14.01
C34 3PE U . -4.37 -21.56 13.87
C35 3PE U . -5.11 -21.09 12.53
C36 3PE U . -4.80 -19.55 12.25
C37 3PE U . -4.67 -19.27 10.69
C38 3PE U . -6.10 -19.45 10.00
C39 3PE U . -5.94 -19.27 8.41
C3A 3PE U . -5.59 -17.76 8.08
C3B 3PE U . -5.57 -17.55 6.49
C3C 3PE U . -4.66 -16.27 6.15
C3D 3PE U . -4.16 -16.38 4.63
C3E 3PE U . -5.43 -16.39 3.66
C21 3PE V . -14.69 14.08 -5.47
C22 3PE V . -14.63 12.48 -5.38
C23 3PE V . -15.31 12.00 -4.01
C24 3PE V . -15.52 10.41 -4.06
C25 3PE V . -14.15 9.72 -4.54
C26 3PE V . -14.41 8.18 -4.90
C27 3PE V . -14.53 7.35 -3.54
C28 3PE V . -13.07 6.86 -3.09
C29 3PE V . -12.62 5.61 -3.97
C2A 3PE V . -11.38 4.89 -3.25
#